data_3RM1
# 
_entry.id   3RM1 
# 
_audit_conform.dict_name       mmcif_pdbx.dic 
_audit_conform.dict_version    5.379 
_audit_conform.dict_location   http://mmcif.pdb.org/dictionaries/ascii/mmcif_pdbx.dic 
# 
loop_
_database_2.database_id 
_database_2.database_code 
_database_2.pdbx_database_accession 
_database_2.pdbx_DOI 
PDB   3RM1         pdb_00003rm1 10.2210/pdb3rm1/pdb 
RCSB  RCSB065097   ?            ?                   
WWPDB D_1000065097 ?            ?                   
# 
_pdbx_database_related.db_name        PDB 
_pdbx_database_related.db_id          3RLZ 
_pdbx_database_related.details        . 
_pdbx_database_related.content_type   unspecified 
# 
_pdbx_database_status.entry_id                        3RM1 
_pdbx_database_status.status_code                     REL 
_pdbx_database_status.deposit_site                    RCSB 
_pdbx_database_status.process_site                    RCSB 
_pdbx_database_status.recvd_initial_deposition_date   2011-04-20 
_pdbx_database_status.status_code_sf                  REL 
_pdbx_database_status.status_code_mr                  ? 
_pdbx_database_status.SG_entry                        ? 
_pdbx_database_status.status_code_cs                  ? 
_pdbx_database_status.pdb_format_compatible           Y 
_pdbx_database_status.methods_development_category    ? 
_pdbx_database_status.status_code_nmr_data            ? 
# 
loop_
_audit_author.name 
_audit_author.pdbx_ordinal 
'Liriano, M.A.' 1 
'Weber, D.J.'   2 
# 
_citation.id                        primary 
_citation.title                     'The effects of CapZ peptide (TRTK12) on the protein dynamics of S100B and S100B D63N' 
_citation.journal_abbrev            'To be Published' 
_citation.journal_volume            ? 
_citation.page_first                ? 
_citation.page_last                 ? 
_citation.year                      ? 
_citation.journal_id_ASTM           ? 
_citation.country                   ? 
_citation.journal_id_ISSN           ? 
_citation.journal_id_CSD            0353 
_citation.book_publisher            ? 
_citation.pdbx_database_id_PubMed   ? 
_citation.pdbx_database_id_DOI      ? 
# 
loop_
_citation_author.citation_id 
_citation_author.name 
_citation_author.ordinal 
_citation_author.identifier_ORCID 
primary 'Liriano, M.A.' 1 ? 
primary 'Varney, K.M.'  2 ? 
primary 'Inman, K.G.'   3 ? 
primary 'Ishima, R.'    4 ? 
primary 'Weber, D.J.'   5 ? 
# 
_cell.length_a           35.007 
_cell.length_b           89.251 
_cell.length_c           59.668 
_cell.angle_alpha        90.000 
_cell.angle_beta         90.000 
_cell.angle_gamma        90.000 
_cell.entry_id           3RM1 
_cell.pdbx_unique_axis   ? 
_cell.Z_PDB              8 
_cell.length_a_esd       ? 
_cell.length_b_esd       ? 
_cell.length_c_esd       ? 
_cell.angle_alpha_esd    ? 
_cell.angle_beta_esd     ? 
_cell.angle_gamma_esd    ? 
# 
_symmetry.space_group_name_H-M             'C 2 2 21' 
_symmetry.entry_id                         3RM1 
_symmetry.Int_Tables_number                20 
_symmetry.pdbx_full_space_group_name_H-M   ? 
_symmetry.cell_setting                     ? 
_symmetry.space_group_name_Hall            ? 
# 
loop_
_entity.id 
_entity.type 
_entity.src_method 
_entity.pdbx_description 
_entity.formula_weight 
_entity.pdbx_number_of_molecules 
_entity.pdbx_ec 
_entity.pdbx_mutation 
_entity.pdbx_fragment 
_entity.details 
1 polymer     man 'Protein S100-B'                          10680.989 1   ? ? ?                                       ? 
2 polymer     syn 'F-actin-capping protein subunit alpha-2' 1132.352  1   ? ? 'TRTK12 peptide (UNP residues 267-275)' ? 
3 non-polymer syn 'CALCIUM ION'                             40.078    2   ? ? ?                                       ? 
4 water       nat water                                     18.015    121 ? ? ?                                       ? 
# 
loop_
_entity_name_com.entity_id 
_entity_name_com.name 
1 'S-100 protein beta chain, S-100 protein subunit beta, S100 calcium-binding protein B' 
2 'CapZ alpha-2'                                                                         
# 
loop_
_entity_poly.entity_id 
_entity_poly.type 
_entity_poly.nstd_linkage 
_entity_poly.nstd_monomer 
_entity_poly.pdbx_seq_one_letter_code 
_entity_poly.pdbx_seq_one_letter_code_can 
_entity_poly.pdbx_strand_id 
_entity_poly.pdbx_target_identifier 
1 'polypeptide(L)' no no 
;MSELEKAVVALIDVFHQYSGREGDKHKLKKSELKELINNELSHFLEEIKEQEVVDKVMETLDSNGDGECDFQEFMAFVAM
ITTACHEFFEHE
;
;MSELEKAVVALIDVFHQYSGREGDKHKLKKSELKELINNELSHFLEEIKEQEVVDKVMETLDSNGDGECDFQEFMAFVAM
ITTACHEFFEHE
;
A ? 
2 'polypeptide(L)' no no TKIDWNKIL                                                                                       TKIDWNKIL 
B ? 
# 
loop_
_entity_poly_seq.entity_id 
_entity_poly_seq.num 
_entity_poly_seq.mon_id 
_entity_poly_seq.hetero 
1 1  MET n 
1 2  SER n 
1 3  GLU n 
1 4  LEU n 
1 5  GLU n 
1 6  LYS n 
1 7  ALA n 
1 8  VAL n 
1 9  VAL n 
1 10 ALA n 
1 11 LEU n 
1 12 ILE n 
1 13 ASP n 
1 14 VAL n 
1 15 PHE n 
1 16 HIS n 
1 17 GLN n 
1 18 TYR n 
1 19 SER n 
1 20 GLY n 
1 21 ARG n 
1 22 GLU n 
1 23 GLY n 
1 24 ASP n 
1 25 LYS n 
1 26 HIS n 
1 27 LYS n 
1 28 LEU n 
1 29 LYS n 
1 30 LYS n 
1 31 SER n 
1 32 GLU n 
1 33 LEU n 
1 34 LYS n 
1 35 GLU n 
1 36 LEU n 
1 37 ILE n 
1 38 ASN n 
1 39 ASN n 
1 40 GLU n 
1 41 LEU n 
1 42 SER n 
1 43 HIS n 
1 44 PHE n 
1 45 LEU n 
1 46 GLU n 
1 47 GLU n 
1 48 ILE n 
1 49 LYS n 
1 50 GLU n 
1 51 GLN n 
1 52 GLU n 
1 53 VAL n 
1 54 VAL n 
1 55 ASP n 
1 56 LYS n 
1 57 VAL n 
1 58 MET n 
1 59 GLU n 
1 60 THR n 
1 61 LEU n 
1 62 ASP n 
1 63 SER n 
1 64 ASN n 
1 65 GLY n 
1 66 ASP n 
1 67 GLY n 
1 68 GLU n 
1 69 CYS n 
1 70 ASP n 
1 71 PHE n 
1 72 GLN n 
1 73 GLU n 
1 74 PHE n 
1 75 MET n 
1 76 ALA n 
1 77 PHE n 
1 78 VAL n 
1 79 ALA n 
1 80 MET n 
1 81 ILE n 
1 82 THR n 
1 83 THR n 
1 84 ALA n 
1 85 CYS n 
1 86 HIS n 
1 87 GLU n 
1 88 PHE n 
1 89 PHE n 
1 90 GLU n 
1 91 HIS n 
1 92 GLU n 
2 1  THR n 
2 2  LYS n 
2 3  ILE n 
2 4  ASP n 
2 5  TRP n 
2 6  ASN n 
2 7  LYS n 
2 8  ILE n 
2 9  LEU n 
# 
_entity_src_gen.entity_id                          1 
_entity_src_gen.pdbx_src_id                        1 
_entity_src_gen.pdbx_alt_source_flag               sample 
_entity_src_gen.pdbx_seq_type                      ? 
_entity_src_gen.pdbx_beg_seq_num                   ? 
_entity_src_gen.pdbx_end_seq_num                   ? 
_entity_src_gen.gene_src_common_name               bovine 
_entity_src_gen.gene_src_genus                     ? 
_entity_src_gen.pdbx_gene_src_gene                 S100B 
_entity_src_gen.gene_src_species                   ? 
_entity_src_gen.gene_src_strain                    ? 
_entity_src_gen.gene_src_tissue                    ? 
_entity_src_gen.gene_src_tissue_fraction           ? 
_entity_src_gen.gene_src_details                   ? 
_entity_src_gen.pdbx_gene_src_fragment             ? 
_entity_src_gen.pdbx_gene_src_scientific_name      'Bos taurus' 
_entity_src_gen.pdbx_gene_src_ncbi_taxonomy_id     9913 
_entity_src_gen.pdbx_gene_src_variant              ? 
_entity_src_gen.pdbx_gene_src_cell_line            ? 
_entity_src_gen.pdbx_gene_src_atcc                 ? 
_entity_src_gen.pdbx_gene_src_organ                ? 
_entity_src_gen.pdbx_gene_src_organelle            ? 
_entity_src_gen.pdbx_gene_src_cell                 ? 
_entity_src_gen.pdbx_gene_src_cellular_location    ? 
_entity_src_gen.host_org_common_name               ? 
_entity_src_gen.pdbx_host_org_scientific_name      'Escherichia coli' 
_entity_src_gen.pdbx_host_org_ncbi_taxonomy_id     469008 
_entity_src_gen.host_org_genus                     ? 
_entity_src_gen.pdbx_host_org_gene                 ? 
_entity_src_gen.pdbx_host_org_organ                ? 
_entity_src_gen.host_org_species                   ? 
_entity_src_gen.pdbx_host_org_tissue               ? 
_entity_src_gen.pdbx_host_org_tissue_fraction      ? 
_entity_src_gen.pdbx_host_org_strain               'BL21(DE3)' 
_entity_src_gen.pdbx_host_org_variant              ? 
_entity_src_gen.pdbx_host_org_cell_line            ? 
_entity_src_gen.pdbx_host_org_atcc                 ? 
_entity_src_gen.pdbx_host_org_culture_collection   ? 
_entity_src_gen.pdbx_host_org_cell                 ? 
_entity_src_gen.pdbx_host_org_organelle            ? 
_entity_src_gen.pdbx_host_org_cellular_location    ? 
_entity_src_gen.pdbx_host_org_vector_type          PLASMID 
_entity_src_gen.pdbx_host_org_vector               ? 
_entity_src_gen.host_org_details                   ? 
_entity_src_gen.expression_system_id               ? 
_entity_src_gen.plasmid_name                       PET11B 
_entity_src_gen.plasmid_details                    ? 
_entity_src_gen.pdbx_description                   ? 
# 
_pdbx_entity_src_syn.entity_id              2 
_pdbx_entity_src_syn.pdbx_src_id            1 
_pdbx_entity_src_syn.pdbx_alt_source_flag   sample 
_pdbx_entity_src_syn.pdbx_beg_seq_num       ? 
_pdbx_entity_src_syn.pdbx_end_seq_num       ? 
_pdbx_entity_src_syn.organism_scientific    'Bos taurus' 
_pdbx_entity_src_syn.organism_common_name   bovine 
_pdbx_entity_src_syn.ncbi_taxonomy_id       9913 
_pdbx_entity_src_syn.details                ? 
# 
loop_
_struct_ref.id 
_struct_ref.db_name 
_struct_ref.db_code 
_struct_ref.pdbx_db_accession 
_struct_ref.entity_id 
_struct_ref.pdbx_seq_one_letter_code 
_struct_ref.pdbx_align_begin 
_struct_ref.pdbx_db_isoform 
1 UNP S100B_BOVIN P02638 1 
;MSELEKAVVALIDVFHQYSGREGDKHKLKKSELKELINNELSHFLEEIKEQEVVDKVMETLDSDGDGECDFQEFMAFVAM
ITTACHEFFEHE
;
1   ? 
2 UNP CAZA2_BOVIN Q5E997 2 TKIDWNKIL                                                                                       267 ? 
# 
loop_
_struct_ref_seq.align_id 
_struct_ref_seq.ref_id 
_struct_ref_seq.pdbx_PDB_id_code 
_struct_ref_seq.pdbx_strand_id 
_struct_ref_seq.seq_align_beg 
_struct_ref_seq.pdbx_seq_align_beg_ins_code 
_struct_ref_seq.seq_align_end 
_struct_ref_seq.pdbx_seq_align_end_ins_code 
_struct_ref_seq.pdbx_db_accession 
_struct_ref_seq.db_align_beg 
_struct_ref_seq.pdbx_db_align_beg_ins_code 
_struct_ref_seq.db_align_end 
_struct_ref_seq.pdbx_db_align_end_ins_code 
_struct_ref_seq.pdbx_auth_seq_align_beg 
_struct_ref_seq.pdbx_auth_seq_align_end 
1 1 3RM1 A 1 ? 92 ? P02638 1   ? 92  ? 0 91 
2 2 3RM1 B 1 ? 9  ? Q5E997 267 ? 275 ? 3 11 
# 
_struct_ref_seq_dif.align_id                     1 
_struct_ref_seq_dif.pdbx_pdb_id_code             3RM1 
_struct_ref_seq_dif.mon_id                       ASN 
_struct_ref_seq_dif.pdbx_pdb_strand_id           A 
_struct_ref_seq_dif.seq_num                      64 
_struct_ref_seq_dif.pdbx_pdb_ins_code            ? 
_struct_ref_seq_dif.pdbx_seq_db_name             UNP 
_struct_ref_seq_dif.pdbx_seq_db_accession_code   P02638 
_struct_ref_seq_dif.db_mon_id                    ASP 
_struct_ref_seq_dif.pdbx_seq_db_seq_num          64 
_struct_ref_seq_dif.details                      'engineered mutation' 
_struct_ref_seq_dif.pdbx_auth_seq_num            63 
_struct_ref_seq_dif.pdbx_ordinal                 1 
# 
loop_
_chem_comp.id 
_chem_comp.type 
_chem_comp.mon_nstd_flag 
_chem_comp.name 
_chem_comp.pdbx_synonyms 
_chem_comp.formula 
_chem_comp.formula_weight 
ALA 'L-peptide linking' y ALANINE         ? 'C3 H7 N O2'     89.093  
ARG 'L-peptide linking' y ARGININE        ? 'C6 H15 N4 O2 1' 175.209 
ASN 'L-peptide linking' y ASPARAGINE      ? 'C4 H8 N2 O3'    132.118 
ASP 'L-peptide linking' y 'ASPARTIC ACID' ? 'C4 H7 N O4'     133.103 
CA  non-polymer         . 'CALCIUM ION'   ? 'Ca 2'           40.078  
CYS 'L-peptide linking' y CYSTEINE        ? 'C3 H7 N O2 S'   121.158 
GLN 'L-peptide linking' y GLUTAMINE       ? 'C5 H10 N2 O3'   146.144 
GLU 'L-peptide linking' y 'GLUTAMIC ACID' ? 'C5 H9 N O4'     147.129 
GLY 'peptide linking'   y GLYCINE         ? 'C2 H5 N O2'     75.067  
HIS 'L-peptide linking' y HISTIDINE       ? 'C6 H10 N3 O2 1' 156.162 
HOH non-polymer         . WATER           ? 'H2 O'           18.015  
ILE 'L-peptide linking' y ISOLEUCINE      ? 'C6 H13 N O2'    131.173 
LEU 'L-peptide linking' y LEUCINE         ? 'C6 H13 N O2'    131.173 
LYS 'L-peptide linking' y LYSINE          ? 'C6 H15 N2 O2 1' 147.195 
MET 'L-peptide linking' y METHIONINE      ? 'C5 H11 N O2 S'  149.211 
PHE 'L-peptide linking' y PHENYLALANINE   ? 'C9 H11 N O2'    165.189 
SER 'L-peptide linking' y SERINE          ? 'C3 H7 N O3'     105.093 
THR 'L-peptide linking' y THREONINE       ? 'C4 H9 N O3'     119.119 
TRP 'L-peptide linking' y TRYPTOPHAN      ? 'C11 H12 N2 O2'  204.225 
TYR 'L-peptide linking' y TYROSINE        ? 'C9 H11 N O3'    181.189 
VAL 'L-peptide linking' y VALINE          ? 'C5 H11 N O2'    117.146 
# 
_exptl.crystals_number   1 
_exptl.entry_id          3RM1 
_exptl.method            'X-RAY DIFFRACTION' 
# 
_exptl_crystal.id                    1 
_exptl_crystal.density_Matthews      2.04 
_exptl_crystal.density_meas          ? 
_exptl_crystal.density_percent_sol   39.74 
_exptl_crystal.description           ? 
_exptl_crystal.F_000                 ? 
_exptl_crystal.preparation           ? 
# 
_exptl_crystal_grow.crystal_id      1 
_exptl_crystal_grow.method          'SITTING DROP' 
_exptl_crystal_grow.pH              6.875 
_exptl_crystal_grow.temp            295 
_exptl_crystal_grow.pdbx_details    
'22% PEG3350, 7.5 mM calcium chloride, 100 mM cacodylate, pH 6.875, SITTING DROP, temperature 295K' 
_exptl_crystal_grow.temp_details    ? 
_exptl_crystal_grow.pdbx_pH_range   ? 
# 
_diffrn.id                     1 
_diffrn.ambient_temp           100 
_diffrn.ambient_temp_details   ? 
_diffrn.crystal_id             1 
# 
_diffrn_detector.diffrn_id              1 
_diffrn_detector.detector               CCD 
_diffrn_detector.type                   'ADSC QUANTUM 315r' 
_diffrn_detector.pdbx_collection_date   2010-01-01 
_diffrn_detector.details                ? 
# 
_diffrn_radiation.diffrn_id                        1 
_diffrn_radiation.pdbx_diffrn_protocol             'SINGLE WAVELENGTH' 
_diffrn_radiation.monochromator                    ? 
_diffrn_radiation.wavelength_id                    1 
_diffrn_radiation.pdbx_monochromatic_or_laue_m_l   M 
_diffrn_radiation.pdbx_scattering_type             x-ray 
# 
_diffrn_radiation_wavelength.id           1 
_diffrn_radiation_wavelength.wavelength   0.97 
_diffrn_radiation_wavelength.wt           1.0 
# 
_diffrn_source.diffrn_id                   1 
_diffrn_source.source                      SYNCHROTRON 
_diffrn_source.type                        'SSRL BEAMLINE BL7-1' 
_diffrn_source.pdbx_wavelength_list        ? 
_diffrn_source.pdbx_wavelength             0.97 
_diffrn_source.pdbx_synchrotron_site       SSRL 
_diffrn_source.pdbx_synchrotron_beamline   BL7-1 
# 
_reflns.entry_id                     3RM1 
_reflns.d_resolution_high            1.24 
_reflns.d_resolution_low             50.0 
_reflns.number_obs                   26591 
_reflns.pdbx_Rmerge_I_obs            0.085 
_reflns.pdbx_netI_over_sigmaI        10.2 
_reflns.pdbx_chi_squared             1.149 
_reflns.pdbx_redundancy              6.9 
_reflns.percent_possible_obs         98.7 
_reflns.observed_criterion_sigma_F   ? 
_reflns.observed_criterion_sigma_I   ? 
_reflns.number_all                   ? 
_reflns.pdbx_Rsym_value              ? 
_reflns.B_iso_Wilson_estimate        ? 
_reflns.R_free_details               ? 
_reflns.limit_h_max                  ? 
_reflns.limit_h_min                  ? 
_reflns.limit_k_max                  ? 
_reflns.limit_k_min                  ? 
_reflns.limit_l_max                  ? 
_reflns.limit_l_min                  ? 
_reflns.observed_criterion_F_max     ? 
_reflns.observed_criterion_F_min     ? 
_reflns.pdbx_scaling_rejects         ? 
_reflns.pdbx_ordinal                 1 
_reflns.pdbx_diffrn_id               1 
# 
loop_
_reflns_shell.d_res_high 
_reflns_shell.d_res_low 
_reflns_shell.number_measured_obs 
_reflns_shell.number_measured_all 
_reflns_shell.number_unique_obs 
_reflns_shell.Rmerge_I_obs 
_reflns_shell.meanI_over_sigI_obs 
_reflns_shell.pdbx_Rsym_value 
_reflns_shell.pdbx_chi_squared 
_reflns_shell.pdbx_redundancy 
_reflns_shell.percent_possible_obs 
_reflns_shell.number_unique_all 
_reflns_shell.percent_possible_all 
_reflns_shell.pdbx_ordinal 
_reflns_shell.pdbx_diffrn_id 
1.240 1.280  ? ? ? 0.559 ? ? 0.871 6.400 ? 2631 99.500  1  1 
1.280 1.340  ? ? ? 0.445 ? ? 0.909 6.900 ? 2657 100.000 2  1 
1.340 1.400  ? ? ? 0.314 ? ? 0.951 7.100 ? 2659 100.000 3  1 
1.400 1.470  ? ? ? 0.231 ? ? 1.056 7.100 ? 2671 100.000 4  1 
1.470 1.560  ? ? ? 0.161 ? ? 1.155 7.200 ? 2658 99.900  5  1 
1.560 1.680  ? ? ? 0.132 ? ? 1.291 7.200 ? 2674 100.000 6  1 
1.680 1.850  ? ? ? 0.111 ? ? 1.389 7.200 ? 2695 100.000 7  1 
1.850 2.120  ? ? ? 0.104 ? ? 1.445 7.100 ? 2686 100.000 8  1 
2.120 2.670  ? ? ? 0.089 ? ? 1.376 6.800 ? 2719 99.200  9  1 
2.670 50.000 ? ? ? 0.061 ? ? 0.961 5.900 ? 2541 89.100  10 1 
# 
_refine.entry_id                                 3RM1 
_refine.ls_d_res_high                            1.24 
_refine.ls_d_res_low                             44.63 
_refine.pdbx_ls_sigma_F                          0.0 
_refine.pdbx_data_cutoff_high_absF               ? 
_refine.pdbx_data_cutoff_low_absF                ? 
_refine.ls_percent_reflns_obs                    98.63 
_refine.ls_number_reflns_obs                     26563 
_refine.ls_number_reflns_all                     ? 
_refine.pdbx_ls_cross_valid_method               THROUGHOUT 
_refine.pdbx_R_Free_selection_details            RANDOM 
_refine.details                                  
;HYDROGENS HAVE BEEN ADDED IN THE RIDING POSITIONS  
U VALUES      : RESIDUAL ONLY
;
_refine.ls_R_factor_all                          ? 
_refine.ls_R_factor_obs                          0.2048 
_refine.ls_R_factor_R_work                       0.2039 
_refine.ls_wR_factor_R_work                      ? 
_refine.ls_R_factor_R_free                       0.2232 
_refine.ls_wR_factor_R_free                      ? 
_refine.ls_percent_reflns_R_free                 5.0 
_refine.ls_number_reflns_R_free                  1335 
_refine.ls_R_factor_R_free_error                 ? 
_refine.B_iso_mean                               18.7833 
_refine.solvent_model_param_bsol                 ? 
_refine.solvent_model_param_ksol                 ? 
_refine.pdbx_isotropic_thermal_model             ? 
_refine.aniso_B[1][1]                            0.5900 
_refine.aniso_B[2][2]                            -0.6000 
_refine.aniso_B[3][3]                            0.0100 
_refine.aniso_B[1][2]                            0.0000 
_refine.aniso_B[1][3]                            -0.0000 
_refine.aniso_B[2][3]                            -0.0000 
_refine.correlation_coeff_Fo_to_Fc               0.9510 
_refine.correlation_coeff_Fo_to_Fc_free          0.9500 
_refine.overall_SU_R_Cruickshank_DPI             ? 
_refine.overall_SU_R_free                        ? 
_refine.pdbx_overall_ESU_R_Free                  0.053 
_refine.overall_SU_ML                            0.030 
_refine.overall_SU_B                             1.334 
_refine.solvent_model_details                    MASK 
_refine.pdbx_solvent_vdw_probe_radii             1.4000 
_refine.pdbx_solvent_ion_probe_radii             0.8000 
_refine.pdbx_solvent_shrinkage_radii             0.8000 
_refine.ls_number_parameters                     ? 
_refine.ls_number_restraints                     ? 
_refine.pdbx_starting_model                      'PDB ENTRY 3IQQ' 
_refine.pdbx_method_to_determine_struct          'MOLECULAR REPLACEMENT' 
_refine.pdbx_stereochemistry_target_values       'MAXIMUM LIKELIHOOD' 
_refine.pdbx_stereochem_target_val_spec_case     ? 
_refine.overall_FOM_work_R_set                   ? 
_refine.B_iso_max                                44.660 
_refine.B_iso_min                                7.930 
_refine.pdbx_overall_phase_error                 ? 
_refine.occupancy_max                            1.000 
_refine.occupancy_min                            0.500 
_refine.pdbx_ls_sigma_I                          ? 
_refine.ls_redundancy_reflns_obs                 ? 
_refine.ls_R_factor_R_free_error_details         ? 
_refine.pdbx_data_cutoff_high_rms_absF           ? 
_refine.overall_FOM_free_R_set                   ? 
_refine.pdbx_refine_id                           'X-RAY DIFFRACTION' 
_refine.pdbx_overall_ESU_R                       0.053 
_refine.pdbx_diffrn_id                           1 
_refine.pdbx_TLS_residual_ADP_flag               ? 
_refine.pdbx_overall_SU_R_free_Cruickshank_DPI   ? 
_refine.pdbx_overall_SU_R_Blow_DPI               ? 
_refine.pdbx_overall_SU_R_free_Blow_DPI          ? 
# 
_refine_hist.pdbx_refine_id                   'X-RAY DIFFRACTION' 
_refine_hist.cycle_id                         LAST 
_refine_hist.pdbx_number_atoms_protein        771 
_refine_hist.pdbx_number_atoms_nucleic_acid   0 
_refine_hist.pdbx_number_atoms_ligand         2 
_refine_hist.number_atoms_solvent             121 
_refine_hist.number_atoms_total               894 
_refine_hist.d_res_high                       1.24 
_refine_hist.d_res_low                        44.63 
# 
loop_
_refine_ls_restr.type 
_refine_ls_restr.number 
_refine_ls_restr.dev_ideal 
_refine_ls_restr.dev_ideal_target 
_refine_ls_restr.weight 
_refine_ls_restr.pdbx_restraint_function 
_refine_ls_restr.pdbx_refine_id 
r_bond_refined_d       783  0.013  0.022  ? ? 'X-RAY DIFFRACTION' 
r_angle_refined_deg    1052 1.393  1.936  ? ? 'X-RAY DIFFRACTION' 
r_dihedral_angle_1_deg 96   4.998  5.000  ? ? 'X-RAY DIFFRACTION' 
r_dihedral_angle_2_deg 38   30.297 26.053 ? ? 'X-RAY DIFFRACTION' 
r_dihedral_angle_3_deg 141  10.634 15.000 ? ? 'X-RAY DIFFRACTION' 
r_dihedral_angle_4_deg 1    15.432 15.000 ? ? 'X-RAY DIFFRACTION' 
r_chiral_restr         120  0.110  0.200  ? ? 'X-RAY DIFFRACTION' 
r_gen_planes_refined   576  0.007  0.020  ? ? 'X-RAY DIFFRACTION' 
r_mcbond_it            484  0.896  1.500  ? ? 'X-RAY DIFFRACTION' 
r_mcangle_it           775  1.567  2.000  ? ? 'X-RAY DIFFRACTION' 
r_scbond_it            299  2.121  3.000  ? ? 'X-RAY DIFFRACTION' 
r_scangle_it           277  3.288  4.500  ? ? 'X-RAY DIFFRACTION' 
# 
_refine_ls_shell.d_res_high                       1.24 
_refine_ls_shell.d_res_low                        1.272 
_refine_ls_shell.pdbx_total_number_of_bins_used   20 
_refine_ls_shell.percent_reflns_obs               98.5100 
_refine_ls_shell.number_reflns_R_work             1817 
_refine_ls_shell.R_factor_all                     ? 
_refine_ls_shell.R_factor_R_work                  0.3120 
_refine_ls_shell.R_factor_R_free                  0.3740 
_refine_ls_shell.percent_reflns_R_free            ? 
_refine_ls_shell.number_reflns_R_free             104 
_refine_ls_shell.R_factor_R_free_error            ? 
_refine_ls_shell.number_reflns_all                1921 
_refine_ls_shell.number_reflns_obs                ? 
_refine_ls_shell.redundancy_reflns_obs            ? 
_refine_ls_shell.pdbx_refine_id                   'X-RAY DIFFRACTION' 
# 
_struct.entry_id                  3RM1 
_struct.title                     '1.24 Angstrom X-ray structure of bovine TRTK12-Ca(2+)-S100B D63N' 
_struct.pdbx_model_details        ? 
_struct.pdbx_CASP_flag            ? 
_struct.pdbx_model_type_details   ? 
# 
_struct_keywords.entry_id        3RM1 
_struct_keywords.text            'alpha-helical, EF hand, METAL BINDING PROTEIN-PROTEIN BINDING complex' 
_struct_keywords.pdbx_keywords   'METAL BINDING PROTEIN/PROTEIN BINDING' 
# 
loop_
_struct_asym.id 
_struct_asym.pdbx_blank_PDB_chainid_flag 
_struct_asym.pdbx_modified 
_struct_asym.entity_id 
_struct_asym.details 
A N N 1 ? 
B N N 2 ? 
C N N 3 ? 
D N N 3 ? 
E N N 4 ? 
F N N 4 ? 
# 
_struct_biol.id        1 
_struct_biol.details   ? 
# 
loop_
_struct_conf.conf_type_id 
_struct_conf.id 
_struct_conf.pdbx_PDB_helix_id 
_struct_conf.beg_label_comp_id 
_struct_conf.beg_label_asym_id 
_struct_conf.beg_label_seq_id 
_struct_conf.pdbx_beg_PDB_ins_code 
_struct_conf.end_label_comp_id 
_struct_conf.end_label_asym_id 
_struct_conf.end_label_seq_id 
_struct_conf.pdbx_end_PDB_ins_code 
_struct_conf.beg_auth_comp_id 
_struct_conf.beg_auth_asym_id 
_struct_conf.beg_auth_seq_id 
_struct_conf.end_auth_comp_id 
_struct_conf.end_auth_asym_id 
_struct_conf.end_auth_seq_id 
_struct_conf.pdbx_PDB_helix_class 
_struct_conf.details 
_struct_conf.pdbx_PDB_helix_length 
HELX_P HELX_P1 1 SER A 2  ? GLY A 20 ? SER A 1  GLY A 19 1 ? 19 
HELX_P HELX_P2 2 LYS A 29 ? LEU A 41 ? LYS A 28 LEU A 40 1 ? 13 
HELX_P HELX_P3 3 GLU A 50 ? ASP A 62 ? GLU A 49 ASP A 61 1 ? 13 
HELX_P HELX_P4 4 ASP A 70 ? CYS A 85 ? ASP A 69 CYS A 84 1 ? 16 
HELX_P HELX_P5 5 HIS A 86 ? PHE A 89 ? HIS A 85 PHE A 88 5 ? 4  
HELX_P HELX_P6 6 ASP B 4  ? ILE B 8  ? ASP B 6  ILE B 10 5 ? 5  
# 
_struct_conf_type.id          HELX_P 
_struct_conf_type.criteria    ? 
_struct_conf_type.reference   ? 
# 
loop_
_struct_conn.id 
_struct_conn.conn_type_id 
_struct_conn.pdbx_leaving_atom_flag 
_struct_conn.pdbx_PDB_id 
_struct_conn.ptnr1_label_asym_id 
_struct_conn.ptnr1_label_comp_id 
_struct_conn.ptnr1_label_seq_id 
_struct_conn.ptnr1_label_atom_id 
_struct_conn.pdbx_ptnr1_label_alt_id 
_struct_conn.pdbx_ptnr1_PDB_ins_code 
_struct_conn.pdbx_ptnr1_standard_comp_id 
_struct_conn.ptnr1_symmetry 
_struct_conn.ptnr2_label_asym_id 
_struct_conn.ptnr2_label_comp_id 
_struct_conn.ptnr2_label_seq_id 
_struct_conn.ptnr2_label_atom_id 
_struct_conn.pdbx_ptnr2_label_alt_id 
_struct_conn.pdbx_ptnr2_PDB_ins_code 
_struct_conn.ptnr1_auth_asym_id 
_struct_conn.ptnr1_auth_comp_id 
_struct_conn.ptnr1_auth_seq_id 
_struct_conn.ptnr2_auth_asym_id 
_struct_conn.ptnr2_auth_comp_id 
_struct_conn.ptnr2_auth_seq_id 
_struct_conn.ptnr2_symmetry 
_struct_conn.pdbx_ptnr3_label_atom_id 
_struct_conn.pdbx_ptnr3_label_seq_id 
_struct_conn.pdbx_ptnr3_label_comp_id 
_struct_conn.pdbx_ptnr3_label_asym_id 
_struct_conn.pdbx_ptnr3_label_alt_id 
_struct_conn.pdbx_ptnr3_PDB_ins_code 
_struct_conn.details 
_struct_conn.pdbx_dist_value 
_struct_conn.pdbx_value_order 
_struct_conn.pdbx_role 
metalc1  metalc ? ? A SER 19 O   ? ? ? 1_555 C CA  . CA ? ? A SER 18  A CA  101 1_555 ? ? ? ? ? ? ? 2.366 ? ? 
metalc2  metalc ? ? A GLU 22 O   ? ? ? 1_555 C CA  . CA ? ? A GLU 21  A CA  101 1_555 ? ? ? ? ? ? ? 2.388 ? ? 
metalc3  metalc ? ? A ASP 24 O   ? ? ? 1_555 C CA  . CA ? ? A ASP 23  A CA  101 1_555 ? ? ? ? ? ? ? 2.379 ? ? 
metalc4  metalc ? ? A LYS 27 O   ? ? ? 1_555 C CA  . CA ? ? A LYS 26  A CA  101 1_555 ? ? ? ? ? ? ? 2.372 ? ? 
metalc5  metalc ? ? A GLU 32 OE1 ? ? ? 1_555 C CA  . CA ? ? A GLU 31  A CA  101 1_555 ? ? ? ? ? ? ? 2.442 ? ? 
metalc6  metalc ? ? A GLU 32 OE2 ? ? ? 1_555 C CA  . CA ? ? A GLU 31  A CA  101 1_555 ? ? ? ? ? ? ? 2.590 ? ? 
metalc7  metalc ? ? A ASP 62 OD1 ? ? ? 1_555 D CA  . CA ? ? A ASP 61  A CA  102 1_555 ? ? ? ? ? ? ? 2.301 ? ? 
metalc8  metalc ? ? A ASN 64 OD1 ? ? ? 1_555 D CA  . CA ? ? A ASN 63  A CA  102 1_555 ? ? ? ? ? ? ? 2.343 ? ? 
metalc9  metalc ? ? A ASP 66 OD1 ? ? ? 1_555 D CA  . CA ? ? A ASP 65  A CA  102 1_555 ? ? ? ? ? ? ? 2.404 ? ? 
metalc10 metalc ? ? A GLU 68 O   ? ? ? 1_555 D CA  . CA ? ? A GLU 67  A CA  102 1_555 ? ? ? ? ? ? ? 2.311 ? ? 
metalc11 metalc ? ? A GLU 73 OE1 ? ? ? 1_555 D CA  . CA ? ? A GLU 72  A CA  102 1_555 ? ? ? ? ? ? ? 2.418 ? ? 
metalc12 metalc ? ? A GLU 73 OE2 ? ? ? 1_555 D CA  . CA ? ? A GLU 72  A CA  102 1_555 ? ? ? ? ? ? ? 2.562 ? ? 
metalc13 metalc ? ? C CA  .  CA  ? ? ? 1_555 E HOH . O  ? ? A CA  101 A HOH 239 1_555 ? ? ? ? ? ? ? 2.304 ? ? 
metalc14 metalc ? ? D CA  .  CA  ? ? ? 1_555 E HOH . O  ? ? A CA  102 A HOH 222 1_555 ? ? ? ? ? ? ? 2.332 ? ? 
# 
_struct_conn_type.id          metalc 
_struct_conn_type.criteria    ? 
_struct_conn_type.reference   ? 
# 
loop_
_struct_site.id 
_struct_site.pdbx_evidence_code 
_struct_site.pdbx_auth_asym_id 
_struct_site.pdbx_auth_comp_id 
_struct_site.pdbx_auth_seq_id 
_struct_site.pdbx_auth_ins_code 
_struct_site.pdbx_num_residues 
_struct_site.details 
AC1 Software A CA 101 ? 6 'BINDING SITE FOR RESIDUE CA A 101' 
AC2 Software A CA 102 ? 6 'BINDING SITE FOR RESIDUE CA A 102' 
# 
loop_
_struct_site_gen.id 
_struct_site_gen.site_id 
_struct_site_gen.pdbx_num_res 
_struct_site_gen.label_comp_id 
_struct_site_gen.label_asym_id 
_struct_site_gen.label_seq_id 
_struct_site_gen.pdbx_auth_ins_code 
_struct_site_gen.auth_comp_id 
_struct_site_gen.auth_asym_id 
_struct_site_gen.auth_seq_id 
_struct_site_gen.label_atom_id 
_struct_site_gen.label_alt_id 
_struct_site_gen.symmetry 
_struct_site_gen.details 
1  AC1 6 SER A 19 ? SER A 18  . ? 1_555 ? 
2  AC1 6 GLU A 22 ? GLU A 21  . ? 1_555 ? 
3  AC1 6 ASP A 24 ? ASP A 23  . ? 1_555 ? 
4  AC1 6 LYS A 27 ? LYS A 26  . ? 1_555 ? 
5  AC1 6 GLU A 32 ? GLU A 31  . ? 1_555 ? 
6  AC1 6 HOH E .  ? HOH A 239 . ? 1_555 ? 
7  AC2 6 ASP A 62 ? ASP A 61  . ? 1_555 ? 
8  AC2 6 ASN A 64 ? ASN A 63  . ? 1_555 ? 
9  AC2 6 ASP A 66 ? ASP A 65  . ? 1_555 ? 
10 AC2 6 GLU A 68 ? GLU A 67  . ? 1_555 ? 
11 AC2 6 GLU A 73 ? GLU A 72  . ? 1_555 ? 
12 AC2 6 HOH E .  ? HOH A 222 . ? 1_555 ? 
# 
_atom_sites.entry_id                    3RM1 
_atom_sites.fract_transf_matrix[1][1]   -0.01276107 
_atom_sites.fract_transf_matrix[1][2]   0.02526847 
_atom_sites.fract_transf_matrix[1][3]   0.00383093 
_atom_sites.fract_transf_matrix[2][1]   0.00984531 
_atom_sites.fract_transf_matrix[2][2]   0.00517597 
_atom_sites.fract_transf_matrix[2][3]   -0.00134489 
_atom_sites.fract_transf_matrix[3][1]   -0.00281777 
_atom_sites.fract_transf_matrix[3][2]   0.00107630 
_atom_sites.fract_transf_matrix[3][3]   -0.01648532 
_atom_sites.fract_transf_vector[1]      0.208385 
_atom_sites.fract_transf_vector[2]      -0.119755 
_atom_sites.fract_transf_vector[3]      -0.016866 
# 
loop_
_atom_type.symbol 
C  
CA 
N  
O  
S  
# 
loop_
_atom_site.group_PDB 
_atom_site.id 
_atom_site.type_symbol 
_atom_site.label_atom_id 
_atom_site.label_alt_id 
_atom_site.label_comp_id 
_atom_site.label_asym_id 
_atom_site.label_entity_id 
_atom_site.label_seq_id 
_atom_site.pdbx_PDB_ins_code 
_atom_site.Cartn_x 
_atom_site.Cartn_y 
_atom_site.Cartn_z 
_atom_site.occupancy 
_atom_site.B_iso_or_equiv 
_atom_site.pdbx_formal_charge 
_atom_site.auth_seq_id 
_atom_site.auth_comp_id 
_atom_site.auth_asym_id 
_atom_site.auth_atom_id 
_atom_site.pdbx_PDB_model_num 
ATOM   1   N  N   . MET A 1 1  ? 21.870  -4.023  -12.345 1.00 24.06 ? 0   MET A N   1 
ATOM   2   C  CA  . MET A 1 1  ? 21.116  -3.076  -11.461 1.00 22.10 ? 0   MET A CA  1 
ATOM   3   C  C   . MET A 1 1  ? 21.532  -3.195  -9.994  1.00 21.08 ? 0   MET A C   1 
ATOM   4   O  O   . MET A 1 1  ? 21.813  -4.265  -9.491  1.00 22.71 ? 0   MET A O   1 
ATOM   5   C  CB  . MET A 1 1  ? 19.621  -3.335  -11.586 1.00 22.85 ? 0   MET A CB  1 
ATOM   6   N  N   . SER A 1 2  ? 21.595  -2.060  -9.326  1.00 20.36 ? 1   SER A N   1 
ATOM   7   C  CA  . SER A 1 2  ? 21.900  -1.973  -7.885  1.00 17.80 ? 1   SER A CA  1 
ATOM   8   C  C   . SER A 1 2  ? 20.706  -2.440  -7.060  1.00 16.17 ? 1   SER A C   1 
ATOM   9   O  O   . SER A 1 2  ? 19.598  -2.596  -7.578  1.00 15.44 ? 1   SER A O   1 
ATOM   10  C  CB  . SER A 1 2  ? 22.169  -0.509  -7.522  1.00 16.39 ? 1   SER A CB  1 
ATOM   11  O  OG  . SER A 1 2  ? 20.989  0.251   -7.633  1.00 13.98 ? 1   SER A OG  1 
ATOM   12  N  N   . GLU A 1 3  ? 20.908  -2.623  -5.762  1.00 16.04 ? 2   GLU A N   1 
ATOM   13  C  CA  . GLU A 1 3  ? 19.784  -2.941  -4.876  1.00 16.62 ? 2   GLU A CA  1 
ATOM   14  C  C   . GLU A 1 3  ? 18.713  -1.844  -4.897  1.00 14.81 ? 2   GLU A C   1 
ATOM   15  O  O   . GLU A 1 3  ? 17.529  -2.150  -4.861  1.00 14.55 ? 2   GLU A O   1 
ATOM   16  C  CB  . GLU A 1 3  ? 20.272  -3.186  -3.446  1.00 19.04 ? 2   GLU A CB  1 
ATOM   17  C  CG  . GLU A 1 3  ? 21.173  -4.401  -3.306  1.00 24.44 ? 2   GLU A CG  1 
ATOM   18  C  CD  . GLU A 1 3  ? 20.478  -5.673  -3.723  1.00 30.33 ? 2   GLU A CD  1 
ATOM   19  O  OE1 . GLU A 1 3  ? 19.330  -5.899  -3.281  1.00 33.63 ? 2   GLU A OE1 1 
ATOM   20  O  OE2 . GLU A 1 3  ? 21.087  -6.466  -4.483  1.00 37.00 ? 2   GLU A OE2 1 
ATOM   21  N  N   . LEU A 1 4  ? 19.127  -0.581  -4.988  1.00 13.90 ? 3   LEU A N   1 
ATOM   22  C  CA  . LEU A 1 4  ? 18.170  0.502   -5.060  1.00 13.08 ? 3   LEU A CA  1 
ATOM   23  C  C   . LEU A 1 4  ? 17.363  0.417   -6.352  1.00 12.20 ? 3   LEU A C   1 
ATOM   24  O  O   . LEU A 1 4  ? 16.134  0.592   -6.363  1.00 12.59 ? 3   LEU A O   1 
ATOM   25  C  CB  . LEU A 1 4  ? 18.870  1.839   -4.936  1.00 12.91 ? 3   LEU A CB  1 
ATOM   26  C  CG  . LEU A 1 4  ? 18.005  3.099   -5.092  1.00 13.90 ? 3   LEU A CG  1 
ATOM   27  C  CD1 . LEU A 1 4  ? 16.802  3.128   -4.174  1.00 15.49 ? 3   LEU A CD1 1 
ATOM   28  C  CD2 . LEU A 1 4  ? 18.857  4.350   -4.879  1.00 15.19 ? 3   LEU A CD2 1 
ATOM   29  N  N   . GLU A 1 5  ? 18.028  0.134   -7.461  1.00 12.27 ? 4   GLU A N   1 
ATOM   30  C  CA  . GLU A 1 5  ? 17.338  0.034   -8.735  1.00 13.33 ? 4   GLU A CA  1 
ATOM   31  C  C   . GLU A 1 5  ? 16.364  -1.163  -8.741  1.00 12.54 ? 4   GLU A C   1 
ATOM   32  O  O   . GLU A 1 5  ? 15.254  -1.064  -9.264  1.00 13.21 ? 4   GLU A O   1 
ATOM   33  C  CB  . GLU A 1 5  ? 18.369  -0.055  -9.879  1.00 14.04 ? 4   GLU A CB  1 
ATOM   34  C  CG  . GLU A 1 5  ? 19.026  1.324   -10.110 1.00 14.62 ? 4   GLU A CG  1 
ATOM   35  C  CD  . GLU A 1 5  ? 20.259  1.328   -10.955 1.00 18.48 ? 4   GLU A CD  1 
ATOM   36  O  OE1 . GLU A 1 5  ? 20.957  0.301   -10.987 1.00 18.54 ? 4   GLU A OE1 1 
ATOM   37  O  OE2 . GLU A 1 5  ? 20.498  2.362   -11.615 1.00 18.48 ? 4   GLU A OE2 1 
ATOM   38  N  N   . LYS A 1 6  ? 16.793  -2.279  -8.162  1.00 13.36 ? 5   LYS A N   1 
ATOM   39  C  CA  . LYS A 1 6  ? 15.896  -3.419  -8.020  1.00 14.82 ? 5   LYS A CA  1 
ATOM   40  C  C   . LYS A 1 6  ? 14.673  -3.048  -7.183  1.00 13.37 ? 5   LYS A C   1 
ATOM   41  O  O   . LYS A 1 6  ? 13.558  -3.504  -7.451  1.00 14.58 ? 5   LYS A O   1 
ATOM   42  C  CB  . LYS A 1 6  ? 16.655  -4.605  -7.431  1.00 17.80 ? 5   LYS A CB  1 
ATOM   43  C  CG  . LYS A 1 6  ? 17.688  -5.183  -8.402  1.00 21.14 ? 5   LYS A CG  1 
ATOM   44  C  CD  . LYS A 1 6  ? 18.427  -6.382  -7.822  1.00 26.68 ? 5   LYS A CD  1 
ATOM   45  N  N   . ALA A 1 7  ? 14.884  -2.270  -6.122  1.00 13.83 ? 6   ALA A N   1 
ATOM   46  C  CA  . ALA A 1 7  ? 13.759  -1.816  -5.288  1.00 14.04 ? 6   ALA A CA  1 
ATOM   47  C  C   . ALA A 1 7  ? 12.781  -0.954  -6.075  1.00 12.47 ? 6   ALA A C   1 
ATOM   48  O  O   . ALA A 1 7  ? 11.577  -1.170  -5.988  1.00 13.19 ? 6   ALA A O   1 
ATOM   49  C  CB  . ALA A 1 7  ? 14.269  -1.088  -4.077  1.00 15.42 ? 6   ALA A CB  1 
ATOM   50  N  N   . VAL A 1 8  ? 13.310  -0.032  -6.904  1.00 12.65 ? 7   VAL A N   1 
ATOM   51  C  CA  . VAL A 1 8  ? 12.475  0.813   -7.752  1.00 13.00 ? 7   VAL A CA  1 
ATOM   52  C  C   . VAL A 1 8  ? 11.595  -0.065  -8.643  1.00 12.87 ? 7   VAL A C   1 
ATOM   53  O  O   . VAL A 1 8  ? 10.360  0.115   -8.753  1.00 14.00 ? 7   VAL A O   1 
ATOM   54  C  CB  . VAL A 1 8  ? 13.346  1.750   -8.582  1.00 13.99 ? 7   VAL A CB  1 
ATOM   55  C  CG1 . VAL A 1 8  ? 12.590  2.324   -9.800  1.00 15.28 ? 7   VAL A CG1 1 
ATOM   56  C  CG2 . VAL A 1 8  ? 13.941  2.846   -7.693  1.00 14.89 ? 7   VAL A CG2 1 
ATOM   57  N  N   . VAL A 1 9  ? 12.212  -1.069  -9.268  1.00 12.94 ? 8   VAL A N   1 
ATOM   58  C  CA  . VAL A 1 9  ? 11.483  -1.950  -10.169 1.00 14.03 ? 8   VAL A CA  1 
ATOM   59  C  C   . VAL A 1 9  ? 10.412  -2.757  -9.422  1.00 13.00 ? 8   VAL A C   1 
ATOM   60  O  O   . VAL A 1 9  ? 9.295   -2.925  -9.915  1.00 13.64 ? 8   VAL A O   1 
ATOM   61  C  CB  . VAL A 1 9  ? 12.469  -2.875  -10.946 1.00 15.37 ? 8   VAL A CB  1 
ATOM   62  C  CG1 . VAL A 1 9  ? 11.727  -3.990  -11.691 1.00 18.90 ? 8   VAL A CG1 1 
ATOM   63  C  CG2 . VAL A 1 9  ? 13.332  -2.058  -11.915 1.00 16.23 ? 8   VAL A CG2 1 
ATOM   64  N  N   . ALA A 1 10 ? 10.762  -3.285  -8.256  1.00 13.48 ? 9   ALA A N   1 
ATOM   65  C  CA  . ALA A 1 10 ? 9.811   -4.044  -7.457  1.00 13.54 ? 9   ALA A CA  1 
ATOM   66  C  C   . ALA A 1 10 ? 8.598   -3.205  -7.065  1.00 13.08 ? 9   ALA A C   1 
ATOM   67  O  O   . ALA A 1 10 ? 7.464   -3.719  -7.063  1.00 13.78 ? 9   ALA A O   1 
ATOM   68  C  CB  . ALA A 1 10 ? 10.490  -4.581  -6.241  1.00 15.19 ? 9   ALA A CB  1 
ATOM   69  N  N   . LEU A 1 11 ? 8.793   -1.937  -6.729  1.00 13.62 ? 10  LEU A N   1 
ATOM   70  C  CA  . LEU A 1 11 ? 7.658   -1.039  -6.417  1.00 13.91 ? 10  LEU A CA  1 
ATOM   71  C  C   . LEU A 1 11 ? 6.693   -0.932  -7.574  1.00 13.92 ? 10  LEU A C   1 
ATOM   72  O  O   . LEU A 1 11 ? 5.462   -1.022  -7.417  1.00 15.24 ? 10  LEU A O   1 
ATOM   73  C  CB  . LEU A 1 11 ? 8.105   0.354   -5.976  1.00 15.31 ? 10  LEU A CB  1 
ATOM   74  C  CG  . LEU A 1 11 ? 8.953   0.360   -4.706  1.00 14.50 ? 10  LEU A CG  1 
ATOM   75  C  CD1 . LEU A 1 11 ? 9.478   1.767   -4.439  1.00 20.41 ? 10  LEU A CD1 1 
ATOM   76  C  CD2 . LEU A 1 11 ? 8.196   -0.179  -3.516  1.00 18.27 ? 10  LEU A CD2 1 
ATOM   77  N  N   . ILE A 1 12 ? 7.247   -0.725  -8.756  1.00 14.65 ? 11  ILE A N   1 
ATOM   78  C  CA  . ILE A 1 12 ? 6.433   -0.583  -9.947  1.00 15.57 ? 11  ILE A CA  1 
ATOM   79  C  C   . ILE A 1 12 ? 5.689   -1.903  -10.209 1.00 15.24 ? 11  ILE A C   1 
ATOM   80  O  O   . ILE A 1 12 ? 4.482   -1.919  -10.499 1.00 16.10 ? 11  ILE A O   1 
ATOM   81  C  CB  . ILE A 1 12 ? 7.323   -0.239  -11.142 1.00 15.52 ? 11  ILE A CB  1 
ATOM   82  C  CG1 . ILE A 1 12 ? 7.975   1.140   -10.920 1.00 16.84 ? 11  ILE A CG1 1 
ATOM   83  C  CG2 . ILE A 1 12 ? 6.539   -0.315  -12.452 1.00 18.19 ? 11  ILE A CG2 1 
ATOM   84  C  CD1 . ILE A 1 12 ? 9.113   1.455   -11.882 1.00 17.76 ? 11  ILE A CD1 1 
ATOM   85  N  N   . ASP A 1 13 ? 6.411   -3.006  -10.129 1.00 15.17 ? 12  ASP A N   1 
ATOM   86  C  CA  . ASP A 1 13 ? 5.894   -4.342  -10.440 1.00 16.19 ? 12  ASP A CA  1 
ATOM   87  C  C   . ASP A 1 13 ? 4.714   -4.690  -9.522  1.00 14.55 ? 12  ASP A C   1 
ATOM   88  O  O   . ASP A 1 13 ? 3.638   -5.075  -9.993  1.00 15.47 ? 12  ASP A O   1 
ATOM   89  C  CB  . ASP A 1 13 ? 7.018   -5.398  -10.340 1.00 17.96 ? 12  ASP A CB  1 
ATOM   90  C  CG  . ASP A 1 13 ? 6.655   -6.738  -10.980 1.00 23.12 ? 12  ASP A CG  1 
ATOM   91  O  OD1 . ASP A 1 13 ? 7.521   -7.640  -10.968 1.00 26.47 ? 12  ASP A OD1 1 
ATOM   92  O  OD2 . ASP A 1 13 ? 5.556   -6.896  -11.539 1.00 27.56 ? 12  ASP A OD2 1 
ATOM   93  N  N   . VAL A 1 14 ? 4.910   -4.532  -8.223  1.00 14.11 ? 13  VAL A N   1 
ATOM   94  C  CA  . VAL A 1 14 ? 3.862   -4.925  -7.286  1.00 14.45 ? 13  VAL A CA  1 
ATOM   95  C  C   . VAL A 1 14 ? 2.632   -4.054  -7.449  1.00 13.82 ? 13  VAL A C   1 
ATOM   96  O  O   . VAL A 1 14 ? 1.496   -4.578  -7.408  1.00 14.37 ? 13  VAL A O   1 
ATOM   97  C  CB  . VAL A 1 14 ? 4.344   -4.961  -5.782  1.00 15.26 ? 13  VAL A CB  1 
ATOM   98  C  CG1 . VAL A 1 14 ? 4.560   -3.553  -5.163  1.00 17.70 ? 13  VAL A CG1 1 
ATOM   99  C  CG2 . VAL A 1 14 ? 3.315   -5.677  -4.948  1.00 16.41 ? 13  VAL A CG2 1 
ATOM   100 N  N   . PHE A 1 15 ? 2.815   -2.746  -7.622  1.00 13.82 ? 14  PHE A N   1 
ATOM   101 C  CA  . PHE A 1 15 ? 1.644   -1.873  -7.765  1.00 14.75 ? 14  PHE A CA  1 
ATOM   102 C  C   . PHE A 1 15 ? 0.796   -2.349  -8.923  1.00 15.41 ? 14  PHE A C   1 
ATOM   103 O  O   . PHE A 1 15 ? -0.423  -2.514  -8.784  1.00 16.19 ? 14  PHE A O   1 
ATOM   104 C  CB  . PHE A 1 15 ? 2.027   -0.397  -7.965  1.00 14.95 ? 14  PHE A CB  1 
ATOM   105 C  CG  . PHE A 1 15 ? 0.837   0.492   -8.245  1.00 14.59 ? 14  PHE A CG  1 
ATOM   106 C  CD1 . PHE A 1 15 ? 0.056   0.989   -7.200  1.00 15.14 ? 14  PHE A CD1 1 
ATOM   107 C  CD2 . PHE A 1 15 ? 0.499   0.829   -9.548  1.00 16.03 ? 14  PHE A CD2 1 
ATOM   108 C  CE1 . PHE A 1 15 ? -1.016  1.787   -7.446  1.00 15.82 ? 14  PHE A CE1 1 
ATOM   109 C  CE2 . PHE A 1 15 ? -0.595  1.655   -9.807  1.00 16.54 ? 14  PHE A CE2 1 
ATOM   110 C  CZ  . PHE A 1 15 ? -1.355  2.111   -8.742  1.00 16.59 ? 14  PHE A CZ  1 
ATOM   111 N  N   . HIS A 1 16 ? 1.429   -2.564  -10.063 1.00 15.29 ? 15  HIS A N   1 
ATOM   112 C  CA  . HIS A 1 16 ? 0.691   -2.926  -11.253 1.00 17.34 ? 15  HIS A CA  1 
ATOM   113 C  C   . HIS A 1 16 ? 0.140   -4.354  -11.238 1.00 16.97 ? 15  HIS A C   1 
ATOM   114 O  O   . HIS A 1 16 ? -0.925  -4.600  -11.841 1.00 17.61 ? 15  HIS A O   1 
ATOM   115 C  CB  . HIS A 1 16 ? 1.560   -2.607  -12.443 1.00 19.17 ? 15  HIS A CB  1 
ATOM   116 C  CG  . HIS A 1 16 ? 1.592   -1.146  -12.754 1.00 20.33 ? 15  HIS A CG  1 
ATOM   117 N  ND1 . HIS A 1 16 ? 2.617   -0.301  -12.370 1.00 22.33 ? 15  HIS A ND1 1 
ATOM   118 C  CD2 . HIS A 1 16 ? 0.688   -0.373  -13.402 1.00 23.56 ? 15  HIS A CD2 1 
ATOM   119 C  CE1 . HIS A 1 16 ? 2.354   0.922   -12.802 1.00 23.28 ? 15  HIS A CE1 1 
ATOM   120 N  NE2 . HIS A 1 16 ? 1.190   0.904   -13.422 1.00 27.21 ? 15  HIS A NE2 1 
ATOM   121 N  N   . GLN A 1 17 ? 0.785   -5.278  -10.525 1.00 16.72 ? 16  GLN A N   1 
ATOM   122 C  CA  . GLN A 1 17 ? 0.234   -6.620  -10.315 1.00 18.16 ? 16  GLN A CA  1 
ATOM   123 C  C   . GLN A 1 17 ? -1.178  -6.475  -9.708  1.00 17.01 ? 16  GLN A C   1 
ATOM   124 O  O   . GLN A 1 17 ? -2.141  -7.134  -10.141 1.00 19.46 ? 16  GLN A O   1 
ATOM   125 C  CB  . GLN A 1 17 ? 1.109   -7.466  -9.375  1.00 19.33 ? 16  GLN A CB  1 
ATOM   126 C  CG  . GLN A 1 17 ? 2.356   -8.108  -9.977  1.00 23.71 ? 16  GLN A CG  1 
ATOM   127 C  CD  . GLN A 1 17 ? 3.390   -8.530  -8.918  1.00 29.40 ? 16  GLN A CD  1 
ATOM   128 O  OE1 . GLN A 1 17 ? 3.103   -8.546  -7.711  1.00 29.94 ? 16  GLN A OE1 1 
ATOM   129 N  NE2 . GLN A 1 17 ? 4.610   -8.840  -9.372  1.00 31.28 ? 16  GLN A NE2 1 
ATOM   130 N  N   . TYR A 1 18 ? -1.328  -5.603  -8.723  1.00 12.94 ? 17  TYR A N   1 
ATOM   131 C  CA  . TYR A 1 18 ? -2.599  -5.446  -8.041  1.00 13.28 ? 17  TYR A CA  1 
ATOM   132 C  C   . TYR A 1 18 ? -3.523  -4.473  -8.722  1.00 13.35 ? 17  TYR A C   1 
ATOM   133 O  O   . TYR A 1 18 ? -4.725  -4.739  -8.823  1.00 13.82 ? 17  TYR A O   1 
ATOM   134 C  CB  . TYR A 1 18 ? -2.368  -5.088  -6.558  1.00 13.06 ? 17  TYR A CB  1 
ATOM   135 C  CG  . TYR A 1 18 ? -1.889  -6.297  -5.790  1.00 12.45 ? 17  TYR A CG  1 
ATOM   136 C  CD1 . TYR A 1 18 ? -0.540  -6.661  -5.733  1.00 12.13 ? 17  TYR A CD1 1 
ATOM   137 C  CD2 . TYR A 1 18 ? -2.825  -7.123  -5.182  1.00 12.83 ? 17  TYR A CD2 1 
ATOM   138 C  CE1 . TYR A 1 18 ? -0.127  -7.817  -5.071  1.00 11.70 ? 17  TYR A CE1 1 
ATOM   139 C  CE2 . TYR A 1 18 ? -2.420  -8.274  -4.536  1.00 13.15 ? 17  TYR A CE2 1 
ATOM   140 C  CZ  . TYR A 1 18 ? -1.081  -8.635  -4.487  1.00 11.71 ? 17  TYR A CZ  1 
ATOM   141 O  OH  . TYR A 1 18 ? -0.724  -9.788  -3.822  1.00 13.20 ? 17  TYR A OH  1 
ATOM   142 N  N   . SER A 1 19 ? -2.991  -3.380  -9.250  1.00 13.64 ? 18  SER A N   1 
ATOM   143 C  CA  . SER A 1 19 ? -3.861  -2.372  -9.865  1.00 13.74 ? 18  SER A CA  1 
ATOM   144 C  C   . SER A 1 19 ? -4.520  -2.878  -11.140 1.00 14.09 ? 18  SER A C   1 
ATOM   145 O  O   . SER A 1 19 ? -5.627  -2.454  -11.480 1.00 15.09 ? 18  SER A O   1 
ATOM   146 C  CB  . SER A 1 19 ? -3.134  -1.058  -10.131 1.00 14.73 ? 18  SER A CB  1 
ATOM   147 O  OG  . SER A 1 19 ? -2.154  -1.172  -11.119 1.00 16.44 ? 18  SER A OG  1 
ATOM   148 N  N   . GLY A 1 20 ? -3.840  -3.772  -11.842 1.00 15.39 ? 19  GLY A N   1 
ATOM   149 C  CA  . GLY A 1 20 ? -4.337  -4.289  -13.114 1.00 17.22 ? 19  GLY A CA  1 
ATOM   150 C  C   . GLY A 1 20 ? -5.384  -5.380  -12.978 1.00 17.76 ? 19  GLY A C   1 
ATOM   151 O  O   . GLY A 1 20 ? -5.835  -5.904  -13.993 1.00 20.64 ? 19  GLY A O   1 
ATOM   152 N  N   . ARG A 1 21 ? -5.753  -5.773  -11.760 1.00 17.74 ? 20  ARG A N   1 
ATOM   153 C  CA  . ARG A 1 21 ? -6.733  -6.844  -11.619 1.00 18.13 ? 20  ARG A CA  1 
ATOM   154 C  C   . ARG A 1 21 ? -8.128  -6.506  -12.142 1.00 19.74 ? 20  ARG A C   1 
ATOM   155 O  O   . ARG A 1 21 ? -8.737  -7.310  -12.871 1.00 22.07 ? 20  ARG A O   1 
ATOM   156 C  CB  . ARG A 1 21 ? -6.806  -7.308  -10.166 1.00 17.80 ? 20  ARG A CB  1 
ATOM   157 C  CG  . ARG A 1 21 ? -5.549  -8.002  -9.694  1.00 16.24 ? 20  ARG A CG  1 
ATOM   158 C  CD  . ARG A 1 21 ? -5.645  -8.361  -8.240  1.00 16.51 ? 20  ARG A CD  1 
ATOM   159 N  NE  . ARG A 1 21 ? -4.551  -9.228  -7.827  1.00 16.96 ? 20  ARG A NE  1 
ATOM   160 C  CZ  . ARG A 1 21 ? -4.541  -9.929  -6.696  1.00 15.67 ? 20  ARG A CZ  1 
ATOM   161 N  NH1 . ARG A 1 21 ? -5.567  -9.859  -5.848  1.00 16.40 ? 20  ARG A NH1 1 
ATOM   162 N  NH2 . ARG A 1 21 ? -3.528  -10.741 -6.418  1.00 16.80 ? 20  ARG A NH2 1 
ATOM   163 N  N   . GLU A 1 22 ? -8.655  -5.347  -11.773 1.00 19.39 ? 21  GLU A N   1 
ATOM   164 C  CA  . GLU A 1 22 ? -10.052 -5.015  -12.002 1.00 21.94 ? 21  GLU A CA  1 
ATOM   165 C  C   . GLU A 1 22 ? -10.163 -3.535  -12.275 1.00 21.60 ? 21  GLU A C   1 
ATOM   166 O  O   . GLU A 1 22 ? -9.332  -2.728  -11.806 1.00 20.80 ? 21  GLU A O   1 
ATOM   167 C  CB  . GLU A 1 22 ? -10.891 -5.356  -10.770 1.00 23.51 ? 21  GLU A CB  1 
ATOM   168 C  CG  . GLU A 1 22 ? -11.030 -6.836  -10.451 1.00 26.32 ? 21  GLU A CG  1 
ATOM   169 C  CD  . GLU A 1 22 ? -11.819 -7.099  -9.172  1.00 30.98 ? 21  GLU A CD  1 
ATOM   170 O  OE1 . GLU A 1 22 ? -12.745 -6.321  -8.840  1.00 34.73 ? 21  GLU A OE1 1 
ATOM   171 O  OE2 . GLU A 1 22 ? -11.509 -8.100  -8.487  1.00 34.34 ? 21  GLU A OE2 1 
ATOM   172 N  N   . GLY A 1 23 ? -11.192 -3.178  -13.038 1.00 23.35 ? 22  GLY A N   1 
ATOM   173 C  CA  . GLY A 1 23 ? -11.507 -1.791  -13.339 1.00 23.07 ? 22  GLY A CA  1 
ATOM   174 C  C   . GLY A 1 23 ? -10.339 -1.030  -13.932 1.00 22.24 ? 22  GLY A C   1 
ATOM   175 O  O   . GLY A 1 23 ? -9.618  -1.524  -14.797 1.00 24.03 ? 22  GLY A O   1 
ATOM   176 N  N   . ASP A 1 24 ? -10.155 0.197   -13.455 1.00 21.07 ? 23  ASP A N   1 
ATOM   177 C  CA  . ASP A 1 24 ? -9.025  1.006   -13.866 1.00 21.34 ? 23  ASP A CA  1 
ATOM   178 C  C   . ASP A 1 24 ? -7.713  0.248   -13.635 1.00 19.87 ? 23  ASP A C   1 
ATOM   179 O  O   . ASP A 1 24 ? -7.404  -0.133  -12.497 1.00 17.90 ? 23  ASP A O   1 
ATOM   180 C  CB  . ASP A 1 24 ? -9.015  2.287   -13.043 1.00 21.84 ? 23  ASP A CB  1 
ATOM   181 C  CG  . ASP A 1 24 ? -8.059  3.330   -13.580 1.00 23.34 ? 23  ASP A CG  1 
ATOM   182 O  OD1 . ASP A 1 24 ? -6.948  3.016   -14.021 1.00 23.25 ? 23  ASP A OD1 1 
ATOM   183 O  OD2 . ASP A 1 24 ? -8.439  4.515   -13.617 1.00 28.43 ? 23  ASP A OD2 1 
ATOM   184 N  N   . LYS A 1 25 ? -6.925  0.037   -14.678 1.00 20.60 ? 24  LYS A N   1 
ATOM   185 C  CA  . LYS A 1 25 ? -5.691  -0.755  -14.530 1.00 20.94 ? 24  LYS A CA  1 
ATOM   186 C  C   . LYS A 1 25 ? -4.553  0.023   -13.912 1.00 20.34 ? 24  LYS A C   1 
ATOM   187 O  O   . LYS A 1 25 ? -3.524  -0.569  -13.582 1.00 20.30 ? 24  LYS A O   1 
ATOM   188 C  CB  . LYS A 1 25 ? -5.273  -1.349  -15.872 1.00 23.53 ? 24  LYS A CB  1 
ATOM   189 C  CG  . LYS A 1 25 ? -6.271  -2.365  -16.383 1.00 25.86 ? 24  LYS A CG  1 
ATOM   190 N  N   . HIS A 1 26 ? -4.733  1.316   -13.709 1.00 19.65 ? 25  HIS A N   1 
ATOM   191 C  CA  . HIS A 1 26 ? -3.661  2.138   -13.171 1.00 20.05 ? 25  HIS A CA  1 
ATOM   192 C  C   . HIS A 1 26 ? -3.929  2.566   -11.752 1.00 17.73 ? 25  HIS A C   1 
ATOM   193 O  O   . HIS A 1 26 ? -3.171  3.354   -11.186 1.00 18.41 ? 25  HIS A O   1 
ATOM   194 C  CB  . HIS A 1 26 ? -3.410  3.349   -14.064 1.00 22.30 ? 25  HIS A CB  1 
ATOM   195 C  CG  . HIS A 1 26 ? -2.744  2.990   -15.352 1.00 29.52 ? 25  HIS A CG  1 
ATOM   196 N  ND1 . HIS A 1 26 ? -3.457  2.684   -16.488 1.00 33.26 ? 25  HIS A ND1 1 
ATOM   197 C  CD2 . HIS A 1 26 ? -1.438  2.825   -15.669 1.00 32.42 ? 25  HIS A CD2 1 
ATOM   198 C  CE1 . HIS A 1 26 ? -2.617  2.382   -17.464 1.00 35.82 ? 25  HIS A CE1 1 
ATOM   199 N  NE2 . HIS A 1 26 ? -1.385  2.458   -16.992 1.00 36.31 ? 25  HIS A NE2 1 
ATOM   200 N  N   . LYS A 1 27 ? -5.022  2.057   -11.184 1.00 17.07 ? 26  LYS A N   1 
ATOM   201 C  CA  . LYS A 1 27 ? -5.380  2.386   -9.804  1.00 15.61 ? 26  LYS A CA  1 
ATOM   202 C  C   . LYS A 1 27 ? -5.825  1.168   -9.049  1.00 14.66 ? 26  LYS A C   1 
ATOM   203 O  O   . LYS A 1 27 ? -6.378  0.220   -9.659  1.00 14.80 ? 26  LYS A O   1 
ATOM   204 C  CB  . LYS A 1 27 ? -6.470  3.467   -9.740  1.00 16.60 ? 26  LYS A CB  1 
ATOM   205 C  CG  . LYS A 1 27 ? -6.109  4.754   -10.470 1.00 16.74 ? 26  LYS A CG  1 
ATOM   206 C  CD  . LYS A 1 27 ? -7.252  5.761   -10.360 1.00 19.49 ? 26  LYS A CD  1 
ATOM   207 C  CE  . LYS A 1 27 ? -7.074  7.003   -11.249 1.00 20.64 ? 26  LYS A CE  1 
ATOM   208 N  NZ  . LYS A 1 27 ? -8.353  7.804   -11.260 1.00 27.03 ? 26  LYS A NZ  1 
ATOM   209 N  N   . LEU A 1 28 ? -5.587  1.224   -7.742  1.00 13.85 ? 27  LEU A N   1 
ATOM   210 C  CA  . LEU A 1 28 ? -6.058  0.236   -6.785  1.00 13.27 ? 27  LEU A CA  1 
ATOM   211 C  C   . LEU A 1 28 ? -7.419  0.608   -6.230  1.00 13.46 ? 27  LEU A C   1 
ATOM   212 O  O   . LEU A 1 28 ? -7.568  1.630   -5.566  1.00 14.01 ? 27  LEU A O   1 
ATOM   213 C  CB  . LEU A 1 28 ? -5.117  0.147   -5.594  1.00 13.15 ? 27  LEU A CB  1 
ATOM   214 C  CG  . LEU A 1 28 ? -3.670  -0.225  -5.885  1.00 12.58 ? 27  LEU A CG  1 
ATOM   215 C  CD1 . LEU A 1 28 ? -2.750  0.101   -4.697  1.00 14.00 ? 27  LEU A CD1 1 
ATOM   216 C  CD2 . LEU A 1 28 ? -3.474  -1.703  -6.274  1.00 14.48 ? 27  LEU A CD2 1 
ATOM   217 N  N   . LYS A 1 29 ? -8.433  -0.204  -6.499  1.00 13.55 ? 28  LYS A N   1 
ATOM   218 C  CA  . LYS A 1 29 ? -9.702  -0.103  -5.773  1.00 14.67 ? 28  LYS A CA  1 
ATOM   219 C  C   . LYS A 1 29 ? -9.549  -0.756  -4.393  1.00 14.14 ? 28  LYS A C   1 
ATOM   220 O  O   . LYS A 1 29 ? -8.528  -1.381  -4.099  1.00 13.35 ? 28  LYS A O   1 
ATOM   221 C  CB  . LYS A 1 29 ? -10.871 -0.719  -6.559  1.00 16.20 ? 28  LYS A CB  1 
ATOM   222 C  CG  . LYS A 1 29 ? -10.743 -2.207  -6.794  1.00 18.35 ? 28  LYS A CG  1 
ATOM   223 C  CD  . LYS A 1 29 ? -11.818 -2.724  -7.776  1.00 24.81 ? 28  LYS A CD  1 
ATOM   224 C  CE  . LYS A 1 29 ? -13.169 -2.907  -7.121  1.00 29.75 ? 28  LYS A CE  1 
ATOM   225 N  N   . LYS A 1 30 ? -10.569 -0.664  -3.560  1.00 14.10 ? 29  LYS A N   1 
ATOM   226 C  CA  . LYS A 1 30 ? -10.468 -1.192  -2.200  1.00 14.79 ? 29  LYS A CA  1 
ATOM   227 C  C   . LYS A 1 30 ? -10.011 -2.636  -2.140  1.00 13.80 ? 29  LYS A C   1 
ATOM   228 O  O   . LYS A 1 30 ? -9.124  -2.978  -1.348  1.00 14.37 ? 29  LYS A O   1 
ATOM   229 C  CB  . LYS A 1 30 ? -11.801 -1.051  -1.477  1.00 15.65 ? 29  LYS A CB  1 
ATOM   230 C  CG  . LYS A 1 30 ? -12.092 0.361   -0.985  1.00 17.01 ? 29  LYS A CG  1 
ATOM   231 C  CD  . LYS A 1 30 ? -13.491 0.435   -0.387  1.00 18.27 ? 29  LYS A CD  1 
ATOM   232 C  CE  . LYS A 1 30 ? -13.853 1.817   0.078   1.00 18.50 ? 29  LYS A CE  1 
ATOM   233 N  NZ  . LYS A 1 30 ? -15.219 1.804   0.602   1.00 22.30 ? 29  LYS A NZ  1 
ATOM   234 N  N   . SER A 1 31 ? -10.622 -3.516  -2.935  1.00 14.67 ? 30  SER A N   1 
ATOM   235 C  CA  . SER A 1 31 ? -10.289 -4.950  -2.854  1.00 15.75 ? 30  SER A CA  1 
ATOM   236 C  C   . SER A 1 31 ? -8.835  -5.186  -3.285  1.00 15.09 ? 30  SER A C   1 
ATOM   237 O  O   . SER A 1 31 ? -8.139  -6.012  -2.692  1.00 15.42 ? 30  SER A O   1 
ATOM   238 C  CB  . SER A 1 31 ? -11.254 -5.776  -3.710  1.00 18.55 ? 30  SER A CB  1 
ATOM   239 O  OG  . SER A 1 31 ? -11.174 -5.398  -5.059  1.00 20.24 ? 30  SER A OG  1 
ATOM   240 N  N   . GLU A 1 32 ? -8.362  -4.463  -4.302  1.00 13.98 ? 31  GLU A N   1 
ATOM   241 C  CA  . GLU A 1 32 ? -6.981  -4.619  -4.793  1.00 13.47 ? 31  GLU A CA  1 
ATOM   242 C  C   . GLU A 1 32 ? -6.014  -4.129  -3.741  1.00 12.28 ? 31  GLU A C   1 
ATOM   243 O  O   . GLU A 1 32 ? -4.990  -4.782  -3.471  1.00 12.82 ? 31  GLU A O   1 
ATOM   244 C  CB  . GLU A 1 32 ? -6.779  -3.831  -6.083  1.00 14.01 ? 31  GLU A CB  1 
ATOM   245 C  CG  . GLU A 1 32 ? -7.531  -4.407  -7.265  1.00 14.05 ? 31  GLU A CG  1 
ATOM   246 C  CD  . GLU A 1 32 ? -7.536  -3.477  -8.446  1.00 14.45 ? 31  GLU A CD  1 
ATOM   247 O  OE1 . GLU A 1 32 ? -7.445  -2.236  -8.267  1.00 15.58 ? 31  GLU A OE1 1 
ATOM   248 O  OE2 . GLU A 1 32 ? -7.690  -3.943  -9.603  1.00 15.65 ? 31  GLU A OE2 1 
ATOM   249 N  N   . LEU A 1 33 ? -6.335  -3.012  -3.087  1.00 12.54 ? 32  LEU A N   1 
ATOM   250 C  CA  . LEU A 1 33 ? -5.500  -2.486  -2.010  1.00 12.29 ? 32  LEU A CA  1 
ATOM   251 C  C   . LEU A 1 33 ? -5.438  -3.437  -0.822  1.00 11.68 ? 32  LEU A C   1 
ATOM   252 O  O   . LEU A 1 33 ? -4.344  -3.667  -0.260  1.00 12.25 ? 32  LEU A O   1 
ATOM   253 C  CB  . LEU A 1 33 ? -5.978  -1.091  -1.607  1.00 12.89 ? 32  LEU A CB  1 
ATOM   254 C  CG  . LEU A 1 33 ? -5.264  -0.397  -0.448  1.00 11.76 ? 32  LEU A CG  1 
ATOM   255 C  CD1 . LEU A 1 33 ? -3.793  -0.136  -0.711  1.00 14.00 ? 32  LEU A CD1 1 
ATOM   256 C  CD2 . LEU A 1 33 ? -6.014  0.896   -0.121  1.00 14.02 ? 32  LEU A CD2 1 
ATOM   257 N  N   . LYS A 1 34 ? -6.597  -3.959  -0.428  1.00 11.71 ? 33  LYS A N   1 
ATOM   258 C  CA  . LYS A 1 34 ? -6.650  -4.899  0.686   1.00 12.29 ? 33  LYS A CA  1 
ATOM   259 C  C   . LYS A 1 34 ? -5.741  -6.099  0.408   1.00 11.67 ? 33  LYS A C   1 
ATOM   260 O  O   . LYS A 1 34 ? -5.001  -6.540  1.292   1.00 12.70 ? 33  LYS A O   1 
ATOM   261 C  CB  . LYS A 1 34 ? -8.088  -5.351  0.888   1.00 13.34 ? 33  LYS A CB  1 
ATOM   262 C  CG  . LYS A 1 34 ? -8.254  -6.386  1.993   1.00 14.11 ? 33  LYS A CG  1 
ATOM   263 C  CD  . LYS A 1 34 ? -9.676  -6.901  2.088   1.00 15.35 ? 33  LYS A CD  1 
ATOM   264 C  CE  . LYS A 1 34 ? -9.835  -7.977  3.160   1.00 18.63 ? 33  LYS A CE  1 
ATOM   265 N  NZ  . LYS A 1 34 ? -11.234 -8.498  3.241   1.00 20.57 ? 33  LYS A NZ  1 
ATOM   266 N  N   . GLU A 1 35 ? -5.843  -6.686  -0.791  1.00 11.87 ? 34  GLU A N   1 
ATOM   267 C  CA  . GLU A 1 35 ? -5.055  -7.870  -1.122  1.00 11.81 ? 34  GLU A CA  1 
ATOM   268 C  C   . GLU A 1 35 ? -3.581  -7.525  -1.171  1.00 11.52 ? 34  GLU A C   1 
ATOM   269 O  O   . GLU A 1 35 ? -2.765  -8.330  -0.698  1.00 12.33 ? 34  GLU A O   1 
ATOM   270 C  CB  . GLU A 1 35 ? -5.522  -8.516  -2.442  1.00 12.99 ? 34  GLU A CB  1 
ATOM   271 C  CG  . GLU A 1 35 ? -6.972  -8.957  -2.491  1.00 14.08 ? 34  GLU A CG  1 
ATOM   272 C  CD  . GLU A 1 35 ? -7.363  -10.042 -1.529  1.00 14.93 ? 34  GLU A CD  1 
ATOM   273 O  OE1 . GLU A 1 35 ? -6.548  -10.538 -0.740  1.00 17.27 ? 34  GLU A OE1 1 
ATOM   274 O  OE2 . GLU A 1 35 ? -8.539  -10.455 -1.600  1.00 19.13 ? 34  GLU A OE2 1 
ATOM   275 N  N   . LEU A 1 36 ? -3.216  -6.346  -1.687  1.00 11.15 ? 35  LEU A N   1 
ATOM   276 C  CA  . LEU A 1 36 ? -1.825  -5.960  -1.718  1.00 11.18 ? 35  LEU A CA  1 
ATOM   277 C  C   . LEU A 1 36 ? -1.275  -5.933  -0.287  1.00 11.22 ? 35  LEU A C   1 
ATOM   278 O  O   . LEU A 1 36 ? -0.185  -6.463  0.005   1.00 11.39 ? 35  LEU A O   1 
ATOM   279 C  CB  . LEU A 1 36 ? -1.643  -4.623  -2.421  1.00 11.92 ? 35  LEU A CB  1 
ATOM   280 C  CG  . LEU A 1 36 ? -0.191  -4.155  -2.608  1.00 13.16 ? 35  LEU A CG  1 
ATOM   281 C  CD1 . LEU A 1 36 ? -0.113  -3.222  -3.815  1.00 13.87 ? 35  LEU A CD1 1 
ATOM   282 C  CD2 . LEU A 1 36 ? 0.388   -3.476  -1.365  1.00 13.58 ? 35  LEU A CD2 1 
ATOM   283 N  N   . ILE A 1 37 ? -1.998  -5.301  0.616   1.00 11.37 ? 36  ILE A N   1 
ATOM   284 C  CA  . ILE A 1 37 ? -1.533  -5.219  1.989   1.00 11.65 ? 36  ILE A CA  1 
ATOM   285 C  C   . ILE A 1 37 ? -1.447  -6.600  2.641   1.00 11.66 ? 36  ILE A C   1 
ATOM   286 O  O   . ILE A 1 37 ? -0.456  -6.936  3.343   1.00 11.82 ? 36  ILE A O   1 
ATOM   287 C  CB  . ILE A 1 37 ? -2.432  -4.265  2.786   1.00 11.81 ? 36  ILE A CB  1 
ATOM   288 C  CG1 . ILE A 1 37 ? -2.232  -2.831  2.291   1.00 12.33 ? 36  ILE A CG1 1 
ATOM   289 C  CG2 . ILE A 1 37 ? -2.169  -4.400  4.283   1.00 13.53 ? 36  ILE A CG2 1 
ATOM   290 C  CD1 . ILE A 1 37 ? -3.258  -1.838  2.777   1.00 14.12 ? 36  ILE A CD1 1 
ATOM   291 N  N   . ASN A 1 38 ? -2.511  -7.367  2.492   1.00 11.55 ? 37  ASN A N   1 
ATOM   292 C  CA  . ASN A 1 38 ? -2.571  -8.664  3.152   1.00 12.26 ? 37  ASN A CA  1 
ATOM   293 C  C   . ASN A 1 38 ? -1.540  -9.658  2.642   1.00 12.27 ? 37  ASN A C   1 
ATOM   294 O  O   . ASN A 1 38 ? -1.006  -10.453 3.416   1.00 13.72 ? 37  ASN A O   1 
ATOM   295 C  CB  . ASN A 1 38 ? -3.974  -9.269  3.081   1.00 12.94 ? 37  ASN A CB  1 
ATOM   296 C  CG  . ASN A 1 38 ? -4.973  -8.557  3.989   1.00 13.14 ? 37  ASN A CG  1 
ATOM   297 O  OD1 . ASN A 1 38 ? -6.212  -8.858  3.958   1.00 15.83 ? 37  ASN A OD1 1 
ATOM   298 N  ND2 . ASN A 1 38 ? -4.485  -7.691  4.840   1.00 12.09 ? 37  ASN A ND2 1 
ATOM   299 N  N   . ASN A 1 39 ? -1.263  -9.627  1.348   1.00 11.59 ? 38  ASN A N   1 
ATOM   300 C  CA  . ASN A 1 39 ? -0.338  -10.577 0.749   1.00 12.63 ? 38  ASN A CA  1 
ATOM   301 C  C   . ASN A 1 39 ? 1.087   -10.111 0.765   1.00 12.10 ? 38  ASN A C   1 
ATOM   302 O  O   . ASN A 1 39 ? 1.997   -10.951 0.822   1.00 13.96 ? 38  ASN A O   1 
ATOM   303 C  CB  . ASN A 1 39 ? -0.686  -10.878 -0.713  1.00 12.83 ? 38  ASN A CB  1 
ATOM   304 C  CG  . ASN A 1 39 ? -2.033  -11.525 -0.897  1.00 13.67 ? 38  ASN A CG  1 
ATOM   305 O  OD1 . ASN A 1 39 ? -2.556  -12.222 -0.012  1.00 15.17 ? 38  ASN A OD1 1 
ATOM   306 N  ND2 . ASN A 1 39 ? -2.609  -11.332 -2.085  1.00 13.86 ? 38  ASN A ND2 1 
ATOM   307 N  N   . GLU A 1 40 ? 1.319   -8.815  0.643   1.00 11.48 ? 39  GLU A N   1 
ATOM   308 C  CA  . GLU A 1 40 ? 2.647   -8.278  0.388   1.00 11.25 ? 39  GLU A CA  1 
ATOM   309 C  C   . GLU A 1 40 ? 3.261   -7.482  1.529   1.00 11.61 ? 39  GLU A C   1 
ATOM   310 O  O   . GLU A 1 40 ? 4.448   -7.162  1.444   1.00 13.36 ? 39  GLU A O   1 
ATOM   311 C  CB  . GLU A 1 40 ? 2.660   -7.420  -0.874  1.00 11.51 ? 39  GLU A CB  1 
ATOM   312 C  CG  . GLU A 1 40 ? 1.974   -8.082  -2.093  1.00 12.48 ? 39  GLU A CG  1 
ATOM   313 C  CD  . GLU A 1 40 ? 2.528   -9.429  -2.518  1.00 13.39 ? 39  GLU A CD  1 
ATOM   314 O  OE1 . GLU A 1 40 ? 3.663   -9.755  -2.193  1.00 14.59 ? 39  GLU A OE1 1 
ATOM   315 O  OE2 . GLU A 1 40 ? 1.781   -10.149 -3.229  1.00 14.90 ? 39  GLU A OE2 1 
ATOM   316 N  N   . LEU A 1 41 ? 2.464   -7.116  2.530   1.00 11.74 ? 40  LEU A N   1 
ATOM   317 C  CA  . LEU A 1 41 ? 2.955   -6.309  3.645   1.00 12.65 ? 40  LEU A CA  1 
ATOM   318 C  C   . LEU A 1 41 ? 2.702   -6.976  4.973   1.00 12.71 ? 40  LEU A C   1 
ATOM   319 O  O   . LEU A 1 41 ? 2.668   -6.302  6.014   1.00 15.11 ? 40  LEU A O   1 
ATOM   320 C  CB  . LEU A 1 41 ? 2.375   -4.895  3.607   1.00 13.10 ? 40  LEU A CB  1 
ATOM   321 C  CG  . LEU A 1 41 ? 2.879   -4.025  2.447   1.00 12.96 ? 40  LEU A CG  1 
ATOM   322 C  CD1 . LEU A 1 41 ? 2.041   -2.800  2.245   1.00 13.75 ? 40  LEU A CD1 1 
ATOM   323 C  CD2 . LEU A 1 41 ? 4.357   -3.657  2.648   1.00 14.82 ? 40  LEU A CD2 1 
ATOM   324 N  N   . SER A 1 42 ? 2.594   -8.300  4.978   1.00 13.78 ? 41  SER A N   1 
ATOM   325 C  CA  . SER A 1 42 ? 2.273   -9.051  6.201   1.00 15.56 ? 41  SER A CA  1 
ATOM   326 C  C   . SER A 1 42 ? 3.340   -8.966  7.282   1.00 16.23 ? 41  SER A C   1 
ATOM   327 O  O   . SER A 1 42 ? 3.019   -9.214  8.451   1.00 17.94 ? 41  SER A O   1 
ATOM   328 C  CB  . SER A 1 42 ? 1.977   -10.503 5.858   1.00 16.88 ? 41  SER A CB  1 
ATOM   329 O  OG  . SER A 1 42 ? 3.136   -11.175 5.490   1.00 18.44 ? 41  SER A OG  1 
ATOM   330 N  N   . HIS A 1 43 ? 4.571   -8.606  6.973   1.00 15.13 ? 42  HIS A N   1 
ATOM   331 C  CA  . HIS A 1 43 ? 5.539   -8.435  8.061   1.00 16.16 ? 42  HIS A CA  1 
ATOM   332 C  C   . HIS A 1 43 ? 5.505   -7.070  8.697   1.00 15.02 ? 42  HIS A C   1 
ATOM   333 O  O   . HIS A 1 43 ? 6.049   -6.905  9.793   1.00 16.26 ? 42  HIS A O   1 
ATOM   334 C  CB  . HIS A 1 43 ? 6.893   -8.820  7.596   1.00 18.17 ? 42  HIS A CB  1 
ATOM   335 C  CG  . HIS A 1 43 ? 6.911   -10.206 7.067   1.00 19.80 ? 42  HIS A CG  1 
ATOM   336 N  ND1 . HIS A 1 43 ? 7.105   -11.334 7.841   1.00 23.64 ? 42  HIS A ND1 1 
ATOM   337 C  CD2 . HIS A 1 43 ? 6.678   -10.641 5.813   1.00 18.16 ? 42  HIS A CD2 1 
ATOM   338 C  CE1 . HIS A 1 43 ? 7.030   -12.403 7.064   1.00 20.55 ? 42  HIS A CE1 1 
ATOM   339 N  NE2 . HIS A 1 43 ? 6.764   -12.009 5.832   1.00 23.05 ? 42  HIS A NE2 1 
ATOM   340 N  N   . PHE A 1 44 ? 4.886   -6.106  8.043   1.00 14.12 ? 43  PHE A N   1 
ATOM   341 C  CA  . PHE A 1 44 ? 4.870   -4.745  8.545   1.00 14.75 ? 43  PHE A CA  1 
ATOM   342 C  C   . PHE A 1 44 ? 3.521   -4.293  9.062   1.00 16.30 ? 43  PHE A C   1 
ATOM   343 O  O   . PHE A 1 44 ? 3.463   -3.319  9.813   1.00 17.96 ? 43  PHE A O   1 
ATOM   344 C  CB  . PHE A 1 44 ? 5.298   -3.753  7.462   1.00 15.48 ? 43  PHE A CB  1 
ATOM   345 C  CG  . PHE A 1 44 ? 6.737   -3.909  7.027   1.00 15.80 ? 43  PHE A CG  1 
ATOM   346 C  CD1 . PHE A 1 44 ? 7.740   -4.125  7.938   1.00 19.98 ? 43  PHE A CD1 1 
ATOM   347 C  CD2 . PHE A 1 44 ? 7.110   -3.814  5.711   1.00 16.94 ? 43  PHE A CD2 1 
ATOM   348 C  CE1 . PHE A 1 44 ? 9.091   -4.261  7.507   1.00 22.02 ? 43  PHE A CE1 1 
ATOM   349 C  CE2 . PHE A 1 44 ? 8.443   -3.971  5.315   1.00 18.70 ? 43  PHE A CE2 1 
ATOM   350 C  CZ  . PHE A 1 44 ? 9.408   -4.192  6.188   1.00 20.02 ? 43  PHE A CZ  1 
ATOM   351 N  N   . LEU A 1 45 ? 2.438   -4.940  8.610   1.00 15.40 ? 44  LEU A N   1 
ATOM   352 C  CA  . LEU A 1 45 ? 1.059   -4.501  8.923   1.00 16.31 ? 44  LEU A CA  1 
ATOM   353 C  C   . LEU A 1 45 ? 0.200   -5.702  9.253   1.00 16.58 ? 44  LEU A C   1 
ATOM   354 O  O   . LEU A 1 45 ? 0.274   -6.737  8.605   1.00 16.24 ? 44  LEU A O   1 
ATOM   355 C  CB  . LEU A 1 45 ? 0.434   -3.725  7.756   1.00 16.39 ? 44  LEU A CB  1 
ATOM   356 C  CG  . LEU A 1 45 ? 1.152   -2.424  7.357   1.00 17.14 ? 44  LEU A CG  1 
ATOM   357 C  CD1 . LEU A 1 45 ? 0.660   -1.920  6.013   1.00 19.04 ? 44  LEU A CD1 1 
ATOM   358 C  CD2 . LEU A 1 45 ? 0.996   -1.339  8.430   1.00 20.59 ? 44  LEU A CD2 1 
ATOM   359 N  N   . GLU A 1 46 ? -0.634  -5.547  10.271  1.00 17.96 ? 45  GLU A N   1 
ATOM   360 C  CA  . GLU A 1 46 ? -1.585  -6.600  10.608  1.00 18.54 ? 45  GLU A CA  1 
ATOM   361 C  C   . GLU A 1 46 ? -2.567  -6.830  9.452   1.00 17.10 ? 45  GLU A C   1 
ATOM   362 O  O   . GLU A 1 46 ? -2.998  -5.891  8.802   1.00 17.40 ? 45  GLU A O   1 
ATOM   363 C  CB  . GLU A 1 46 ? -2.349  -6.250  11.881  1.00 20.72 ? 45  GLU A CB  1 
ATOM   364 C  CG  . GLU A 1 46 ? -3.147  -7.413  12.455  1.00 24.36 ? 45  GLU A CG  1 
ATOM   365 N  N   . GLU A 1 47 ? -2.891  -8.087  9.214   1.00 17.03 ? 46  GLU A N   1 
ATOM   366 C  CA  . GLU A 1 47 ? -3.896  -8.467  8.240   1.00 16.65 ? 46  GLU A CA  1 
ATOM   367 C  C   . GLU A 1 47 ? -5.192  -7.667  8.406   1.00 15.21 ? 46  GLU A C   1 
ATOM   368 O  O   . GLU A 1 47 ? -5.713  -7.489  9.511   1.00 16.56 ? 46  GLU A O   1 
ATOM   369 C  CB  . GLU A 1 47 ? -4.176  -9.965  8.353   1.00 18.28 ? 46  GLU A CB  1 
ATOM   370 C  CG  . GLU A 1 47 ? -5.106  -10.472 7.258   1.00 21.33 ? 46  GLU A CG  1 
ATOM   371 C  CD  . GLU A 1 47 ? -5.451  -11.926 7.377   1.00 26.32 ? 46  GLU A CD  1 
ATOM   372 O  OE1 . GLU A 1 47 ? -4.820  -12.613 8.195   1.00 29.31 ? 46  GLU A OE1 1 
ATOM   373 O  OE2 . GLU A 1 47 ? -6.350  -12.368 6.638   1.00 28.93 ? 46  GLU A OE2 1 
ATOM   374 N  N   . ILE A 1 48 ? -5.721  -7.199  7.295   1.00 14.20 ? 47  ILE A N   1 
ATOM   375 C  CA  . ILE A 1 48 ? -6.996  -6.468  7.298   1.00 14.06 ? 47  ILE A CA  1 
ATOM   376 C  C   . ILE A 1 48 ? -8.124  -7.461  7.145   1.00 14.02 ? 47  ILE A C   1 
ATOM   377 O  O   . ILE A 1 48 ? -8.148  -8.215  6.148   1.00 14.84 ? 47  ILE A O   1 
ATOM   378 C  CB  . ILE A 1 48 ? -7.032  -5.470  6.154   1.00 13.88 ? 47  ILE A CB  1 
ATOM   379 C  CG1 . ILE A 1 48 ? -5.911  -4.438  6.294   1.00 14.85 ? 47  ILE A CG1 1 
ATOM   380 C  CG2 . ILE A 1 48 ? -8.416  -4.787  6.120   1.00 15.50 ? 47  ILE A CG2 1 
ATOM   381 C  CD1 . ILE A 1 48 ? -5.801  -3.494  5.104   1.00 16.24 ? 47  ILE A CD1 1 
ATOM   382 N  N   . LYS A 1 49 ? -9.035  -7.502  8.120   1.00 14.46 ? 48  LYS A N   1 
ATOM   383 C  CA  . LYS A 1 49 ? -10.141 -8.470  8.137   1.00 16.22 ? 48  LYS A CA  1 
ATOM   384 C  C   . LYS A 1 49 ? -11.488 -7.774  8.262   1.00 16.26 ? 48  LYS A C   1 
ATOM   385 O  O   . LYS A 1 49 ? -12.498 -8.446  8.398   1.00 18.83 ? 48  LYS A O   1 
ATOM   386 C  CB  . LYS A 1 49 ? -9.980  -9.433  9.343   1.00 18.87 ? 48  LYS A CB  1 
ATOM   387 C  CG  . LYS A 1 49 ? -8.749  -10.315 9.333   1.00 21.34 ? 48  LYS A CG  1 
ATOM   388 C  CD  . LYS A 1 49 ? -8.692  -11.146 10.609  1.00 25.94 ? 48  LYS A CD  1 
ATOM   389 C  CE  . LYS A 1 49 ? -7.565  -12.158 10.545  1.00 30.55 ? 48  LYS A CE  1 
ATOM   390 N  NZ  . LYS A 1 49 ? -7.676  -13.168 11.638  1.00 34.56 ? 48  LYS A NZ  1 
ATOM   391 N  N   . GLU A 1 50 ? -11.526 -6.457  8.350   1.00 16.92 ? 49  GLU A N   1 
ATOM   392 C  CA  . GLU A 1 50 ? -12.766 -5.713  8.588   1.00 17.59 ? 49  GLU A CA  1 
ATOM   393 C  C   . GLU A 1 50 ? -12.945 -4.646  7.516   1.00 16.79 ? 49  GLU A C   1 
ATOM   394 O  O   . GLU A 1 50 ? -12.000 -3.903  7.202   1.00 16.47 ? 49  GLU A O   1 
ATOM   395 C  CB  . GLU A 1 50 ? -12.730 -5.046  9.970   1.00 19.06 ? 49  GLU A CB  1 
ATOM   396 C  CG  . GLU A 1 50 ? -12.753 -5.997  11.213  1.00 23.69 ? 49  GLU A CG  1 
ATOM   397 C  CD  . GLU A 1 50 ? -11.397 -6.175  11.975  1.00 26.50 ? 49  GLU A CD  1 
ATOM   398 O  OE1 . GLU A 1 50 ? -10.672 -5.171  12.194  1.00 25.07 ? 49  GLU A OE1 1 
ATOM   399 O  OE2 . GLU A 1 50 ? -11.059 -7.324  12.386  1.00 30.05 ? 49  GLU A OE2 1 
ATOM   400 N  N   . GLN A 1 51 ? -14.162 -4.506  7.011   1.00 16.81 ? 50  GLN A N   1 
ATOM   401 C  CA  . GLN A 1 51 ? -14.479 -3.476  6.038   1.00 16.20 ? 50  GLN A CA  1 
ATOM   402 C  C   . GLN A 1 51 ? -14.110 -2.097  6.545   1.00 15.73 ? 50  GLN A C   1 
ATOM   403 O  O   . GLN A 1 51 ? -13.620 -1.302  5.771   1.00 15.26 ? 50  GLN A O   1 
ATOM   404 C  CB  . GLN A 1 51 ? -15.976 -3.520  5.714   1.00 18.22 ? 50  GLN A CB  1 
ATOM   405 C  CG  . GLN A 1 51 ? -16.381 -2.599  4.569   1.00 19.65 ? 50  GLN A CG  1 
ATOM   406 C  CD  . GLN A 1 51 ? -15.828 -3.081  3.250   1.00 22.13 ? 50  GLN A CD  1 
ATOM   407 O  OE1 . GLN A 1 51 ? -16.067 -4.230  2.853   1.00 24.45 ? 50  GLN A OE1 1 
ATOM   408 N  NE2 . GLN A 1 51 ? -15.069 -2.226  2.554   1.00 18.95 ? 50  GLN A NE2 1 
ATOM   409 N  N   . GLU A 1 52 ? -14.334 -1.820  7.831   1.00 15.48 ? 51  GLU A N   1 
ATOM   410 C  CA  . GLU A 1 52 ? -14.004 -0.493  8.333   1.00 16.71 ? 51  GLU A CA  1 
ATOM   411 C  C   . GLU A 1 52 ? -12.545 -0.122  8.192   1.00 15.68 ? 51  GLU A C   1 
ATOM   412 O  O   . GLU A 1 52 ? -12.231 1.040   7.944   1.00 16.03 ? 51  GLU A O   1 
ATOM   413 C  CB  . GLU A 1 52 ? -14.518 -0.255  9.748   1.00 19.86 ? 51  GLU A CB  1 
ATOM   414 C  CG  . GLU A 1 52 ? -14.123 -1.163  10.837  1.00 24.62 ? 51  GLU A CG  1 
ATOM   415 C  CD  . GLU A 1 52 ? -14.945 -0.838  12.066  1.00 30.60 ? 51  GLU A CD  1 
ATOM   416 O  OE1 . GLU A 1 52 ? -15.982 -1.504  12.278  1.00 32.55 ? 51  GLU A OE1 1 
ATOM   417 O  OE2 . GLU A 1 52 ? -14.608 0.141   12.762  1.00 32.58 ? 51  GLU A OE2 1 
ATOM   418 N  N   . VAL A 1 53 ? -11.672 -1.126  8.319   1.00 15.03 ? 52  VAL A N   1 
ATOM   419 C  CA  . VAL A 1 53 ? -10.262 -0.892  8.201   1.00 15.10 ? 52  VAL A CA  1 
ATOM   420 C  C   . VAL A 1 53 ? -9.896  -0.674  6.732   1.00 14.41 ? 52  VAL A C   1 
ATOM   421 O  O   . VAL A 1 53 ? -9.115  0.224   6.438   1.00 14.51 ? 52  VAL A O   1 
ATOM   422 C  CB  . VAL A 1 53 ? -9.445  -2.011  8.845   1.00 14.97 ? 52  VAL A CB  1 
ATOM   423 C  CG1 . VAL A 1 53 ? -7.977  -1.796  8.585   1.00 16.15 ? 52  VAL A CG1 1 
ATOM   424 C  CG2 . VAL A 1 53 ? -9.723  -2.032  10.339  1.00 17.78 ? 52  VAL A CG2 1 
ATOM   425 N  N   . VAL A 1 54 ? -10.436 -1.493  5.823   1.00 14.58 ? 53  VAL A N   1 
ATOM   426 C  CA  . VAL A 1 54 ? -10.265 -1.245  4.376   1.00 14.83 ? 53  VAL A CA  1 
ATOM   427 C  C   . VAL A 1 54 ? -10.669 0.215   4.038   1.00 13.78 ? 53  VAL A C   1 
ATOM   428 O  O   . VAL A 1 54 ? -9.956  0.942   3.335   1.00 13.77 ? 53  VAL A O   1 
ATOM   429 C  CB  . VAL A 1 54 ? -11.150 -2.235  3.512   1.00 15.59 ? 53  VAL A CB  1 
ATOM   430 C  CG1 . VAL A 1 54 ? -11.082 -1.902  2.035   1.00 18.63 ? 53  VAL A CG1 1 
ATOM   431 C  CG2 . VAL A 1 54 ? -10.762 -3.671  3.746   1.00 17.23 ? 53  VAL A CG2 1 
ATOM   432 N  N   . ASP A 1 55 ? -11.836 0.614   4.547   1.00 13.06 ? 54  ASP A N   1 
ATOM   433 C  CA  . ASP A 1 55 ? -12.362 1.912   4.233   1.00 13.78 ? 54  ASP A CA  1 
ATOM   434 C  C   . ASP A 1 55 ? -11.430 2.993   4.778   1.00 13.69 ? 54  ASP A C   1 
ATOM   435 O  O   . ASP A 1 55 ? -11.160 3.958   4.083   1.00 14.16 ? 54  ASP A O   1 
ATOM   436 C  CB  . ASP A 1 55 ? -13.761 2.071   4.841   1.00 14.59 ? 54  ASP A CB  1 
ATOM   437 C  CG  . ASP A 1 55 ? -14.812 1.170   4.195   1.00 13.81 ? 54  ASP A CG  1 
ATOM   438 O  OD1 . ASP A 1 55 ? -14.559 0.588   3.122   1.00 14.71 ? 54  ASP A OD1 1 
ATOM   439 O  OD2 . ASP A 1 55 ? -15.910 1.077   4.784   1.00 16.53 ? 54  ASP A OD2 1 
ATOM   440 N  N   . LYS A 1 56 ? -10.961 2.848   6.014   1.00 14.72 ? 55  LYS A N   1 
ATOM   441 C  CA  . LYS A 1 56 ? -10.100 3.864   6.588   1.00 16.01 ? 55  LYS A CA  1 
ATOM   442 C  C   . LYS A 1 56 ? -8.751  3.945   5.899   1.00 14.96 ? 55  LYS A C   1 
ATOM   443 O  O   . LYS A 1 56 ? -8.222  5.030   5.705   1.00 15.81 ? 55  LYS A O   1 
ATOM   444 C  CB  . LYS A 1 56 ? -9.910  3.631   8.086   1.00 17.51 ? 55  LYS A CB  1 
ATOM   445 C  CG  . LYS A 1 56 ? -9.319  4.804   8.848   1.00 21.13 ? 55  LYS A CG  1 
ATOM   446 C  CD  . LYS A 1 56 ? -10.104 6.106   8.661   1.00 25.03 ? 55  LYS A CD  1 
ATOM   447 C  CE  . LYS A 1 56 ? -11.467 6.084   9.336   1.00 26.23 ? 55  LYS A CE  1 
ATOM   448 N  N   . VAL A 1 57 ? -8.191  2.811   5.515   1.00 14.73 ? 56  VAL A N   1 
ATOM   449 C  CA  . VAL A 1 57 ? -6.911  2.849   4.823   1.00 15.24 ? 56  VAL A CA  1 
ATOM   450 C  C   . VAL A 1 57 ? -7.078  3.553   3.486   1.00 14.11 ? 56  VAL A C   1 
ATOM   451 O  O   . VAL A 1 57 ? -6.263  4.419   3.149   1.00 15.16 ? 56  VAL A O   1 
ATOM   452 C  CB  . VAL A 1 57 ? -6.288  1.430   4.635   1.00 15.46 ? 56  VAL A CB  1 
ATOM   453 C  CG1 . VAL A 1 57 ? -4.999  1.519   3.863   1.00 18.90 ? 56  VAL A CG1 1 
ATOM   454 C  CG2 . VAL A 1 57 ? -6.047  0.723   5.994   1.00 17.53 ? 56  VAL A CG2 1 
ATOM   455 N  N   . MET A 1 58 ? -8.110  3.181   2.732   1.00 14.08 ? 57  MET A N   1 
ATOM   456 C  CA  . MET A 1 58 ? -8.341  3.898   1.460   1.00 13.58 ? 57  MET A CA  1 
ATOM   457 C  C   . MET A 1 58 ? -8.565  5.379   1.665   1.00 14.52 ? 57  MET A C   1 
ATOM   458 O  O   . MET A 1 58 ? -8.013  6.206   0.951   1.00 14.62 ? 57  MET A O   1 
ATOM   459 C  CB  . MET A 1 58 ? -9.500  3.301   0.666   1.00 13.72 ? 57  MET A CB  1 
ATOM   460 C  CG  . MET A 1 58 ? -9.765  4.040   -0.641  1.00 13.81 ? 57  MET A CG  1 
ATOM   461 S  SD  . MET A 1 58 ? -8.402  3.863   -1.872  1.00 14.18 ? 57  MET A SD  1 
ATOM   462 C  CE  . MET A 1 58 ? -8.750  2.248   -2.550  1.00 16.41 ? 57  MET A CE  1 
ATOM   463 N  N   . GLU A 1 59 ? -9.365  5.741   2.664   1.00 14.31 ? 58  GLU A N   1 
ATOM   464 C  CA  . GLU A 1 59 ? -9.624  7.154   2.903   1.00 15.40 ? 58  GLU A CA  1 
ATOM   465 C  C   . GLU A 1 59 ? -8.323  7.895   3.222   1.00 15.71 ? 58  GLU A C   1 
ATOM   466 O  O   . GLU A 1 59 ? -8.127  9.031   2.784   1.00 17.44 ? 58  GLU A O   1 
ATOM   467 C  CB  . GLU A 1 59 ? -10.622 7.274   4.057   1.00 17.09 ? 58  GLU A CB  1 
ATOM   468 C  CG  . GLU A 1 59 ? -11.013 8.688   4.475   1.00 20.05 ? 58  GLU A CG  1 
ATOM   469 C  CD  . GLU A 1 59 ? -11.902 8.737   5.719   1.00 24.97 ? 58  GLU A CD  1 
ATOM   470 O  OE1 . GLU A 1 59 ? -12.390 7.698   6.207   1.00 27.71 ? 58  GLU A OE1 1 
ATOM   471 N  N   . THR A 1 60 ? -7.440  7.244   3.974   1.00 16.43 ? 59  THR A N   1 
ATOM   472 C  CA  . THR A 1 60 ? -6.154  7.828   4.356   1.00 17.10 ? 59  THR A CA  1 
ATOM   473 C  C   . THR A 1 60 ? -5.248  8.036   3.133   1.00 16.67 ? 59  THR A C   1 
ATOM   474 O  O   . THR A 1 60 ? -4.601  9.077   2.982   1.00 18.11 ? 59  THR A O   1 
ATOM   475 C  CB  . THR A 1 60 ? -5.465  6.948   5.398   1.00 18.07 ? 59  THR A CB  1 
ATOM   476 O  OG1 . THR A 1 60 ? -6.300  6.871   6.564   1.00 20.49 ? 59  THR A OG1 1 
ATOM   477 C  CG2 . THR A 1 60 ? -4.093  7.489   5.772   1.00 20.38 ? 59  THR A CG2 1 
ATOM   478 N  N   . LEU A 1 61 ? -5.209  7.044   2.254   1.00 14.81 ? 60  LEU A N   1 
ATOM   479 C  CA  . LEU A 1 61 ? -4.309  7.088   1.098   1.00 15.32 ? 60  LEU A CA  1 
ATOM   480 C  C   . LEU A 1 61 ? -4.843  7.862   -0.100  1.00 15.41 ? 60  LEU A C   1 
ATOM   481 O  O   . LEU A 1 61 ? -4.054  8.326   -0.909  1.00 15.69 ? 60  LEU A O   1 
ATOM   482 C  CB  . LEU A 1 61 ? -3.928  5.673   0.671   1.00 15.61 ? 60  LEU A CB  1 
ATOM   483 C  CG  . LEU A 1 61 ? -3.266  4.790   1.729   1.00 16.23 ? 60  LEU A CG  1 
ATOM   484 C  CD1 . LEU A 1 61 ? -2.888  3.454   1.101   1.00 17.28 ? 60  LEU A CD1 1 
ATOM   485 C  CD2 . LEU A 1 61 ? -2.052  5.514   2.352   1.00 17.34 ? 60  LEU A CD2 1 
ATOM   486 N  N   . ASP A 1 62 ? -6.161  7.999   -0.211  1.00 15.29 ? 61  ASP A N   1 
ATOM   487 C  CA  . ASP A 1 62 ? -6.784  8.588   -1.396  1.00 15.06 ? 61  ASP A CA  1 
ATOM   488 C  C   . ASP A 1 62 ? -6.783  10.107  -1.289  1.00 15.82 ? 61  ASP A C   1 
ATOM   489 O  O   . ASP A 1 62 ? -7.822  10.759  -1.103  1.00 17.32 ? 61  ASP A O   1 
ATOM   490 C  CB  . ASP A 1 62 ? -8.205  8.031   -1.547  1.00 15.06 ? 61  ASP A CB  1 
ATOM   491 C  CG  . ASP A 1 62 ? -8.945  8.659   -2.685  1.00 14.88 ? 61  ASP A CG  1 
ATOM   492 O  OD1 . ASP A 1 62 ? -8.309  9.052   -3.685  1.00 15.31 ? 61  ASP A OD1 1 
ATOM   493 O  OD2 . ASP A 1 62 ? -10.179 8.729   -2.605  1.00 17.24 ? 61  ASP A OD2 1 
ATOM   494 N  N   . SER A 1 63 ? -5.605  10.688  -1.483  1.00 17.24 ? 62  SER A N   1 
ATOM   495 C  CA  . SER A 1 63 ? -5.425  12.126  -1.330  1.00 19.21 ? 62  SER A CA  1 
ATOM   496 C  C   . SER A 1 63 ? -6.244  12.938  -2.312  1.00 19.51 ? 62  SER A C   1 
ATOM   497 O  O   . SER A 1 63 ? -6.667  14.057  -1.966  1.00 21.56 ? 62  SER A O   1 
ATOM   498 C  CB  . SER A 1 63 ? -3.953  12.494  -1.459  1.00 20.87 ? 62  SER A CB  1 
ATOM   499 O  OG  . SER A 1 63 ? -3.213  11.966  -0.387  1.00 25.44 ? 62  SER A OG  1 
ATOM   500 N  N   . ASN A 1 64 ? -6.471  12.442  -3.533  1.00 19.17 ? 63  ASN A N   1 
ATOM   501 C  CA  . ASN A 1 64 ? -7.241  13.226  -4.510  1.00 21.06 ? 63  ASN A CA  1 
ATOM   502 C  C   . ASN A 1 64 ? -8.750  12.979  -4.491  1.00 21.40 ? 63  ASN A C   1 
ATOM   503 O  O   . ASN A 1 64 ? -9.482  13.608  -5.250  1.00 22.05 ? 63  ASN A O   1 
ATOM   504 C  CB  . ASN A 1 64 ? -6.697  13.075  -5.945  1.00 22.12 ? 63  ASN A CB  1 
ATOM   505 C  CG  . ASN A 1 64 ? -7.192  11.817  -6.648  1.00 23.08 ? 63  ASN A CG  1 
ATOM   506 O  OD1 . ASN A 1 64 ? -7.544  10.847  -6.016  1.00 20.36 ? 63  ASN A OD1 1 
ATOM   507 N  ND2 . ASN A 1 64 ? -7.219  11.843  -7.968  1.00 24.98 ? 63  ASN A ND2 1 
ATOM   508 N  N   . GLY A 1 65 ? -9.220  12.073  -3.637  1.00 17.80 ? 64  GLY A N   1 
ATOM   509 C  CA  . GLY A 1 65 ? -10.650 11.849  -3.404  1.00 19.06 ? 64  GLY A CA  1 
ATOM   510 C  C   . GLY A 1 65 ? -11.424 11.086  -4.461  1.00 18.94 ? 64  GLY A C   1 
ATOM   511 O  O   . GLY A 1 65 ? -12.648 11.107  -4.455  1.00 20.71 ? 64  GLY A O   1 
ATOM   512 N  N   . ASP A 1 66 ? -10.744 10.415  -5.371  1.00 18.51 ? 65  ASP A N   1 
ATOM   513 C  CA  . ASP A 1 66 ? -11.426 9.691   -6.433  1.00 18.89 ? 65  ASP A CA  1 
ATOM   514 C  C   . ASP A 1 66 ? -11.810 8.249   -6.067  1.00 18.69 ? 65  ASP A C   1 
ATOM   515 O  O   . ASP A 1 66 ? -12.337 7.519   -6.912  1.00 19.58 ? 65  ASP A O   1 
ATOM   516 C  CB  . ASP A 1 66 ? -10.660 9.750   -7.762  1.00 18.65 ? 65  ASP A CB  1 
ATOM   517 C  CG  . ASP A 1 66 ? -9.359  8.976   -7.746  1.00 17.63 ? 65  ASP A CG  1 
ATOM   518 O  OD1 . ASP A 1 66 ? -9.030  8.282   -6.740  1.00 17.42 ? 65  ASP A OD1 1 
ATOM   519 O  OD2 . ASP A 1 66 ? -8.625  9.103   -8.759  1.00 19.32 ? 65  ASP A OD2 1 
ATOM   520 N  N   . GLY A 1 67 ? -11.587 7.857   -4.814  1.00 18.22 ? 66  GLY A N   1 
ATOM   521 C  CA  . GLY A 1 67 ? -12.027 6.534   -4.351  1.00 18.26 ? 66  GLY A CA  1 
ATOM   522 C  C   . GLY A 1 67 ? -11.062 5.394   -4.656  1.00 16.99 ? 66  GLY A C   1 
ATOM   523 O  O   . GLY A 1 67 ? -11.305 4.246   -4.278  1.00 18.85 ? 66  GLY A O   1 
ATOM   524 N  N   . GLU A 1 68 ? -9.950  5.695   -5.325  1.00 15.85 ? 67  GLU A N   1 
ATOM   525 C  CA  . GLU A 1 68 ? -8.936  4.674   -5.625  1.00 15.52 ? 67  GLU A CA  1 
ATOM   526 C  C   . GLU A 1 68 ? -7.573  5.185   -5.260  1.00 14.72 ? 67  GLU A C   1 
ATOM   527 O  O   . GLU A 1 68 ? -7.387  6.394   -5.073  1.00 15.19 ? 67  GLU A O   1 
ATOM   528 C  CB  . GLU A 1 68 ? -8.978  4.245   -7.102  1.00 17.08 ? 67  GLU A CB  1 
ATOM   529 C  CG  . GLU A 1 68 ? -10.357 3.698   -7.516  1.00 20.05 ? 67  GLU A CG  1 
ATOM   530 C  CD  . GLU A 1 68 ? -10.310 2.690   -8.650  1.00 22.27 ? 67  GLU A CD  1 
ATOM   531 O  OE1 . GLU A 1 68 ? -9.291  2.031   -8.848  1.00 23.12 ? 67  GLU A OE1 1 
ATOM   532 O  OE2 . GLU A 1 68 ? -11.346 2.516   -9.311  1.00 28.24 ? 67  GLU A OE2 1 
ATOM   533 N  N   . CYS A 1 69 ? -6.610  4.263   -5.149  1.00 14.00 ? 68  CYS A N   1 
ATOM   534 C  CA  . CYS A 1 69 ? -5.235  4.651   -4.845  1.00 12.79 ? 68  CYS A CA  1 
ATOM   535 C  C   . CYS A 1 69 ? -4.412  4.564   -6.128  1.00 12.46 ? 68  CYS A C   1 
ATOM   536 O  O   . CYS A 1 69 ? -4.188  3.453   -6.661  1.00 13.56 ? 68  CYS A O   1 
ATOM   537 C  CB  . CYS A 1 69 ? -4.672  3.698   -3.782  1.00 13.03 ? 68  CYS A CB  1 
ATOM   538 S  SG  . CYS A 1 69 ? -2.984  4.087   -3.255  1.00 13.67 ? 68  CYS A SG  1 
ATOM   539 N  N   . ASP A 1 70 ? -3.934  5.710   -6.638  1.00 13.16 ? 69  ASP A N   1 
ATOM   540 C  CA  . ASP A 1 70 ? -3.113  5.721   -7.848  1.00 13.53 ? 69  ASP A CA  1 
ATOM   541 C  C   . ASP A 1 70 ? -1.637  5.532   -7.484  1.00 13.29 ? 69  ASP A C   1 
ATOM   542 O  O   . ASP A 1 70 ? -1.293  5.281   -6.315  1.00 13.48 ? 69  ASP A O   1 
ATOM   543 C  CB  . ASP A 1 70 ? -3.387  6.974   -8.688  1.00 14.90 ? 69  ASP A CB  1 
ATOM   544 C  CG  . ASP A 1 70 ? -3.016  8.256   -7.976  1.00 14.83 ? 69  ASP A CG  1 
ATOM   545 O  OD1 . ASP A 1 70 ? -2.119  8.287   -7.106  1.00 15.96 ? 69  ASP A OD1 1 
ATOM   546 O  OD2 . ASP A 1 70 ? -3.650  9.264   -8.331  1.00 17.01 ? 69  ASP A OD2 1 
ATOM   547 N  N   . PHE A 1 71 ? -0.782  5.590   -8.492  1.00 13.64 ? 70  PHE A N   1 
ATOM   548 C  CA  . PHE A 1 71 ? 0.594   5.268   -8.234  1.00 14.30 ? 70  PHE A CA  1 
ATOM   549 C  C   . PHE A 1 71 ? 1.285   6.294   -7.330  1.00 13.79 ? 70  PHE A C   1 
ATOM   550 O  O   . PHE A 1 71 ? 2.095   5.919   -6.485  1.00 14.17 ? 70  PHE A O   1 
ATOM   551 C  CB  . PHE A 1 71 ? 1.386   5.103   -9.522  1.00 15.70 ? 70  PHE A CB  1 
ATOM   552 C  CG  . PHE A 1 71 ? 2.775   4.608   -9.282  1.00 17.29 ? 70  PHE A CG  1 
ATOM   553 C  CD1 . PHE A 1 71 ? 2.972   3.287   -8.845  1.00 19.10 ? 70  PHE A CD1 1 
ATOM   554 C  CD2 . PHE A 1 71 ? 3.882   5.456   -9.408  1.00 18.66 ? 70  PHE A CD2 1 
ATOM   555 C  CE1 . PHE A 1 71 ? 4.224   2.780   -8.580  1.00 20.63 ? 70  PHE A CE1 1 
ATOM   556 C  CE2 . PHE A 1 71 ? 5.170   4.967   -9.149  1.00 18.64 ? 70  PHE A CE2 1 
ATOM   557 C  CZ  . PHE A 1 71 ? 5.342   3.603   -8.743  1.00 21.06 ? 70  PHE A CZ  1 
ATOM   558 N  N   . GLN A 1 72 ? 0.915   7.572   -7.480  1.00 15.27 ? 71  GLN A N   1 
ATOM   559 C  CA  . GLN A 1 72 ? 1.475   8.591   -6.607  1.00 15.90 ? 71  GLN A CA  1 
ATOM   560 C  C   . GLN A 1 72 ? 1.070   8.356   -5.155  1.00 14.23 ? 71  GLN A C   1 
ATOM   561 O  O   . GLN A 1 72 ? 1.879   8.457   -4.223  1.00 13.55 ? 71  GLN A O   1 
ATOM   562 C  CB  . GLN A 1 72 ? 1.041   9.999   -7.034  1.00 17.02 ? 71  GLN A CB  1 
ATOM   563 C  CG  . GLN A 1 72 ? 1.704   10.554  -8.248  1.00 22.71 ? 71  GLN A CG  1 
ATOM   564 C  CD  . GLN A 1 72 ? 3.199   10.324  -8.268  1.00 25.05 ? 71  GLN A CD  1 
ATOM   565 O  OE1 . GLN A 1 72 ? 3.693   9.649   -9.161  1.00 25.37 ? 71  GLN A OE1 1 
ATOM   566 N  NE2 . GLN A 1 72 ? 3.931   10.896  -7.300  1.00 26.22 ? 71  GLN A NE2 1 
ATOM   567 N  N   . GLU A 1 73 ? -0.196  8.029   -4.962  1.00 13.20 ? 72  GLU A N   1 
ATOM   568 C  CA  . GLU A 1 73 ? -0.727  7.809   -3.632  1.00 12.81 ? 72  GLU A CA  1 
ATOM   569 C  C   . GLU A 1 73 ? -0.129  6.515   -3.037  1.00 12.52 ? 72  GLU A C   1 
ATOM   570 O  O   . GLU A 1 73 ? 0.130   6.455   -1.832  1.00 13.07 ? 72  GLU A O   1 
ATOM   571 C  CB  . GLU A 1 73 ? -2.250  7.715   -3.709  1.00 13.66 ? 72  GLU A CB  1 
ATOM   572 C  CG  . GLU A 1 73 ? -2.893  9.077   -4.030  1.00 14.81 ? 72  GLU A CG  1 
ATOM   573 C  CD  . GLU A 1 73 ? -4.317  8.955   -4.516  1.00 14.65 ? 72  GLU A CD  1 
ATOM   574 O  OE1 . GLU A 1 73 ? -4.766  7.859   -4.948  1.00 14.68 ? 72  GLU A OE1 1 
ATOM   575 O  OE2 . GLU A 1 73 ? -5.057  9.974   -4.509  1.00 15.95 ? 72  GLU A OE2 1 
ATOM   576 N  N   . PHE A 1 74 ? 0.133   5.515   -3.876  1.00 12.07 ? 73  PHE A N   1 
ATOM   577 C  CA  . PHE A 1 74 ? 0.834   4.315   -3.442  1.00 12.25 ? 73  PHE A CA  1 
ATOM   578 C  C   . PHE A 1 74 ? 2.260   4.626   -3.004  1.00 12.87 ? 73  PHE A C   1 
ATOM   579 O  O   . PHE A 1 74 ? 2.736   4.115   -1.976  1.00 12.73 ? 73  PHE A O   1 
ATOM   580 C  CB  . PHE A 1 74 ? 0.822   3.265   -4.548  1.00 13.57 ? 73  PHE A CB  1 
ATOM   581 C  CG  . PHE A 1 74 ? 1.607   2.037   -4.213  1.00 13.19 ? 73  PHE A CG  1 
ATOM   582 C  CD1 . PHE A 1 74 ? 1.149   1.142   -3.248  1.00 14.86 ? 73  PHE A CD1 1 
ATOM   583 C  CD2 . PHE A 1 74 ? 2.806   1.767   -4.843  1.00 15.58 ? 73  PHE A CD2 1 
ATOM   584 C  CE1 . PHE A 1 74 ? 1.865   0.014   -2.924  1.00 16.84 ? 73  PHE A CE1 1 
ATOM   585 C  CE2 . PHE A 1 74 ? 3.534   0.639   -4.512  1.00 16.21 ? 73  PHE A CE2 1 
ATOM   586 C  CZ  . PHE A 1 74 ? 3.033   -0.245  -3.553  1.00 16.52 ? 73  PHE A CZ  1 
ATOM   587 N  N   . MET A 1 75 ? 2.974   5.432   -3.770  1.00 13.14 ? 74  MET A N   1 
ATOM   588 C  CA  . MET A 1 75 ? 4.325   5.823   -3.357  1.00 13.49 ? 74  MET A CA  1 
ATOM   589 C  C   . MET A 1 75 ? 4.299   6.534   -2.015  1.00 13.26 ? 74  MET A C   1 
ATOM   590 O  O   . MET A 1 75 ? 5.213   6.365   -1.210  1.00 13.25 ? 74  MET A O   1 
ATOM   591 C  CB  . MET A 1 75 ? 5.022   6.684   -4.427  1.00 15.11 ? 74  MET A CB  1 
ATOM   592 C  CG  . MET A 1 75 ? 5.434   5.882   -5.616  1.00 18.33 ? 74  MET A CG  1 
ATOM   593 S  SD  . MET A 1 75 ? 6.563   4.492   -5.259  1.00 20.31 ? 74  MET A SD  1 
ATOM   594 C  CE  . MET A 1 75 ? 7.889   5.285   -4.335  1.00 20.31 ? 74  MET A CE  1 
ATOM   595 N  N   . ALA A 1 76 ? 3.305   7.385   -1.758  1.00 12.88 ? 75  ALA A N   1 
ATOM   596 C  CA  . ALA A 1 76 ? 3.215   8.049   -0.468  1.00 12.95 ? 75  ALA A CA  1 
ATOM   597 C  C   . ALA A 1 76 ? 2.999   6.997   0.647   1.00 12.97 ? 75  ALA A C   1 
ATOM   598 O  O   . ALA A 1 76 ? 3.515   7.136   1.751   1.00 13.92 ? 75  ALA A O   1 
ATOM   599 C  CB  . ALA A 1 76 ? 2.075   9.076   -0.461  1.00 14.65 ? 75  ALA A CB  1 
ATOM   600 N  N   . PHE A 1 77 ? 2.188   5.986   0.375   1.00 12.49 ? 76  PHE A N   1 
ATOM   601 C  CA  . PHE A 1 77 ? 2.036   4.874   1.323   1.00 12.58 ? 76  PHE A CA  1 
ATOM   602 C  C   . PHE A 1 77 ? 3.337   4.149   1.608   1.00 12.51 ? 76  PHE A C   1 
ATOM   603 O  O   . PHE A 1 77 ? 3.661   3.901   2.752   1.00 13.17 ? 76  PHE A O   1 
ATOM   604 C  CB  . PHE A 1 77 ? 0.978   3.919   0.752   1.00 13.87 ? 76  PHE A CB  1 
ATOM   605 C  CG  . PHE A 1 77 ? 0.621   2.721   1.633   1.00 13.71 ? 76  PHE A CG  1 
ATOM   606 C  CD1 . PHE A 1 77 ? 0.422   2.826   3.020   1.00 16.15 ? 76  PHE A CD1 1 
ATOM   607 C  CD2 . PHE A 1 77 ? 0.414   1.494   1.032   1.00 14.89 ? 76  PHE A CD2 1 
ATOM   608 C  CE1 . PHE A 1 77 ? 0.027   1.718   3.766   1.00 15.94 ? 76  PHE A CE1 1 
ATOM   609 C  CE2 . PHE A 1 77 ? -0.008  0.405   1.773   1.00 15.79 ? 76  PHE A CE2 1 
ATOM   610 C  CZ  . PHE A 1 77 ? -0.182  0.522   3.144   1.00 16.73 ? 76  PHE A CZ  1 
ATOM   611 N  N   . VAL A 1 78 ? 4.091   3.861   0.551   1.00 13.03 ? 77  VAL A N   1 
ATOM   612 C  CA  . VAL A 1 78 ? 5.378   3.228   0.735   1.00 13.06 ? 77  VAL A CA  1 
ATOM   613 C  C   . VAL A 1 78 ? 6.285   4.103   1.591   1.00 13.52 ? 77  VAL A C   1 
ATOM   614 O  O   . VAL A 1 78 ? 6.968   3.586   2.460   1.00 14.07 ? 77  VAL A O   1 
ATOM   615 C  CB  . VAL A 1 78 ? 6.046   2.910   -0.642  1.00 14.88 ? 77  VAL A CB  1 
ATOM   616 C  CG1 . VAL A 1 78 ? 7.476   2.435   -0.465  1.00 15.21 ? 77  VAL A CG1 1 
ATOM   617 C  CG2 . VAL A 1 78 ? 5.264   1.857   -1.392  1.00 15.63 ? 77  VAL A CG2 1 
ATOM   618 N  N   . ALA A 1 79 ? 6.292   5.419   1.370   1.00 13.45 ? 78  ALA A N   1 
ATOM   619 C  CA  . ALA A 1 79 ? 7.102   6.300   2.216   1.00 13.47 ? 78  ALA A CA  1 
ATOM   620 C  C   . ALA A 1 79 ? 6.659   6.264   3.670   1.00 12.90 ? 78  ALA A C   1 
ATOM   621 O  O   . ALA A 1 79 ? 7.485   6.263   4.546   1.00 13.88 ? 78  ALA A O   1 
ATOM   622 C  CB  . ALA A 1 79 ? 7.063   7.720   1.690   1.00 14.75 ? 78  ALA A CB  1 
ATOM   623 N  N   . MET A 1 80 ? 5.363   6.155   3.923   1.00 14.10 ? 79  MET A N   1 
ATOM   624 C  CA  . MET A 1 80 ? 4.871   6.023   5.301   1.00 14.66 ? 79  MET A CA  1 
ATOM   625 C  C   . MET A 1 80 ? 5.418   4.763   5.960   1.00 14.44 ? 79  MET A C   1 
ATOM   626 O  O   . MET A 1 80 ? 5.871   4.771   7.105   1.00 15.03 ? 79  MET A O   1 
ATOM   627 C  CB  . MET A 1 80 ? 3.344   5.941   5.316   1.00 15.56 ? 79  MET A CB  1 
ATOM   628 C  CG  . MET A 1 80 ? 2.595   7.188   4.997   1.00 19.07 ? 79  MET A CG  1 
ATOM   629 S  SD  . MET A 1 80 ? 0.844   6.841   4.680   1.00 23.84 ? 79  MET A SD  1 
ATOM   630 C  CE  . MET A 1 80 ? 0.276   8.521   4.737   1.00 30.19 ? 79  MET A CE  1 
ATOM   631 N  N   . ILE A 1 81 ? 5.388   3.658   5.222   1.00 14.65 ? 80  ILE A N   1 
ATOM   632 C  CA  . ILE A 1 81 ? 5.867   2.392   5.734   1.00 15.39 ? 80  ILE A CA  1 
ATOM   633 C  C   . ILE A 1 81 ? 7.373   2.421   5.979   1.00 15.72 ? 80  ILE A C   1 
ATOM   634 O  O   . ILE A 1 81 ? 7.865   2.008   7.043   1.00 16.84 ? 80  ILE A O   1 
ATOM   635 C  CB  . ILE A 1 81 ? 5.522   1.261   4.776   1.00 15.88 ? 80  ILE A CB  1 
ATOM   636 C  CG1 . ILE A 1 81 ? 4.003   1.095   4.719   1.00 16.57 ? 80  ILE A CG1 1 
ATOM   637 C  CG2 . ILE A 1 81 ? 6.206   -0.046  5.215   1.00 18.52 ? 80  ILE A CG2 1 
ATOM   638 C  CD1 . ILE A 1 81 ? 3.530   0.340   3.581   1.00 19.92 ? 80  ILE A CD1 1 
ATOM   639 N  N   . THR A 1 82 ? 8.139   2.885   5.010   1.00 15.93 ? 81  THR A N   1 
ATOM   640 C  CA  . THR A 1 82 ? 9.588   2.940   5.160   1.00 17.00 ? 81  THR A CA  1 
ATOM   641 C  C   . THR A 1 82 ? 10.009  3.847   6.314   1.00 16.52 ? 81  THR A C   1 
ATOM   642 O  O   . THR A 1 82 ? 10.899  3.500   7.096   1.00 18.52 ? 81  THR A O   1 
ATOM   643 C  CB  . THR A 1 82 ? 10.219  3.360   3.848   1.00 17.54 ? 81  THR A CB  1 
ATOM   644 O  OG1 . THR A 1 82 ? 9.991   4.760   3.639   1.00 19.48 ? 81  THR A OG1 1 
ATOM   645 C  CG2 . THR A 1 82 ? 9.618   2.487   2.684   1.00 18.46 ? 81  THR A CG2 1 
ATOM   646 N  N   . THR A 1 83 ? 9.332   4.979   6.468   1.00 15.42 ? 82  THR A N   1 
ATOM   647 C  CA  . THR A 1 83 ? 9.587   5.870   7.586   1.00 16.72 ? 82  THR A CA  1 
ATOM   648 C  C   . THR A 1 83 ? 9.307   5.176   8.913   1.00 16.72 ? 82  THR A C   1 
ATOM   649 O  O   . THR A 1 83 ? 10.125  5.242   9.834   1.00 17.02 ? 82  THR A O   1 
ATOM   650 C  CB  . THR A 1 83 ? 8.758   7.163   7.454   1.00 17.04 ? 82  THR A CB  1 
ATOM   651 O  OG1 . THR A 1 83 ? 9.087   7.811   6.219   1.00 18.36 ? 82  THR A OG1 1 
ATOM   652 C  CG2 . THR A 1 83 ? 9.024   8.098   8.607   1.00 19.22 ? 82  THR A CG2 1 
ATOM   653 N  N   . ALA A 1 84 ? 8.164   4.505   9.012   1.00 16.45 ? 83  ALA A N   1 
ATOM   654 C  CA  . ALA A 1 84 ? 7.797   3.852   10.278  1.00 16.86 ? 83  ALA A CA  1 
ATOM   655 C  C   . ALA A 1 84 ? 8.776   2.737   10.655  1.00 17.14 ? 83  ALA A C   1 
ATOM   656 O  O   . ALA A 1 84 ? 9.051   2.514   11.829  1.00 18.56 ? 83  ALA A O   1 
ATOM   657 C  CB  . ALA A 1 84 ? 6.392   3.300   10.204  1.00 17.48 ? 83  ALA A CB  1 
ATOM   658 N  N   . CYS A 1 85 ? 9.342   2.062   9.663   1.00 16.87 ? 84  CYS A N   1 
ATOM   659 C  CA  . CYS A 1 85 ? 10.343  1.041   9.960   1.00 18.87 ? 84  CYS A CA  1 
ATOM   660 C  C   . CYS A 1 85 ? 11.552  1.540   10.737  1.00 20.43 ? 84  CYS A C   1 
ATOM   661 O  O   . CYS A 1 85 ? 12.251  0.717   11.307  1.00 20.09 ? 84  CYS A O   1 
ATOM   662 C  CB  . CYS A 1 85 ? 10.795  0.308   8.711   1.00 20.14 ? 84  CYS A CB  1 
ATOM   663 S  SG  . CYS A 1 85 ? 9.582   -0.740  8.036   1.00 22.17 ? 84  CYS A SG  1 
ATOM   664 N  N   . HIS A 1 86 ? 11.792  2.860   10.811  1.00 21.15 ? 85  HIS A N   1 
ATOM   665 C  CA  . HIS A 1 86 ? 12.922  3.382   11.631  1.00 22.08 ? 85  HIS A CA  1 
ATOM   666 C  C   . HIS A 1 86 ? 12.835  3.030   13.129  1.00 22.37 ? 85  HIS A C   1 
ATOM   667 O  O   . HIS A 1 86 ? 13.886  2.897   13.807  1.00 23.28 ? 85  HIS A O   1 
ATOM   668 C  CB  . HIS A 1 86 ? 13.136  4.872   11.408  1.00 23.25 ? 85  HIS A CB  1 
ATOM   669 C  CG  . HIS A 1 86 ? 13.721  5.169   10.068  1.00 22.86 ? 85  HIS A CG  1 
ATOM   670 N  ND1 . HIS A 1 86 ? 14.975  5.712   9.887   1.00 24.77 ? 85  HIS A ND1 1 
ATOM   671 C  CD2 . HIS A 1 86 ? 13.224  4.943   8.829   1.00 22.11 ? 85  HIS A CD2 1 
ATOM   672 C  CE1 . HIS A 1 86 ? 15.205  5.844   8.593   1.00 25.93 ? 85  HIS A CE1 1 
ATOM   673 N  NE2 . HIS A 1 86 ? 14.167  5.372   7.933   1.00 27.77 ? 85  HIS A NE2 1 
ATOM   674 N  N   . GLU A 1 87 ? 11.608  2.825   13.634  1.00 21.64 ? 86  GLU A N   1 
ATOM   675 C  CA  . GLU A 1 87 ? 11.417  2.357   15.017  1.00 22.62 ? 86  GLU A CA  1 
ATOM   676 C  C   . GLU A 1 87 ? 12.155  1.054   15.336  1.00 22.54 ? 86  GLU A C   1 
ATOM   677 O  O   . GLU A 1 87 ? 12.442  0.774   16.519  1.00 22.30 ? 86  GLU A O   1 
ATOM   678 C  CB  . GLU A 1 87 ? 9.931   2.237   15.380  1.00 23.94 ? 86  GLU A CB  1 
ATOM   679 N  N   . PHE A 1 88 ? 12.444  0.250   14.305  1.00 22.69 ? 87  PHE A N   1 
ATOM   680 C  CA  . PHE A 1 88 ? 13.043  -1.081  14.498  1.00 24.04 ? 87  PHE A CA  1 
ATOM   681 C  C   . PHE A 1 88 ? 14.574  -1.146  14.490  1.00 23.49 ? 87  PHE A C   1 
ATOM   682 O  O   . PHE A 1 88 ? 15.148  -2.218  14.810  1.00 22.66 ? 87  PHE A O   1 
ATOM   683 C  CB  . PHE A 1 88 ? 12.422  -2.105  13.530  1.00 24.98 ? 87  PHE A CB  1 
ATOM   684 C  CG  . PHE A 1 88 ? 10.902  -2.033  13.465  1.00 26.90 ? 87  PHE A CG  1 
ATOM   685 C  CD1 . PHE A 1 88 ? 10.261  -1.676  12.287  1.00 27.28 ? 87  PHE A CD1 1 
ATOM   686 C  CD2 . PHE A 1 88 ? 10.121  -2.258  14.600  1.00 28.69 ? 87  PHE A CD2 1 
ATOM   687 C  CE1 . PHE A 1 88 ? 8.852   -1.582  12.215  1.00 29.45 ? 87  PHE A CE1 1 
ATOM   688 C  CE2 . PHE A 1 88 ? 8.711   -2.176  14.544  1.00 30.79 ? 87  PHE A CE2 1 
ATOM   689 C  CZ  . PHE A 1 88 ? 8.083   -1.837  13.344  1.00 30.56 ? 87  PHE A CZ  1 
ATOM   690 N  N   . PHE A 1 89 ? 15.223  -0.009  14.202  1.00 23.76 ? 88  PHE A N   1 
ATOM   691 C  CA  . PHE A 1 89 ? 16.676  0.076   14.330  1.00 25.54 ? 88  PHE A CA  1 
ATOM   692 C  C   . PHE A 1 89 ? 17.159  1.425   14.898  1.00 26.21 ? 88  PHE A C   1 
ATOM   693 O  O   . PHE A 1 89 ? 16.370  2.211   15.418  1.00 26.52 ? 88  PHE A O   1 
ATOM   694 C  CB  . PHE A 1 89 ? 17.355  -0.248  12.997  1.00 27.17 ? 88  PHE A CB  1 
ATOM   695 C  CG  . PHE A 1 89 ? 16.889  0.608   11.881  1.00 26.85 ? 88  PHE A CG  1 
ATOM   696 C  CD1 . PHE A 1 89 ? 17.514  1.821   11.635  1.00 29.99 ? 88  PHE A CD1 1 
ATOM   697 C  CD2 . PHE A 1 89 ? 15.790  0.237   11.097  1.00 27.44 ? 88  PHE A CD2 1 
ATOM   698 C  CE1 . PHE A 1 89 ? 17.077  2.641   10.621  1.00 30.57 ? 88  PHE A CE1 1 
ATOM   699 C  CE2 . PHE A 1 89 ? 15.349  1.058   10.074  1.00 27.60 ? 88  PHE A CE2 1 
ATOM   700 C  CZ  . PHE A 1 89 ? 15.988  2.265   9.844   1.00 29.75 ? 88  PHE A CZ  1 
ATOM   701 N  N   . THR B 2 1  ? 8.081   -7.192  11.055  1.00 31.48 ? 3   THR B N   1 
ATOM   702 C  CA  . THR B 2 1  ? 8.329   -5.835  11.676  1.00 29.15 ? 3   THR B CA  1 
ATOM   703 C  C   . THR B 2 1  ? 7.053   -5.007  12.043  1.00 27.10 ? 3   THR B C   1 
ATOM   704 O  O   . THR B 2 1  ? 6.715   -4.072  11.365  1.00 24.04 ? 3   THR B O   1 
ATOM   705 C  CB  . THR B 2 1  ? 9.415   -5.090  10.867  1.00 29.11 ? 3   THR B CB  1 
ATOM   706 O  OG1 . THR B 2 1  ? 9.379   -3.689  11.148  1.00 32.28 ? 3   THR B OG1 1 
ATOM   707 C  CG2 . THR B 2 1  ? 9.225   -5.348  9.445   1.00 32.40 ? 3   THR B CG2 1 
ATOM   708 N  N   . LYS B 2 2  ? 6.266   -5.319  12.926  1.00 24.02 ? 4   LYS B N   1 
ATOM   709 C  CA  . LYS B 2 2  ? 4.858   -4.840  13.004  1.00 21.68 ? 4   LYS B CA  1 
ATOM   710 C  C   . LYS B 2 2  ? 4.760   -3.406  13.358  1.00 20.92 ? 4   LYS B C   1 
ATOM   711 O  O   . LYS B 2 2  ? 5.105   -2.972  14.461  1.00 20.98 ? 4   LYS B O   1 
ATOM   712 C  CB  . LYS B 2 2  ? 3.980   -5.670  13.921  1.00 21.93 ? 4   LYS B CB  1 
ATOM   713 N  N   . ILE B 2 3  ? 4.289   -2.648  12.391  1.00 18.60 ? 5   ILE B N   1 
ATOM   714 C  CA  . ILE B 2 3  ? 3.929   -1.222  12.554  1.00 20.46 ? 5   ILE B CA  1 
ATOM   715 C  C   . ILE B 2 3  ? 2.471   -1.153  12.987  1.00 20.12 ? 5   ILE B C   1 
ATOM   716 O  O   . ILE B 2 3  ? 1.576   -1.673  12.298  1.00 21.97 ? 5   ILE B O   1 
ATOM   717 C  CB  . ILE B 2 3  ? 4.096   -0.407  11.199  1.00 19.89 ? 5   ILE B CB  1 
ATOM   718 C  CG1 . ILE B 2 3  ? 5.518   -0.559  10.657  1.00 20.34 ? 5   ILE B CG1 1 
ATOM   719 C  CG2 . ILE B 2 3  ? 3.727   1.085   11.350  1.00 20.56 ? 5   ILE B CG2 1 
ATOM   720 C  CD1 . ILE B 2 3  ? 5.645   -0.224  9.151   1.00 21.26 ? 5   ILE B CD1 1 
ATOM   721 N  N   . ASP B 2 4  ? 2.207   -0.532  14.141  1.00 21.39 ? 6   ASP B N   1 
ATOM   722 C  CA  . ASP B 2 4  ? 0.813   -0.350  14.578  1.00 22.07 ? 6   ASP B CA  1 
ATOM   723 C  C   . ASP B 2 4  ? 0.003   0.390   13.525  1.00 22.00 ? 6   ASP B C   1 
ATOM   724 O  O   . ASP B 2 4  ? 0.435   1.427   13.008  1.00 21.90 ? 6   ASP B O   1 
ATOM   725 C  CB  . ASP B 2 4  ? 0.712   0.417   15.903  1.00 22.48 ? 6   ASP B CB  1 
ATOM   726 C  CG  . ASP B 2 4  ? 1.416   -0.290  17.056  1.00 24.60 ? 6   ASP B CG  1 
ATOM   727 O  OD1 . ASP B 2 4  ? 1.359   -1.537  17.096  1.00 25.80 ? 6   ASP B OD1 1 
ATOM   728 O  OD2 . ASP B 2 4  ? 2.004   0.416   17.920  1.00 29.53 ? 6   ASP B OD2 1 
ATOM   729 N  N   . TRP B 2 5  ? -1.179  -0.127  13.208  1.00 22.20 ? 7   TRP B N   1 
ATOM   730 C  CA  . TRP B 2 5  ? -2.040  0.567   12.241  1.00 23.42 ? 7   TRP B CA  1 
ATOM   731 C  C   . TRP B 2 5  ? -2.298  2.028   12.616  1.00 24.24 ? 7   TRP B C   1 
ATOM   732 O  O   . TRP B 2 5  ? -2.356  2.903   11.751  1.00 23.87 ? 7   TRP B O   1 
ATOM   733 C  CB  . TRP B 2 5  ? -3.347  -0.200  11.998  1.00 23.32 ? 7   TRP B CB  1 
ATOM   734 C  CG  . TRP B 2 5  ? -3.281  -1.226  10.889  1.00 22.91 ? 7   TRP B CG  1 
ATOM   735 C  CD1 . TRP B 2 5  ? -3.421  -2.589  11.009  1.00 22.91 ? 7   TRP B CD1 1 
ATOM   736 C  CD2 . TRP B 2 5  ? -3.067  -0.969  9.493   1.00 23.18 ? 7   TRP B CD2 1 
ATOM   737 N  NE1 . TRP B 2 5  ? -3.318  -3.188  9.771   1.00 23.25 ? 7   TRP B NE1 1 
ATOM   738 C  CE2 . TRP B 2 5  ? -3.097  -2.218  8.826   1.00 23.38 ? 7   TRP B CE2 1 
ATOM   739 C  CE3 . TRP B 2 5  ? -2.844  0.194   8.740   1.00 23.16 ? 7   TRP B CE3 1 
ATOM   740 C  CZ2 . TRP B 2 5  ? -2.919  -2.335  7.438   1.00 22.79 ? 7   TRP B CZ2 1 
ATOM   741 C  CZ3 . TRP B 2 5  ? -2.648  0.075   7.353   1.00 21.76 ? 7   TRP B CZ3 1 
ATOM   742 C  CH2 . TRP B 2 5  ? -2.704  -1.178  6.721   1.00 21.91 ? 7   TRP B CH2 1 
ATOM   743 N  N   . ASN B 2 6  ? -2.373  2.328   13.909  1.00 25.53 ? 8   ASN B N   1 
ATOM   744 C  CA  . ASN B 2 6  ? -2.700  3.698   14.291  1.00 28.69 ? 8   ASN B CA  1 
ATOM   745 C  C   . ASN B 2 6  ? -1.645  4.743   13.885  1.00 29.71 ? 8   ASN B C   1 
ATOM   746 O  O   . ASN B 2 6  ? -1.959  5.933   13.743  1.00 30.51 ? 8   ASN B O   1 
ATOM   747 C  CB  . ASN B 2 6  ? -3.088  3.785   15.766  1.00 29.37 ? 8   ASN B CB  1 
ATOM   748 C  CG  . ASN B 2 6  ? -4.295  2.918   16.094  1.00 32.83 ? 8   ASN B CG  1 
ATOM   749 O  OD1 . ASN B 2 6  ? -5.443  3.309   15.862  1.00 37.07 ? 8   ASN B OD1 1 
ATOM   750 N  N   . LYS B 2 7  ? -0.414  4.295   13.645  1.00 30.79 ? 9   LYS B N   1 
ATOM   751 C  CA  . LYS B 2 7  ? 0.622   5.207   13.151  1.00 31.21 ? 9   LYS B CA  1 
ATOM   752 C  C   . LYS B 2 7  ? 0.552   5.445   11.631  1.00 31.62 ? 9   LYS B C   1 
ATOM   753 O  O   . LYS B 2 7  ? 1.233   6.329   11.107  1.00 31.72 ? 9   LYS B O   1 
ATOM   754 C  CB  . LYS B 2 7  ? 2.010   4.753   13.597  1.00 31.62 ? 9   LYS B CB  1 
ATOM   755 C  CG  . LYS B 2 7  ? 2.442   3.436   13.047  1.00 31.74 ? 9   LYS B CG  1 
ATOM   756 N  N   . ILE B 2 8  ? -0.279  4.658   10.945  1.00 31.69 ? 10  ILE B N   1 
ATOM   757 C  CA  . ILE B 2 8  ? -0.548  4.824   9.511   1.00 31.96 ? 10  ILE B CA  1 
ATOM   758 C  C   . ILE B 2 8  ? -1.849  5.612   9.269   1.00 32.60 ? 10  ILE B C   1 
ATOM   759 O  O   . ILE B 2 8  ? -1.896  6.511   8.408   1.00 32.27 ? 10  ILE B O   1 
ATOM   760 C  CB  . ILE B 2 8  ? -0.648  3.439   8.787   1.00 31.95 ? 10  ILE B CB  1 
ATOM   761 C  CG1 . ILE B 2 8  ? 0.661   2.641   8.904   1.00 32.16 ? 10  ILE B CG1 1 
ATOM   762 C  CG2 . ILE B 2 8  ? -1.121  3.600   7.334   1.00 31.81 ? 10  ILE B CG2 1 
ATOM   763 C  CD1 . ILE B 2 8  ? 1.861   3.209   8.130   1.00 34.09 ? 10  ILE B CD1 1 
ATOM   764 N  N   . LEU B 2 9  ? -2.890  5.271   10.031  1.00 33.05 ? 11  LEU B N   1 
ATOM   765 C  CA  . LEU B 2 9  ? -4.253  5.797   9.818   1.00 34.00 ? 11  LEU B CA  1 
ATOM   766 C  C   . LEU B 2 9  ? -4.513  7.149   10.497  1.00 34.40 ? 11  LEU B C   1 
ATOM   767 O  O   . LEU B 2 9  ? -3.595  7.940   10.721  1.00 35.80 ? 11  LEU B O   1 
ATOM   768 C  CB  . LEU B 2 9  ? -5.302  4.776   10.286  1.00 34.18 ? 11  LEU B CB  1 
ATOM   769 C  CG  . LEU B 2 9  ? -5.223  3.348   9.720   1.00 34.36 ? 11  LEU B CG  1 
ATOM   770 C  CD1 . LEU B 2 9  ? -6.246  2.452   10.388  1.00 34.41 ? 11  LEU B CD1 1 
ATOM   771 C  CD2 . LEU B 2 9  ? -5.427  3.340   8.210   1.00 34.54 ? 11  LEU B CD2 1 
HETATM 772 CA CA  . CA  C 3 .  ? -7.633  -1.556  -10.605 1.00 15.46 ? 101 CA  A CA  1 
HETATM 773 CA CA  . CA  D 3 .  ? -6.987  8.626   -5.520  1.00 14.63 ? 102 CA  A CA  1 
HETATM 774 O  O   . HOH E 4 .  ? -6.036  -5.097  10.831  1.00 20.39 ? 201 HOH A O   1 
HETATM 775 O  O   . HOH E 4 .  ? -1.321  8.316   -0.319  1.00 7.93  ? 202 HOH A O   1 
HETATM 776 O  O   . HOH E 4 .  ? -0.826  -7.639  6.186   1.00 13.37 ? 203 HOH A O   1 
HETATM 777 O  O   . HOH E 4 .  ? -8.799  -5.626  10.194  1.00 10.58 ? 204 HOH A O   1 
HETATM 778 O  O   . HOH E 4 .  ? 5.216   6.887   8.794   1.00 11.30 ? 205 HOH A O   1 
HETATM 779 O  O   . HOH E 4 .  ? -13.691 -5.709  2.442   1.00 24.06 ? 206 HOH A O   1 
HETATM 780 O  O   . HOH E 4 .  ? -1.133  11.503  -9.689  1.00 29.23 ? 207 HOH A O   1 
HETATM 781 O  O   . HOH E 4 .  ? 0.265   -13.036 3.574   1.00 23.96 ? 208 HOH A O   1 
HETATM 782 O  O   . HOH E 4 .  ? 21.793  0.217   -4.123  1.00 11.81 ? 209 HOH A O   1 
HETATM 783 O  O   . HOH E 4 .  ? -4.761  -5.440  -16.456 1.00 26.16 ? 210 HOH A O   1 
HETATM 784 O  O   . HOH E 4 .  ? -15.010 -0.807  -3.864  1.00 29.39 ? 211 HOH A O   1 
HETATM 785 O  O   . HOH E 4 .  ? -4.103  14.870  -4.440  1.00 25.09 ? 212 HOH A O   1 
HETATM 786 O  O   . HOH E 4 .  ? -4.077  13.672  -8.536  1.00 24.09 ? 213 HOH A O   1 
HETATM 787 O  O   . HOH E 4 .  ? -3.381  12.254  -5.168  1.00 15.81 ? 214 HOH A O   1 
HETATM 788 O  O   . HOH E 4 .  ? 2.685   12.835  -3.225  1.00 44.66 ? 215 HOH A O   1 
HETATM 789 O  O   . HOH E 4 .  ? 10.210  -7.505  -11.731 1.00 20.79 ? 216 HOH A O   1 
HETATM 790 O  O   . HOH E 4 .  ? 17.170  4.383   13.535  1.00 30.07 ? 217 HOH A O   1 
HETATM 791 O  O   . HOH E 4 .  ? 11.945  -7.321  -13.192 1.00 19.36 ? 218 HOH A O   1 
HETATM 792 O  O   . HOH E 4 .  ? 4.070   -10.163 3.135   1.00 13.62 ? 219 HOH A O   1 
HETATM 793 O  O   . HOH E 4 .  ? -1.560  5.474   -11.289 1.00 13.39 ? 220 HOH A O   1 
HETATM 794 O  O   . HOH E 4 .  ? -1.537  -2.269  -14.462 1.00 22.10 ? 221 HOH A O   1 
HETATM 795 O  O   . HOH E 4 .  ? -6.209  8.457   -7.711  1.00 8.23  ? 222 HOH A O   1 
HETATM 796 O  O   . HOH E 4 .  ? -6.652  -2.937  12.491  1.00 15.53 ? 223 HOH A O   1 
HETATM 797 O  O   . HOH E 4 .  ? 3.899   -11.849 10.016  1.00 33.16 ? 224 HOH A O   1 
HETATM 798 O  O   . HOH E 4 .  ? 13.104  8.507   8.873   1.00 18.94 ? 225 HOH A O   1 
HETATM 799 O  O   . HOH E 4 .  ? 1.343   -5.176  -15.380 1.00 37.24 ? 226 HOH A O   1 
HETATM 800 O  O   . HOH E 4 .  ? -12.822 4.557   1.890   1.00 10.47 ? 227 HOH A O   1 
HETATM 801 O  O   . HOH E 4 .  ? -13.521 5.159   -7.014  1.00 28.67 ? 228 HOH A O   1 
HETATM 802 O  O   . HOH E 4 .  ? -12.525 -5.323  -14.371 1.00 19.93 ? 229 HOH A O   1 
HETATM 803 O  O   . HOH E 4 .  ? -9.375  -10.062 -9.383  1.00 30.34 ? 230 HOH A O   1 
HETATM 804 O  O   . HOH E 4 .  ? -14.275 2.298   12.174  1.00 25.04 ? 231 HOH A O   1 
HETATM 805 O  O   . HOH E 4 .  ? -7.279  -10.591 1.873   1.00 19.76 ? 232 HOH A O   1 
HETATM 806 O  O   . HOH E 4 .  ? -12.328 -5.036  0.151   1.00 20.50 ? 233 HOH A O   1 
HETATM 807 O  O   . HOH E 4 .  ? 25.266  -0.330  -9.429  1.00 17.60 ? 234 HOH A O   1 
HETATM 808 O  O   . HOH E 4 .  ? 13.267  -6.017  -8.601  1.00 17.26 ? 235 HOH A O   1 
HETATM 809 O  O   . HOH E 4 .  ? -0.502  8.576   -10.037 1.00 16.15 ? 236 HOH A O   1 
HETATM 810 O  O   . HOH E 4 .  ? -13.308 -3.003  -4.096  1.00 14.48 ? 237 HOH A O   1 
HETATM 811 O  O   . HOH E 4 .  ? -1.477  -10.311 6.140   1.00 15.87 ? 238 HOH A O   1 
HETATM 812 O  O   . HOH E 4 .  ? -9.470  -0.358  -9.900  1.00 11.62 ? 239 HOH A O   1 
HETATM 813 O  O   . HOH E 4 .  ? -2.697  -7.145  -12.901 1.00 17.03 ? 240 HOH A O   1 
HETATM 814 O  O   . HOH E 4 .  ? 4.064   10.109  -4.102  1.00 19.27 ? 241 HOH A O   1 
HETATM 815 O  O   . HOH E 4 .  ? -14.057 13.032  -2.782  1.00 13.92 ? 242 HOH A O   1 
HETATM 816 O  O   . HOH E 4 .  ? -7.768  1.016   -17.251 1.00 11.93 ? 243 HOH A O   1 
HETATM 817 O  O   . HOH E 4 .  ? -1.139  -10.933 -7.997  1.00 21.34 ? 244 HOH A O   1 
HETATM 818 O  O   . HOH E 4 .  ? -9.634  -10.722 -4.218  1.00 20.16 ? 245 HOH A O   1 
HETATM 819 O  O   . HOH E 4 .  ? 25.457  -0.842  -6.681  1.00 17.01 ? 246 HOH A O   1 
HETATM 820 O  O   . HOH E 4 .  ? -7.887  -7.834  -5.545  1.00 28.51 ? 247 HOH A O   1 
HETATM 821 O  O   . HOH E 4 .  ? -9.689  10.579  1.212   1.00 16.50 ? 248 HOH A O   1 
HETATM 822 O  O   . HOH E 4 .  ? 5.394   9.323   7.400   1.00 18.79 ? 249 HOH A O   1 
HETATM 823 O  O   . HOH E 4 .  ? 5.211   11.069  0.657   1.00 24.38 ? 250 HOH A O   1 
HETATM 824 O  O   . HOH E 4 .  ? -6.270  -8.855  11.846  1.00 14.46 ? 251 HOH A O   1 
HETATM 825 O  O   . HOH E 4 .  ? 11.704  10.811  8.073   1.00 16.59 ? 252 HOH A O   1 
HETATM 826 O  O   . HOH E 4 .  ? -2.600  -9.707  -9.863  1.00 15.05 ? 253 HOH A O   1 
HETATM 827 O  O   . HOH E 4 .  ? -13.011 3.458   -2.612  1.00 18.91 ? 254 HOH A O   1 
HETATM 828 O  O   . HOH E 4 .  ? -4.414  9.488   -10.998 1.00 19.45 ? 255 HOH A O   1 
HETATM 829 O  O   . HOH E 4 .  ? 23.785  -2.734  -5.183  1.00 15.64 ? 256 HOH A O   1 
HETATM 830 O  O   . HOH E 4 .  ? -16.195 -6.475  7.486   1.00 17.52 ? 257 HOH A O   1 
HETATM 831 O  O   . HOH E 4 .  ? 6.197   9.431   4.741   1.00 18.26 ? 258 HOH A O   1 
HETATM 832 O  O   . HOH E 4 .  ? 16.707  -4.558  -3.799  1.00 18.74 ? 259 HOH A O   1 
HETATM 833 O  O   . HOH E 4 .  ? -11.519 8.792   -0.302  1.00 23.70 ? 260 HOH A O   1 
HETATM 834 O  O   . HOH E 4 .  ? -12.608 -6.561  4.618   1.00 18.19 ? 261 HOH A O   1 
HETATM 835 O  O   . HOH E 4 .  ? 7.832   7.741   -1.889  0.50 18.32 ? 262 HOH A O   1 
HETATM 836 O  O   . HOH E 4 .  ? -16.158 2.240   -2.484  1.00 22.83 ? 263 HOH A O   1 
HETATM 837 O  O   . HOH E 4 .  ? -4.600  -9.225  -13.538 1.00 21.48 ? 264 HOH A O   1 
HETATM 838 O  O   . HOH E 4 .  ? -8.368  -11.272 -7.411  1.00 20.60 ? 265 HOH A O   1 
HETATM 839 O  O   . HOH E 4 .  ? -10.483 1.746   -17.412 1.00 14.15 ? 266 HOH A O   1 
HETATM 840 O  O   . HOH E 4 .  ? 3.212   12.884  -0.448  1.00 30.61 ? 267 HOH A O   1 
HETATM 841 O  O   . HOH E 4 .  ? -17.467 -6.329  3.659   1.00 28.98 ? 268 HOH A O   1 
HETATM 842 O  O   . HOH E 4 .  ? -14.081 -3.453  -15.521 1.00 19.66 ? 269 HOH A O   1 
HETATM 843 O  O   . HOH E 4 .  ? 7.345   -6.686  -6.881  1.00 21.62 ? 270 HOH A O   1 
HETATM 844 O  O   . HOH E 4 .  ? -11.715 0.746   -11.242 1.00 21.26 ? 271 HOH A O   1 
HETATM 845 O  O   . HOH E 4 .  ? 1.596   -13.678 -0.112  1.00 23.57 ? 272 HOH A O   1 
HETATM 846 O  O   . HOH E 4 .  ? -13.611 12.048  -7.500  1.00 15.48 ? 273 HOH A O   1 
HETATM 847 O  O   . HOH E 4 .  ? 2.597   10.544  7.318   1.00 34.83 ? 274 HOH A O   1 
HETATM 848 O  O   . HOH E 4 .  ? 22.466  -0.443  -1.534  1.00 19.33 ? 275 HOH A O   1 
HETATM 849 O  O   . HOH E 4 .  ? -10.260 6.016   -12.444 1.00 21.23 ? 276 HOH A O   1 
HETATM 850 O  O   . HOH E 4 .  ? -11.753 8.889   -11.282 1.00 25.98 ? 277 HOH A O   1 
HETATM 851 O  O   . HOH E 4 .  ? -14.898 -1.612  -13.931 1.00 21.89 ? 278 HOH A O   1 
HETATM 852 O  O   . HOH E 4 .  ? -19.011 -4.478  2.854   1.00 24.51 ? 279 HOH A O   1 
HETATM 853 O  O   . HOH E 4 .  ? -9.274  10.716  -10.920 1.00 25.36 ? 280 HOH A O   1 
HETATM 854 O  O   . HOH E 4 .  ? -9.627  -7.034  -6.726  1.00 20.39 ? 281 HOH A O   1 
HETATM 855 O  O   . HOH E 4 .  ? -11.458 7.866   -13.745 0.50 15.52 ? 282 HOH A O   1 
HETATM 856 O  O   . HOH E 4 .  ? -16.078 -3.395  9.523   1.00 12.73 ? 283 HOH A O   1 
HETATM 857 O  O   . HOH E 4 .  ? -9.511  -3.995  -15.963 1.00 25.86 ? 284 HOH A O   1 
HETATM 858 O  O   . HOH E 4 .  ? 10.708  -7.495  -9.134  1.00 30.33 ? 285 HOH A O   1 
HETATM 859 O  O   . HOH E 4 .  ? -5.773  -9.428  -16.106 0.50 12.75 ? 286 HOH A O   1 
HETATM 860 O  O   . HOH E 4 .  ? 6.136   7.147   11.359  1.00 25.67 ? 287 HOH A O   1 
HETATM 861 O  O   . HOH E 4 .  ? 24.212  -5.234  -5.670  1.00 30.14 ? 288 HOH A O   1 
HETATM 862 O  O   . HOH E 4 .  ? -8.604  -10.891 5.596   1.00 14.15 ? 289 HOH A O   1 
HETATM 863 O  O   . HOH E 4 .  ? -0.109  12.967  -7.595  1.00 40.24 ? 290 HOH A O   1 
HETATM 864 O  O   . HOH E 4 .  ? -2.743  11.729  -7.675  1.00 20.34 ? 291 HOH A O   1 
HETATM 865 O  O   . HOH E 4 .  ? -11.074 13.267  -7.609  1.00 20.12 ? 292 HOH A O   1 
HETATM 866 O  O   . HOH E 4 .  ? 3.400   -5.869  -12.762 1.00 27.90 ? 293 HOH A O   1 
HETATM 867 O  O   . HOH E 4 .  ? -0.532  8.883   2.187   1.00 23.20 ? 294 HOH A O   1 
HETATM 868 O  O   . HOH E 4 .  ? 1.426   -10.459 -7.090  1.00 29.43 ? 295 HOH A O   1 
HETATM 869 O  O   . HOH E 4 .  ? -1.730  -10.293 10.758  1.00 26.13 ? 296 HOH A O   1 
HETATM 870 O  O   . HOH E 4 .  ? -1.282  -14.203 1.521   1.00 24.04 ? 297 HOH A O   1 
HETATM 871 O  O   . HOH E 4 .  ? 0.580   4.327   -12.894 1.00 21.56 ? 298 HOH A O   1 
HETATM 872 O  O   . HOH E 4 .  ? -11.968 4.519   -10.966 1.00 24.46 ? 299 HOH A O   1 
HETATM 873 O  O   . HOH E 4 .  ? -10.997 3.788   -15.662 1.00 21.67 ? 300 HOH A O   1 
HETATM 874 O  O   . HOH E 4 .  ? -11.880 11.438  1.026   1.00 18.87 ? 301 HOH A O   1 
HETATM 875 O  O   . HOH E 4 .  ? -12.953 5.490   -0.635  1.00 20.82 ? 302 HOH A O   1 
HETATM 876 O  O   . HOH E 4 .  ? 4.168   9.690   2.731   1.00 15.08 ? 303 HOH A O   1 
HETATM 877 O  O   . HOH E 4 .  ? 7.211   -13.539 3.008   1.00 27.24 ? 304 HOH A O   1 
HETATM 878 O  O   . HOH E 4 .  ? 2.736   -11.646 -5.119  1.00 29.26 ? 305 HOH A O   1 
HETATM 879 O  O   . HOH E 4 .  ? -14.366 -3.206  -0.556  1.00 26.69 ? 306 HOH A O   1 
HETATM 880 O  O   . HOH E 4 .  ? -11.266 -10.436 5.271   1.00 14.65 ? 307 HOH A O   1 
HETATM 881 O  O   . HOH E 4 .  ? -0.791  10.921  -1.064  1.00 13.74 ? 308 HOH A O   1 
HETATM 882 O  O   . HOH E 4 .  ? -12.955 0.858   -4.213  1.00 20.36 ? 309 HOH A O   1 
HETATM 883 O  O   . HOH E 4 .  ? -0.808  -12.569 7.672   1.00 28.26 ? 310 HOH A O   1 
HETATM 884 O  O   . HOH E 4 .  ? -12.352 6.844   -9.614  1.00 28.57 ? 311 HOH A O   1 
HETATM 885 O  O   . HOH E 4 .  ? 8.730   -3.040  -12.610 1.00 18.63 ? 312 HOH A O   1 
HETATM 886 O  O   . HOH E 4 .  ? -3.641  7.218   -12.552 1.00 23.58 ? 313 HOH A O   1 
HETATM 887 O  O   . HOH E 4 .  ? -4.666  -2.946  14.567  1.00 29.28 ? 314 HOH A O   1 
HETATM 888 O  O   . HOH E 4 .  ? -4.889  -5.949  13.714  1.00 25.98 ? 315 HOH A O   1 
HETATM 889 O  O   . HOH F 4 .  ? -5.197  0.039   14.976  1.00 42.06 ? 101 HOH B O   1 
HETATM 890 O  O   . HOH F 4 .  ? -2.941  0.167   15.883  1.00 22.06 ? 102 HOH B O   1 
HETATM 891 O  O   . HOH F 4 .  ? -0.211  -3.507  12.051  1.00 18.98 ? 103 HOH B O   1 
HETATM 892 O  O   . HOH F 4 .  ? -2.026  -2.662  14.159  1.00 19.48 ? 104 HOH B O   1 
HETATM 893 O  O   . HOH F 4 .  ? 2.391   7.201   8.760   1.00 18.62 ? 105 HOH B O   1 
HETATM 894 O  O   . HOH F 4 .  ? -5.981  2.431   13.360  1.00 30.58 ? 106 HOH B O   1 
# 
loop_
_atom_site_anisotrop.id 
_atom_site_anisotrop.type_symbol 
_atom_site_anisotrop.pdbx_label_atom_id 
_atom_site_anisotrop.pdbx_label_alt_id 
_atom_site_anisotrop.pdbx_label_comp_id 
_atom_site_anisotrop.pdbx_label_asym_id 
_atom_site_anisotrop.pdbx_label_seq_id 
_atom_site_anisotrop.pdbx_PDB_ins_code 
_atom_site_anisotrop.U[1][1] 
_atom_site_anisotrop.U[2][2] 
_atom_site_anisotrop.U[3][3] 
_atom_site_anisotrop.U[1][2] 
_atom_site_anisotrop.U[1][3] 
_atom_site_anisotrop.U[2][3] 
_atom_site_anisotrop.pdbx_auth_seq_id 
_atom_site_anisotrop.pdbx_auth_comp_id 
_atom_site_anisotrop.pdbx_auth_asym_id 
_atom_site_anisotrop.pdbx_auth_atom_id 
6   N N   . SER A 2  ? 0.2188 0.2628 0.2919 0.0108  0.0254  -0.0700 1  SER A N   
7   C CA  . SER A 2  ? 0.1874 0.2174 0.2715 0.0159  0.0113  -0.0467 1  SER A CA  
8   C C   . SER A 2  ? 0.1785 0.1837 0.2521 0.0150  0.0007  -0.0267 1  SER A C   
9   O O   . SER A 2  ? 0.1764 0.1734 0.2371 0.0107  0.0043  -0.0309 1  SER A O   
10  C CB  . SER A 2  ? 0.1758 0.2145 0.2324 0.0069  0.0145  -0.0357 1  SER A CB  
11  O OG  . SER A 2  ? 0.1603 0.1864 0.1846 0.0002  0.0172  -0.0262 1  SER A OG  
12  N N   . GLU A 3  ? 0.1769 0.1786 0.2540 0.0157  -0.0128 -0.0035 2  GLU A N   
13  C CA  . GLU A 3  ? 0.1942 0.1839 0.2535 0.0083  -0.0176 0.0192  2  GLU A CA  
14  C C   . GLU A 3  ? 0.1823 0.1765 0.2037 -0.0006 -0.0051 0.0134  2  GLU A C   
15  O O   . GLU A 3  ? 0.1823 0.1698 0.2009 -0.0057 -0.0013 0.0178  2  GLU A O   
16  C CB  . GLU A 3  ? 0.2226 0.2232 0.2776 0.0047  -0.0344 0.0495  2  GLU A CB  
17  C CG  . GLU A 3  ? 0.2753 0.2674 0.3860 0.0162  -0.0542 0.0668  2  GLU A CG  
18  C CD  . GLU A 3  ? 0.3465 0.3059 0.5001 0.0188  -0.0554 0.0729  2  GLU A CD  
19  O OE1 . GLU A 3  ? 0.3986 0.3486 0.5305 0.0051  -0.0518 0.0924  2  GLU A OE1 
20  O OE2 . GLU A 3  ? 0.4141 0.3599 0.6319 0.0331  -0.0582 0.0533  2  GLU A OE2 
21  N N   . LEU A 4  ? 0.1722 0.1775 0.1785 -0.0022 0.0009  0.0026  3  LEU A N   
22  C CA  . LEU A 4  ? 0.1664 0.1713 0.1593 -0.0066 0.0103  -0.0038 3  LEU A CA  
23  C C   . LEU A 4  ? 0.1560 0.1535 0.1541 -0.0040 0.0126  -0.0066 3  LEU A C   
24  O O   . LEU A 4  ? 0.1600 0.1571 0.1612 -0.0053 0.0143  -0.0057 3  LEU A O   
25  C CB  . LEU A 4  ? 0.1621 0.1730 0.1555 -0.0096 0.0140  -0.0138 3  LEU A CB  
26  C CG  . LEU A 4  ? 0.1737 0.1774 0.1770 -0.0110 0.0216  -0.0211 3  LEU A CG  
27  C CD1 . LEU A 4  ? 0.1913 0.2028 0.1946 -0.0130 0.0280  -0.0293 3  LEU A CD1 
28  C CD2 . LEU A 4  ? 0.1848 0.1882 0.2043 -0.0164 0.0243  -0.0323 3  LEU A CD2 
29  N N   . GLU A 5  ? 0.1549 0.1560 0.1554 -0.0020 0.0125  -0.0129 4  GLU A N   
30  C CA  . GLU A 5  ? 0.1680 0.1758 0.1624 -0.0041 0.0117  -0.0173 4  GLU A CA  
31  C C   . GLU A 5  ? 0.1552 0.1579 0.1631 -0.0044 0.0068  -0.0242 4  GLU A C   
32  O O   . GLU A 5  ? 0.1618 0.1715 0.1688 -0.0076 0.0019  -0.0243 4  GLU A O   
33  C CB  . GLU A 5  ? 0.1729 0.2003 0.1602 -0.0074 0.0177  -0.0292 4  GLU A CB  
34  C CG  . GLU A 5  ? 0.1816 0.2158 0.1581 -0.0137 0.0231  -0.0143 4  GLU A CG  
35  C CD  . GLU A 5  ? 0.2228 0.2842 0.1953 -0.0213 0.0354  -0.0236 4  GLU A CD  
36  O OE1 . GLU A 5  ? 0.2134 0.2862 0.2048 -0.0161 0.0409  -0.0486 4  GLU A OE1 
37  O OE2 . GLU A 5  ? 0.2235 0.2969 0.1816 -0.0333 0.0401  -0.0047 4  GLU A OE2 
38  N N   . LYS A 6  ? 0.1624 0.1532 0.1921 -0.0018 0.0053  -0.0271 5  LYS A N   
39  C CA  . LYS A 6  ? 0.1764 0.1553 0.2314 -0.0056 0.0010  -0.0285 5  LYS A CA  
40  C C   . LYS A 6  ? 0.1596 0.1397 0.2085 -0.0124 0.0029  -0.0111 5  LYS A C   
41  O O   . LYS A 6  ? 0.1685 0.1511 0.2346 -0.0190 0.0014  -0.0155 5  LYS A O   
42  C CB  . LYS A 6  ? 0.2081 0.1678 0.3007 -0.0013 -0.0041 -0.0233 5  LYS A CB  
43  C CG  . LYS A 6  ? 0.2392 0.2028 0.3613 0.0068  -0.0024 -0.0549 5  LYS A CG  
44  C CD  . LYS A 6  ? 0.2962 0.2370 0.4806 0.0158  -0.0118 -0.0484 5  LYS A CD  
45  N N   . ALA A 7  ? 0.1504 0.1862 0.1888 -0.0258 0.0008  0.0012  6  ALA A N   
46  C CA  . ALA A 7  ? 0.1543 0.2008 0.1784 -0.0271 -0.0014 0.0045  6  ALA A CA  
47  C C   . ALA A 7  ? 0.1436 0.1739 0.1562 -0.0265 0.0039  -0.0024 6  ALA A C   
48  O O   . ALA A 7  ? 0.1550 0.1843 0.1617 -0.0259 0.0023  0.0012  6  ALA A O   
49  C CB  . ALA A 7  ? 0.1623 0.2382 0.1852 -0.0317 -0.0028 -0.0011 6  ALA A CB  
50  N N   . VAL A 8  ? 0.1484 0.1689 0.1633 -0.0273 0.0093  -0.0076 7  VAL A N   
51  C CA  . VAL A 8  ? 0.1558 0.1674 0.1709 -0.0278 0.0122  -0.0032 7  VAL A CA  
52  C C   . VAL A 8  ? 0.1584 0.1696 0.1610 -0.0274 0.0104  0.0032  7  VAL A C   
53  O O   . VAL A 8  ? 0.1740 0.1838 0.1740 -0.0266 0.0085  0.0084  7  VAL A O   
54  C CB  . VAL A 8  ? 0.1651 0.1747 0.1916 -0.0305 0.0173  0.0006  7  VAL A CB  
55  C CG1 . VAL A 8  ? 0.1794 0.1918 0.2091 -0.0332 0.0176  0.0191  7  VAL A CG1 
56  C CG2 . VAL A 8  ? 0.1679 0.1782 0.2198 -0.0312 0.0207  -0.0106 7  VAL A CG2 
57  N N   . VAL A 9  ? 0.1578 0.1742 0.1595 -0.0290 0.0117  -0.0021 8  VAL A N   
58  C CA  . VAL A 9  ? 0.1695 0.1951 0.1684 -0.0313 0.0123  -0.0064 8  VAL A CA  
59  C C   . VAL A 9  ? 0.1572 0.1760 0.1609 -0.0271 0.0080  -0.0049 8  VAL A C   
60  O O   . VAL A 9  ? 0.1658 0.1891 0.1634 -0.0279 0.0074  -0.0049 8  VAL A O   
61  C CB  . VAL A 9  ? 0.1769 0.2166 0.1905 -0.0358 0.0175  -0.0238 8  VAL A CB  
62  C CG1 . VAL A 9  ? 0.2121 0.2683 0.2377 -0.0393 0.0201  -0.0404 8  VAL A CG1 
63  C CG2 . VAL A 9  ? 0.1851 0.2429 0.1888 -0.0431 0.0228  -0.0241 8  VAL A CG2 
64  N N   . ALA A 10 ? 0.1603 0.1748 0.1769 -0.0242 0.0044  -0.0005 9  ALA A N   
65  C CA  . ALA A 10 ? 0.1581 0.1734 0.1828 -0.0224 0.0000  0.0081  9  ALA A CA  
66  C C   . ALA A 10 ? 0.1591 0.1745 0.1635 -0.0224 -0.0011 0.0112  9  ALA A C   
67  O O   . ALA A 10 ? 0.1677 0.1826 0.1732 -0.0218 -0.0023 0.0134  9  ALA A O   
68  C CB  . ALA A 10 ? 0.1695 0.1952 0.2121 -0.0223 -0.0053 0.0220  9  ALA A CB  
69  N N   . LEU A 11 ? 0.1681 0.1852 0.1641 -0.0232 0.0003  0.0083  10 LEU A N   
70  C CA  . LEU A 11 ? 0.1721 0.1903 0.1663 -0.0234 0.0010  0.0053  10 LEU A CA  
71  C C   . LEU A 11 ? 0.1759 0.1855 0.1676 -0.0219 0.0007  0.0097  10 LEU A C   
72  O O   . LEU A 11 ? 0.1926 0.2025 0.1841 -0.0211 -0.0008 0.0102  10 LEU A O   
73  C CB  . LEU A 11 ? 0.1838 0.2063 0.1914 -0.0252 0.0047  -0.0049 10 LEU A CB  
74  C CG  . LEU A 11 ? 0.1651 0.2117 0.1741 -0.0296 0.0050  -0.0143 10 LEU A CG  
75  C CD1 . LEU A 11 ? 0.2297 0.2822 0.2635 -0.0322 0.0111  -0.0330 10 LEU A CD1 
76  C CD2 . LEU A 11 ? 0.2053 0.2816 0.2073 -0.0344 0.0024  -0.0150 10 LEU A CD2 
77  N N   . ILE A 12 ? 0.1857 0.1955 0.1754 -0.0233 0.0020  0.0138  11 ILE A N   
78  C CA  . ILE A 12 ? 0.1956 0.2147 0.1813 -0.0251 0.0005  0.0222  11 ILE A CA  
79  C C   . ILE A 12 ? 0.1914 0.2170 0.1704 -0.0255 -0.0003 0.0135  11 ILE A C   
80  O O   . ILE A 12 ? 0.2011 0.2323 0.1785 -0.0253 -0.0030 0.0166  11 ILE A O   
81  C CB  . ILE A 12 ? 0.1903 0.2265 0.1728 -0.0308 0.0024  0.0294  11 ILE A CB  
82  C CG1 . ILE A 12 ? 0.2033 0.2314 0.2051 -0.0305 0.0037  0.0415  11 ILE A CG1 
83  C CG2 . ILE A 12 ? 0.2166 0.2840 0.1905 -0.0370 0.0000  0.0394  11 ILE A CG2 
84  C CD1 . ILE A 12 ? 0.2098 0.2555 0.2098 -0.0371 0.0067  0.0504  11 ILE A CD1 
85  N N   . ASP A 13 ? 0.1882 0.2145 0.1738 -0.0262 0.0022  0.0018  12 ASP A N   
86  C CA  . ASP A 13 ? 0.1940 0.2275 0.1938 -0.0274 0.0038  -0.0113 12 ASP A CA  
87  C C   . ASP A 13 ? 0.1756 0.1978 0.1796 -0.0236 0.0004  -0.0046 12 ASP A C   
88  O O   . ASP A 13 ? 0.1841 0.2137 0.1900 -0.0245 0.0003  -0.0104 12 ASP A O   
89  C CB  . ASP A 13 ? 0.2068 0.2395 0.2360 -0.0280 0.0074  -0.0233 12 ASP A CB  
90  C CG  . ASP A 13 ? 0.2559 0.3017 0.3210 -0.0312 0.0122  -0.0460 12 ASP A CG  
91  O OD1 . ASP A 13 ? 0.2838 0.3298 0.3920 -0.0318 0.0161  -0.0588 12 ASP A OD1 
92  O OD2 . ASP A 13 ? 0.3093 0.3686 0.3692 -0.0338 0.0128  -0.0547 12 ASP A OD2 
93  N N   . VAL A 14 ? 0.1726 0.1859 0.1778 -0.0212 -0.0019 0.0064  13 VAL A N   
94  C CA  . VAL A 14 ? 0.1753 0.1892 0.1846 -0.0206 -0.0042 0.0139  13 VAL A CA  
95  C C   . VAL A 14 ? 0.1724 0.1859 0.1668 -0.0201 -0.0048 0.0116  13 VAL A C   
96  O O   . VAL A 14 ? 0.1774 0.1921 0.1763 -0.0200 -0.0054 0.0109  13 VAL A O   
97  C CB  . VAL A 14 ? 0.1807 0.2062 0.1929 -0.0228 -0.0069 0.0277  13 VAL A CB  
98  C CG1 . VAL A 14 ? 0.2146 0.2493 0.2087 -0.0249 -0.0059 0.0215  13 VAL A CG1 
99  C CG2 . VAL A 14 ? 0.1882 0.2256 0.2098 -0.0253 -0.0089 0.0398  13 VAL A CG2 
100 N N   . PHE A 15 ? 0.1753 0.1874 0.1623 -0.0197 -0.0047 0.0113  14 PHE A N   
101 C CA  . PHE A 15 ? 0.1860 0.1978 0.1768 -0.0186 -0.0060 0.0117  14 PHE A CA  
102 C C   . PHE A 15 ? 0.1933 0.2111 0.1809 -0.0186 -0.0085 0.0138  14 PHE A C   
103 O O   . PHE A 15 ? 0.2017 0.2206 0.1927 -0.0177 -0.0100 0.0123  14 PHE A O   
104 C CB  . PHE A 15 ? 0.1843 0.1938 0.1900 -0.0181 -0.0055 0.0151  14 PHE A CB  
105 C CG  . PHE A 15 ? 0.1721 0.1814 0.2010 -0.0165 -0.0078 0.0202  14 PHE A CG  
106 C CD1 . PHE A 15 ? 0.1713 0.1817 0.2221 -0.0166 -0.0049 0.0057  14 PHE A CD1 
107 C CD2 . PHE A 15 ? 0.1857 0.2032 0.2200 -0.0165 -0.0131 0.0397  14 PHE A CD2 
108 C CE1 . PHE A 15 ? 0.1688 0.1783 0.2541 -0.0146 -0.0069 0.0086  14 PHE A CE1 
109 C CE2 . PHE A 15 ? 0.1805 0.2008 0.2473 -0.0147 -0.0174 0.0514  14 PHE A CE2 
110 C CZ  . PHE A 15 ? 0.1745 0.1856 0.2701 -0.0126 -0.0140 0.0345  14 PHE A CZ  
111 N N   . HIS A 16 ? 0.1900 0.2197 0.1714 -0.0213 -0.0083 0.0145  15 HIS A N   
112 C CA  . HIS A 16 ? 0.2092 0.2629 0.1866 -0.0250 -0.0103 0.0125  15 HIS A CA  
113 C C   . HIS A 16 ? 0.2007 0.2580 0.1863 -0.0260 -0.0074 -0.0063 15 HIS A C   
114 O O   . HIS A 16 ? 0.2025 0.2780 0.1886 -0.0281 -0.0093 -0.0112 15 HIS A O   
115 C CB  . HIS A 16 ? 0.2258 0.3077 0.1949 -0.0317 -0.0101 0.0170  15 HIS A CB  
116 C CG  . HIS A 16 ? 0.2370 0.3242 0.2114 -0.0320 -0.0151 0.0449  15 HIS A CG  
117 N ND1 . HIS A 16 ? 0.2646 0.3357 0.2480 -0.0304 -0.0133 0.0541  15 HIS A ND1 
118 C CD2 . HIS A 16 ? 0.2676 0.3760 0.2516 -0.0338 -0.0224 0.0686  15 HIS A CD2 
119 C CE1 . HIS A 16 ? 0.2665 0.3467 0.2712 -0.0312 -0.0183 0.0820  15 HIS A CE1 
120 N NE2 . HIS A 16 ? 0.3079 0.4111 0.3148 -0.0331 -0.0247 0.0944  15 HIS A NE2 
121 N N   . GLN A 17 ? 0.1972 0.2399 0.1981 -0.0247 -0.0033 -0.0141 16 GLN A N   
122 C CA  . GLN A 17 ? 0.2066 0.2481 0.2353 -0.0249 -0.0003 -0.0261 16 GLN A CA  
123 C C   . GLN A 17 ? 0.1958 0.2303 0.2201 -0.0225 -0.0034 -0.0181 16 GLN A C   
124 O O   . GLN A 17 ? 0.2192 0.2633 0.2570 -0.0239 -0.0022 -0.0299 16 GLN A O   
125 C CB  . GLN A 17 ? 0.2165 0.2431 0.2749 -0.0233 0.0015  -0.0201 16 GLN A CB  
126 C CG  . GLN A 17 ? 0.2602 0.2936 0.3469 -0.0257 0.0063  -0.0357 16 GLN A CG  
127 C CD  . GLN A 17 ? 0.3283 0.3478 0.4412 -0.0231 0.0045  -0.0175 16 GLN A CD  
128 O OE1 . GLN A 17 ? 0.3372 0.3510 0.4494 -0.0214 -0.0003 0.0077  16 GLN A OE1 
129 N NE2 . GLN A 17 ? 0.3429 0.3661 0.4795 -0.0245 0.0080  -0.0297 16 GLN A NE2 
130 N N   . TYR A 18 ? 0.1628 0.1777 0.1514 0.0059  -0.0030 -0.0018 17 TYR A N   
131 C CA  . TYR A 18 ? 0.1643 0.1783 0.1621 0.0022  -0.0083 -0.0023 17 TYR A CA  
132 C C   . TYR A 18 ? 0.1647 0.1829 0.1596 0.0029  -0.0135 0.0006  17 TYR A C   
133 O O   . TYR A 18 ? 0.1680 0.1888 0.1683 0.0014  -0.0199 -0.0027 17 TYR A O   
134 C CB  . TYR A 18 ? 0.1582 0.1711 0.1670 0.0003  -0.0053 0.0015  17 TYR A CB  
135 C CG  . TYR A 18 ? 0.1512 0.1590 0.1630 0.0003  -0.0028 -0.0016 17 TYR A CG  
136 C CD1 . TYR A 18 ? 0.1475 0.1559 0.1576 0.0035  0.0011  -0.0010 17 TYR A CD1 
137 C CD2 . TYR A 18 ? 0.1556 0.1586 0.1731 -0.0023 -0.0041 -0.0044 17 TYR A CD2 
138 C CE1 . TYR A 18 ? 0.1436 0.1458 0.1552 0.0056  0.0028  -0.0033 17 TYR A CE1 
139 C CE2 . TYR A 18 ? 0.1623 0.1570 0.1802 -0.0017 -0.0015 -0.0061 17 TYR A CE2 
140 C CZ  . TYR A 18 ? 0.1459 0.1393 0.1597 0.0030  0.0014  -0.0057 17 TYR A CZ  
141 O OH  . TYR A 18 ? 0.1681 0.1517 0.1817 0.0053  0.0034  -0.0066 17 TYR A OH  
142 N N   . SER A 19 ? 0.1703 0.1896 0.1581 0.0051  -0.0111 0.0071  18 SER A N   
143 C CA  . SER A 19 ? 0.1724 0.1935 0.1562 0.0073  -0.0160 0.0114  18 SER A CA  
144 C C   . SER A 19 ? 0.1803 0.2037 0.1514 0.0102  -0.0234 0.0070  18 SER A C   
145 O O   . SER A 19 ? 0.1910 0.2188 0.1638 0.0120  -0.0315 0.0080  18 SER A O   
146 C CB  . SER A 19 ? 0.1879 0.2059 0.1657 0.0085  -0.0113 0.0208  18 SER A CB  
147 O OG  . SER A 19 ? 0.2140 0.2323 0.1783 0.0101  -0.0060 0.0231  18 SER A OG  
148 N N   . GLY A 20 ? 0.2020 0.2226 0.1601 0.0115  -0.0214 0.0018  19 GLY A N   
149 C CA  . GLY A 20 ? 0.2315 0.2512 0.1718 0.0147  -0.0291 -0.0041 19 GLY A CA  
150 C C   . GLY A 20 ? 0.2354 0.2551 0.1841 0.0104  -0.0391 -0.0146 19 GLY A C   
151 O O   . GLY A 20 ? 0.2774 0.2952 0.2114 0.0120  -0.0481 -0.0217 19 GLY A O   
152 N N   . ARG A 21 ? 0.2274 0.2485 0.1982 0.0048  -0.0380 -0.0157 20 ARG A N   
153 C CA  . ARG A 21 ? 0.2287 0.2498 0.2104 -0.0012 -0.0461 -0.0244 20 ARG A CA  
154 C C   . ARG A 21 ? 0.2427 0.2754 0.2320 -0.0026 -0.0593 -0.0253 20 ARG A C   
155 O O   . ARG A 21 ? 0.2738 0.3057 0.2592 -0.0058 -0.0704 -0.0345 20 ARG A O   
156 C CB  . ARG A 21 ? 0.2180 0.2379 0.2206 -0.0066 -0.0398 -0.0230 20 ARG A CB  
157 C CG  . ARG A 21 ? 0.2042 0.2125 0.2003 -0.0053 -0.0304 -0.0242 20 ARG A CG  
158 C CD  . ARG A 21 ? 0.2027 0.2089 0.2156 -0.0093 -0.0248 -0.0213 20 ARG A CD  
159 N NE  . ARG A 21 ? 0.2141 0.2090 0.2213 -0.0071 -0.0183 -0.0230 20 ARG A NE  
160 C CZ  . ARG A 21 ? 0.1972 0.1851 0.2133 -0.0097 -0.0140 -0.0216 20 ARG A CZ  
161 N NH1 . ARG A 21 ? 0.2001 0.1918 0.2312 -0.0151 -0.0140 -0.0185 20 ARG A NH1 
162 N NH2 . ARG A 21 ? 0.2172 0.1943 0.2270 -0.0060 -0.0093 -0.0229 20 ARG A NH2 
163 N N   . GLU A 22 ? 0.2310 0.2740 0.2316 0.0002  -0.0590 -0.0165 21 GLU A N   
164 C CA  . GLU A 22 ? 0.2532 0.3114 0.2690 -0.0001 -0.0705 -0.0160 21 GLU A CA  
165 C C   . GLU A 22 ? 0.2491 0.3121 0.2596 0.0087  -0.0705 -0.0060 21 GLU A C   
166 O O   . GLU A 22 ? 0.2437 0.2986 0.2482 0.0120  -0.0597 0.0013  21 GLU A O   
167 C CB  . GLU A 22 ? 0.2597 0.3270 0.3066 -0.0065 -0.0676 -0.0154 21 GLU A CB  
168 C CG  . GLU A 22 ? 0.2938 0.3560 0.3502 -0.0166 -0.0684 -0.0239 21 GLU A CG  
169 C CD  . GLU A 22 ? 0.3399 0.4109 0.4263 -0.0227 -0.0623 -0.0206 21 GLU A CD  
170 O OE1 . GLU A 22 ? 0.3752 0.4634 0.4808 -0.0200 -0.0629 -0.0146 21 GLU A OE1 
171 O OE2 . GLU A 22 ? 0.3848 0.4451 0.4750 -0.0292 -0.0557 -0.0231 21 GLU A OE2 
172 N N   . GLY A 23 ? 0.2664 0.3414 0.2794 0.0124  -0.0837 -0.0054 22 GLY A N   
173 C CA  . GLY A 23 ? 0.2629 0.3418 0.2721 0.0222  -0.0855 0.0049  22 GLY A CA  
174 C C   . GLY A 23 ? 0.2675 0.3305 0.2471 0.0280  -0.0782 0.0116  22 GLY A C   
175 O O   . GLY A 23 ? 0.3008 0.3557 0.2565 0.0280  -0.0785 0.0079  22 GLY A O   
176 N N   . ASP A 24 ? 0.2536 0.3116 0.2354 0.0331  -0.0706 0.0218  23 ASP A N   
177 C CA  . ASP A 24 ? 0.2697 0.3123 0.2289 0.0363  -0.0618 0.0299  23 ASP A CA  
178 C C   . ASP A 24 ? 0.2561 0.2907 0.2081 0.0295  -0.0513 0.0255  23 ASP A C   
179 O O   . ASP A 24 ? 0.2260 0.2600 0.1943 0.0237  -0.0446 0.0222  23 ASP A O   
180 C CB  . ASP A 24 ? 0.2755 0.3107 0.2437 0.0396  -0.0548 0.0391  23 ASP A CB  
181 C CG  . ASP A 24 ? 0.3068 0.3257 0.2543 0.0425  -0.0477 0.0498  23 ASP A CG  
182 O OD1 . ASP A 24 ? 0.3124 0.3258 0.2453 0.0386  -0.0408 0.0501  23 ASP A OD1 
183 O OD2 . ASP A 24 ? 0.3742 0.3858 0.3201 0.0493  -0.0483 0.0589  23 ASP A OD2 
184 N N   . LYS A 25 ? 0.2754 0.3043 0.2030 0.0314  -0.0491 0.0260  24 LYS A N   
185 C CA  . LYS A 25 ? 0.2829 0.3070 0.2056 0.0268  -0.0389 0.0216  24 LYS A CA  
186 C C   . LYS A 25 ? 0.2757 0.2939 0.2031 0.0243  -0.0258 0.0300  24 LYS A C   
187 O O   . LYS A 25 ? 0.2747 0.2921 0.2045 0.0208  -0.0175 0.0272  24 LYS A O   
188 C CB  . LYS A 25 ? 0.3262 0.3472 0.2207 0.0311  -0.0400 0.0179  24 LYS A CB  
189 C CG  . LYS A 25 ? 0.3557 0.3807 0.2461 0.0311  -0.0546 0.0058  24 LYS A CG  
190 N N   . HIS A 26 ? 0.2678 0.2810 0.1979 0.0260  -0.0247 0.0399  25 HIS A N   
191 C CA  . HIS A 26 ? 0.2738 0.2794 0.2086 0.0219  -0.0140 0.0476  25 HIS A CA  
192 C C   . HIS A 26 ? 0.2387 0.2411 0.1937 0.0183  -0.0140 0.0463  25 HIS A C   
193 O O   . HIS A 26 ? 0.2485 0.2427 0.2083 0.0141  -0.0080 0.0515  25 HIS A O   
194 C CB  . HIS A 26 ? 0.3109 0.3072 0.2293 0.0256  -0.0107 0.0607  25 HIS A CB  
195 C CG  . HIS A 26 ? 0.4095 0.4072 0.3050 0.0286  -0.0056 0.0637  25 HIS A CG  
196 N ND1 . HIS A 26 ? 0.4635 0.4629 0.3372 0.0366  -0.0136 0.0622  25 HIS A ND1 
197 C CD2 . HIS A 26 ? 0.4472 0.4464 0.3383 0.0256  0.0068  0.0672  25 HIS A CD2 
198 C CE1 . HIS A 26 ? 0.5033 0.5020 0.3556 0.0390  -0.0055 0.0648  25 HIS A CE1 
199 N NE2 . HIS A 26 ? 0.5053 0.5051 0.3692 0.0327  0.0080  0.0683  25 HIS A NE2 
200 N N   . LYS A 27 ? 0.2243 0.2332 0.1909 0.0197  -0.0208 0.0394  26 LYS A N   
201 C CA  . LYS A 27 ? 0.2015 0.2075 0.1843 0.0180  -0.0196 0.0377  26 LYS A CA  
202 C C   . LYS A 27 ? 0.1821 0.1971 0.1777 0.0152  -0.0211 0.0286  26 LYS A C   
203 O O   . LYS A 27 ? 0.1809 0.2049 0.1764 0.0153  -0.0266 0.0234  26 LYS A O   
204 C CB  . LYS A 27 ? 0.2143 0.2168 0.1998 0.0252  -0.0238 0.0427  26 LYS A CB  
205 C CG  . LYS A 27 ? 0.2251 0.2142 0.1968 0.0287  -0.0223 0.0533  26 LYS A CG  
206 C CD  . LYS A 27 ? 0.2606 0.2448 0.2352 0.0381  -0.0267 0.0580  26 LYS A CD  
207 C CE  . LYS A 27 ? 0.2858 0.2544 0.2441 0.0435  -0.0264 0.0701  26 LYS A CE  
208 N NZ  . LYS A 27 ? 0.3660 0.3330 0.3280 0.0559  -0.0325 0.0742  26 LYS A NZ  
209 N N   . LEU A 28 ? 0.1701 0.1809 0.1752 0.0123  -0.0166 0.0269  27 LEU A N   
210 C CA  . LEU A 28 ? 0.1572 0.1733 0.1739 0.0100  -0.0159 0.0207  27 LEU A CA  
211 C C   . LEU A 28 ? 0.1541 0.1750 0.1825 0.0144  -0.0173 0.0212  27 LEU A C   
212 O O   . LEU A 28 ? 0.1637 0.1767 0.1920 0.0183  -0.0145 0.0242  27 LEU A O   
213 C CB  . LEU A 28 ? 0.1579 0.1664 0.1753 0.0064  -0.0103 0.0194  27 LEU A CB  
214 C CG  . LEU A 28 ? 0.1531 0.1602 0.1649 0.0025  -0.0079 0.0194  27 LEU A CG  
215 C CD1 . LEU A 28 ? 0.1727 0.1731 0.1862 -0.0005 -0.0051 0.0196  27 LEU A CD1 
216 C CD2 . LEU A 28 ? 0.1751 0.1883 0.1868 0.0012  -0.0081 0.0142  27 LEU A CD2 
217 N N   . LYS A 29 ? 0.1471 0.1811 0.1865 0.0140  -0.0217 0.0180  28 LYS A N   
218 C CA  . LYS A 29 ? 0.1524 0.1959 0.2092 0.0171  -0.0206 0.0184  28 LYS A CA  
219 C C   . LYS A 29 ? 0.1449 0.1849 0.2072 0.0135  -0.0123 0.0161  28 LYS A C   
220 O O   . LYS A 29 ? 0.1407 0.1721 0.1945 0.0086  -0.0098 0.0137  28 LYS A O   
221 C CB  . LYS A 29 ? 0.1609 0.2225 0.2320 0.0165  -0.0292 0.0164  28 LYS A CB  
222 C CG  . LYS A 29 ? 0.1861 0.2509 0.2603 0.0074  -0.0320 0.0098  28 LYS A CG  
223 C CD  . LYS A 29 ? 0.2585 0.3396 0.3446 0.0054  -0.0441 0.0065  28 LYS A CD  
224 C CE  . LYS A 29 ? 0.3050 0.4045 0.4207 0.0041  -0.0436 0.0077  28 LYS A CE  
225 N N   . LYS A 30 ? 0.1374 0.1847 0.2137 0.0166  -0.0076 0.0173  29 LYS A N   
226 C CA  . LYS A 30 ? 0.1472 0.1897 0.2249 0.0146  0.0017  0.0166  29 LYS A CA  
227 C C   . LYS A 30 ? 0.1349 0.1762 0.2131 0.0059  0.0019  0.0135  29 LYS A C   
228 O O   . LYS A 30 ? 0.1499 0.1791 0.2167 0.0044  0.0065  0.0130  29 LYS A O   
229 C CB  . LYS A 30 ? 0.1482 0.2030 0.2435 0.0194  0.0082  0.0193  29 LYS A CB  
230 C CG  . LYS A 30 ? 0.1694 0.2177 0.2591 0.0307  0.0125  0.0218  29 LYS A CG  
231 C CD  . LYS A 30 ? 0.1728 0.2379 0.2834 0.0371  0.0203  0.0248  29 LYS A CD  
232 C CE  . LYS A 30 ? 0.1804 0.2377 0.2847 0.0507  0.0254  0.0267  29 LYS A CE  
233 N NZ  . LYS A 30 ? 0.2141 0.2917 0.3416 0.0581  0.0344  0.0301  29 LYS A NZ  
234 N N   . SER A 31 ? 0.1379 0.1907 0.2289 0.0005  -0.0038 0.0113  30 SER A N   
235 C CA  . SER A 31 ? 0.1530 0.2008 0.2447 -0.0077 -0.0033 0.0079  30 SER A CA  
236 C C   . SER A 31 ? 0.1558 0.1899 0.2276 -0.0081 -0.0055 0.0050  30 SER A C   
237 O O   . SER A 31 ? 0.1654 0.1893 0.2313 -0.0103 -0.0015 0.0043  30 SER A O   
238 C CB  . SER A 31 ? 0.1784 0.2390 0.2874 -0.0144 -0.0110 0.0045  30 SER A CB  
239 O OG  . SER A 31 ? 0.2009 0.2652 0.3029 -0.0126 -0.0220 0.0013  30 SER A OG  
240 N N   . GLU A 32 ? 0.1450 0.1793 0.2067 -0.0049 -0.0112 0.0045  31 GLU A N   
241 C CA  . GLU A 32 ? 0.1470 0.1721 0.1927 -0.0047 -0.0117 0.0028  31 GLU A CA  
242 C C   . GLU A 32 ? 0.1370 0.1535 0.1760 -0.0027 -0.0057 0.0058  31 GLU A C   
243 O O   . GLU A 32 ? 0.1477 0.1581 0.1809 -0.0037 -0.0037 0.0046  31 GLU A O   
244 C CB  . GLU A 32 ? 0.1562 0.1840 0.1923 -0.0015 -0.0170 0.0037  31 GLU A CB  
245 C CG  . GLU A 32 ? 0.1541 0.1888 0.1911 -0.0029 -0.0256 -0.0008 31 GLU A CG  
246 C CD  . GLU A 32 ? 0.1622 0.1995 0.1875 0.0020  -0.0309 0.0020  31 GLU A CD  
247 O OE1 . GLU A 32 ? 0.1775 0.2135 0.2009 0.0064  -0.0284 0.0087  31 GLU A OE1 
248 O OE2 . GLU A 32 ? 0.1799 0.2190 0.1957 0.0023  -0.0382 -0.0023 31 GLU A OE2 
249 N N   . LEU A 33 ? 0.1403 0.1558 0.1801 0.0006  -0.0035 0.0093  32 LEU A N   
250 C CA  . LEU A 33 ? 0.1431 0.1489 0.1750 0.0019  0.0001  0.0106  32 LEU A CA  
251 C C   . LEU A 33 ? 0.1368 0.1383 0.1686 0.0010  0.0046  0.0099  32 LEU A C   
252 O O   . LEU A 33 ? 0.1489 0.1438 0.1728 0.0007  0.0047  0.0097  32 LEU A O   
253 C CB  . LEU A 33 ? 0.1527 0.1544 0.1828 0.0063  0.0010  0.0129  32 LEU A CB  
254 C CG  . LEU A 33 ? 0.1463 0.1348 0.1658 0.0076  0.0029  0.0127  32 LEU A CG  
255 C CD1 . LEU A 33 ? 0.1780 0.1622 0.1918 0.0035  -0.0008 0.0127  32 LEU A CD1 
256 C CD2 . LEU A 33 ? 0.1781 0.1597 0.1951 0.0135  0.0044  0.0138  32 LEU A CD2 
257 N N   . LYS A 34 ? 0.1328 0.1387 0.1737 0.0007  0.0084  0.0107  33 LYS A N   
258 C CA  . LYS A 34 ? 0.1423 0.1426 0.1820 -0.0002 0.0143  0.0119  33 LYS A CA  
259 C C   . LYS A 34 ? 0.1374 0.1324 0.1735 -0.0033 0.0121  0.0102  33 LYS A C   
260 O O   . LYS A 34 ? 0.1566 0.1426 0.1834 -0.0016 0.0143  0.0116  33 LYS A O   
261 C CB  . LYS A 34 ? 0.1476 0.1565 0.2027 -0.0020 0.0195  0.0141  33 LYS A CB  
262 C CG  . LYS A 34 ? 0.1600 0.1622 0.2142 -0.0038 0.0276  0.0175  33 LYS A CG  
263 C CD  . LYS A 34 ? 0.1650 0.1785 0.2398 -0.0080 0.0336  0.0206  33 LYS A CD  
264 C CE  . LYS A 34 ? 0.2100 0.2147 0.2831 -0.0106 0.0435  0.0259  33 LYS A CE  
265 N NZ  . LYS A 34 ? 0.2219 0.2399 0.3200 -0.0168 0.0505  0.0302  33 LYS A NZ  
266 N N   . GLU A 35 ? 0.1366 0.1358 0.1786 -0.0068 0.0078  0.0069  34 GLU A N   
267 C CA  . GLU A 35 ? 0.1396 0.1316 0.1774 -0.0080 0.0067  0.0043  34 GLU A CA  
268 C C   . GLU A 35 ? 0.1401 0.1300 0.1678 -0.0038 0.0051  0.0043  34 GLU A C   
269 O O   . GLU A 35 ? 0.1543 0.1370 0.1773 -0.0016 0.0063  0.0048  34 GLU A O   
270 C CB  . GLU A 35 ? 0.1521 0.1467 0.1948 -0.0119 0.0016  -0.0011 34 GLU A CB  
271 C CG  . GLU A 35 ? 0.1592 0.1590 0.2170 -0.0181 0.0009  -0.0017 34 GLU A CG  
272 C CD  . GLU A 35 ? 0.1708 0.1618 0.2347 -0.0223 0.0070  0.0010  34 GLU A CD  
273 O OE1 . GLU A 35 ? 0.2079 0.1865 0.2618 -0.0194 0.0117  0.0037  34 GLU A OE1 
274 O OE2 . GLU A 35 ? 0.2164 0.2134 0.2968 -0.0293 0.0069  0.0010  34 GLU A OE2 
275 N N   . LEU A 36 ? 0.1339 0.1299 0.1597 -0.0027 0.0025  0.0047  35 LEU A N   
276 C CA  . LEU A 36 ? 0.1355 0.1325 0.1567 -0.0006 0.0015  0.0056  35 LEU A CA  
277 C C   . LEU A 36 ? 0.1391 0.1308 0.1566 0.0012  0.0019  0.0079  35 LEU A C   
278 O O   . LEU A 36 ? 0.1418 0.1332 0.1579 0.0036  0.0009  0.0084  35 LEU A O   
279 C CB  . LEU A 36 ? 0.1433 0.1456 0.1641 -0.0014 -0.0005 0.0073  35 LEU A CB  
280 C CG  . LEU A 36 ? 0.1577 0.1641 0.1784 -0.0015 -0.0008 0.0092  35 LEU A CG  
281 C CD1 . LEU A 36 ? 0.1654 0.1764 0.1852 -0.0027 -0.0007 0.0116  35 LEU A CD1 
282 C CD2 . LEU A 36 ? 0.1641 0.1671 0.1847 -0.0025 -0.0031 0.0108  35 LEU A CD2 
283 N N   . ILE A 37 ? 0.1434 0.1309 0.1579 0.0014  0.0032  0.0093  36 ILE A N   
284 C CA  . ILE A 37 ? 0.1522 0.1326 0.1578 0.0040  0.0028  0.0106  36 ILE A CA  
285 C C   . ILE A 37 ? 0.1556 0.1297 0.1576 0.0063  0.0055  0.0125  36 ILE A C   
286 O O   . ILE A 37 ? 0.1610 0.1319 0.1564 0.0098  0.0025  0.0138  36 ILE A O   
287 C CB  . ILE A 37 ? 0.1581 0.1330 0.1576 0.0054  0.0054  0.0109  36 ILE A CB  
288 C CG1 . ILE A 37 ? 0.1641 0.1399 0.1643 0.0040  0.0015  0.0095  36 ILE A CG1 
289 C CG2 . ILE A 37 ? 0.1880 0.1529 0.1729 0.0093  0.0059  0.0119  36 ILE A CG2 
290 C CD1 . ILE A 37 ? 0.1905 0.1601 0.1860 0.0071  0.0046  0.0091  36 ILE A CD1 
291 N N   . ASN A 38 ? 0.1534 0.1252 0.1600 0.0045  0.0108  0.0133  37 ASN A N   
292 C CA  . ASN A 38 ? 0.1670 0.1290 0.1698 0.0059  0.0147  0.0163  37 ASN A CA  
293 C C   . ASN A 38 ? 0.1680 0.1270 0.1711 0.0081  0.0118  0.0152  37 ASN A C   
294 O O   . ASN A 38 ? 0.1921 0.1418 0.1876 0.0127  0.0124  0.0187  37 ASN A O   
295 C CB  . ASN A 38 ? 0.1733 0.1336 0.1848 0.0011  0.0213  0.0180  37 ASN A CB  
296 C CG  . ASN A 38 ? 0.1757 0.1379 0.1858 0.0019  0.0277  0.0214  37 ASN A CG  
297 O OD1 . ASN A 38 ? 0.2042 0.1706 0.2265 -0.0022 0.0339  0.0235  37 ASN A OD1 
298 N ND2 . ASN A 38 ? 0.1682 0.1271 0.1642 0.0073  0.0267  0.0219  37 ASN A ND2 
299 N N   . ASN A 39 ? 0.1547 0.1209 0.1650 0.0065  0.0091  0.0108  38 ASN A N   
300 C CA  . ASN A 39 ? 0.1688 0.1322 0.1789 0.0104  0.0080  0.0088  38 ASN A CA  
301 C C   . ASN A 39 ? 0.1589 0.1317 0.1692 0.0155  0.0044  0.0095  38 ASN A C   
302 O O   . ASN A 39 ? 0.1834 0.1538 0.1931 0.0219  0.0041  0.0102  38 ASN A O   
303 C CB  . ASN A 39 ? 0.1694 0.1346 0.1836 0.0076  0.0076  0.0029  38 ASN A CB  
304 C CG  . ASN A 39 ? 0.1814 0.1386 0.1993 0.0011  0.0090  0.0009  38 ASN A CG  
305 O OD1 . ASN A 39 ? 0.2038 0.1505 0.2221 -0.0007 0.0126  0.0045  38 ASN A OD1 
306 N ND2 . ASN A 39 ? 0.1808 0.1436 0.2022 -0.0027 0.0058  -0.0044 38 ASN A ND2 
307 N N   . GLU A 40 ? 0.1464 0.1303 0.1597 0.0128  0.0016  0.0095  39 GLU A N   
308 C CA  . GLU A 40 ? 0.1372 0.1338 0.1564 0.0148  -0.0016 0.0102  39 GLU A CA  
309 C C   . GLU A 40 ? 0.1412 0.1408 0.1592 0.0145  -0.0075 0.0126  39 GLU A C   
310 O O   . GLU A 40 ? 0.1563 0.1684 0.1831 0.0153  -0.0113 0.0136  39 GLU A O   
311 C CB  . GLU A 40 ? 0.1354 0.1419 0.1600 0.0109  -0.0004 0.0087  39 GLU A CB  
312 C CG  . GLU A 40 ? 0.1498 0.1528 0.1716 0.0110  0.0032  0.0050  39 GLU A CG  
313 C CD  . GLU A 40 ? 0.1633 0.1620 0.1834 0.0175  0.0059  0.0024  39 GLU A CD  
314 O OE1 . GLU A 40 ? 0.1753 0.1794 0.1996 0.0232  0.0061  0.0044  39 GLU A OE1 
315 O OE2 . GLU A 40 ? 0.1872 0.1769 0.2020 0.0169  0.0071  -0.0023 39 GLU A OE2 
316 N N   . LEU A 41 ? 0.1495 0.1391 0.1575 0.0132  -0.0081 0.0130  40 LEU A N   
317 C CA  . LEU A 41 ? 0.1635 0.1521 0.1651 0.0132  -0.0149 0.0135  40 LEU A CA  
318 C C   . LEU A 41 ? 0.1736 0.1497 0.1598 0.0186  -0.0151 0.0159  40 LEU A C   
319 O O   . LEU A 41 ? 0.2103 0.1800 0.1837 0.0192  -0.0195 0.0152  40 LEU A O   
320 C CB  . LEU A 41 ? 0.1708 0.1569 0.1702 0.0076  -0.0156 0.0112  40 LEU A CB  
321 C CG  . LEU A 41 ? 0.1610 0.1579 0.1734 0.0021  -0.0166 0.0108  40 LEU A CG  
322 C CD1 . LEU A 41 ? 0.1745 0.1647 0.1834 -0.0017 -0.0154 0.0096  40 LEU A CD1 
323 C CD2 . LEU A 41 ? 0.1777 0.1857 0.1997 -0.0001 -0.0243 0.0113  40 LEU A CD2 
324 N N   . SER A 42 ? 0.1787 0.1729 0.1720 0.0073  -0.0049 0.0170  41 SER A N   
325 C CA  . SER A 42 ? 0.2006 0.1963 0.1944 0.0104  -0.0015 0.0234  41 SER A CA  
326 C C   . SER A 42 ? 0.2089 0.2130 0.1948 0.0139  -0.0016 0.0254  41 SER A C   
327 O O   . SER A 42 ? 0.2296 0.2386 0.2133 0.0172  0.0014  0.0307  41 SER A O   
328 C CB  . SER A 42 ? 0.2156 0.2060 0.2197 0.0116  0.0000  0.0274  41 SER A CB  
329 O OG  . SER A 42 ? 0.2349 0.2260 0.2396 0.0134  -0.0019 0.0269  41 SER A OG  
330 N N   . HIS A 43 ? 0.1951 0.2031 0.1766 0.0136  -0.0047 0.0213  42 HIS A N   
331 C CA  . HIS A 43 ? 0.2072 0.2258 0.1812 0.0170  -0.0049 0.0218  42 HIS A CA  
332 C C   . HIS A 43 ? 0.1924 0.2175 0.1610 0.0156  -0.0055 0.0161  42 HIS A C   
333 O O   . HIS A 43 ? 0.2062 0.2425 0.1691 0.0189  -0.0055 0.0158  42 HIS A O   
334 C CB  . HIS A 43 ? 0.2319 0.2535 0.2049 0.0180  -0.0077 0.0204  42 HIS A CB  
335 C CG  . HIS A 43 ? 0.2524 0.2679 0.2321 0.0200  -0.0069 0.0254  42 HIS A CG  
336 N ND1 . HIS A 43 ? 0.2997 0.3177 0.2810 0.0253  -0.0042 0.0332  42 HIS A ND1 
337 C CD2 . HIS A 43 ? 0.2318 0.2393 0.2186 0.0177  -0.0080 0.0231  42 HIS A CD2 
338 C CE1 . HIS A 43 ? 0.2601 0.2700 0.2506 0.0256  -0.0039 0.0350  42 HIS A CE1 
339 N NE2 . HIS A 43 ? 0.2927 0.2969 0.2863 0.0210  -0.0064 0.0281  42 HIS A NE2 
340 N N   . PHE A 44 ? 0.1821 0.2012 0.1532 0.0112  -0.0061 0.0114  43 PHE A N   
341 C CA  . PHE A 44 ? 0.1895 0.2129 0.1581 0.0096  -0.0065 0.0049  43 PHE A CA  
342 C C   . PHE A 44 ? 0.2095 0.2312 0.1788 0.0096  -0.0039 0.0053  43 PHE A C   
343 O O   . PHE A 44 ? 0.2294 0.2568 0.1964 0.0097  -0.0038 -0.0001 43 PHE A O   
344 C CB  . PHE A 44 ? 0.1990 0.2179 0.1713 0.0048  -0.0085 -0.0007 43 PHE A CB  
345 C CG  . PHE A 44 ? 0.2019 0.2250 0.1736 0.0044  -0.0112 -0.0024 43 PHE A CG  
346 C CD1 . PHE A 44 ? 0.2527 0.2865 0.2199 0.0072  -0.0122 -0.0040 43 PHE A CD1 
347 C CD2 . PHE A 44 ? 0.2166 0.2350 0.1921 0.0018  -0.0125 -0.0027 43 PHE A CD2 
348 C CE1 . PHE A 44 ? 0.2770 0.3154 0.2441 0.0068  -0.0147 -0.0058 43 PHE A CE1 
349 C CE2 . PHE A 44 ? 0.2374 0.2606 0.2124 0.0017  -0.0147 -0.0041 43 PHE A CE2 
350 C CZ  . PHE A 44 ? 0.2524 0.2849 0.2234 0.0039  -0.0159 -0.0057 43 PHE A CZ  
351 N N   . LEU A 45 ? 0.1993 0.2134 0.1727 0.0093  -0.0020 0.0106  44 LEU A N   
352 C CA  . LEU A 45 ? 0.2110 0.2227 0.1860 0.0090  0.0005  0.0111  44 LEU A CA  
353 C C   . LEU A 45 ? 0.2139 0.2242 0.1919 0.0113  0.0036  0.0193  44 LEU A C   
354 O O   . LEU A 45 ? 0.2096 0.2148 0.1926 0.0110  0.0036  0.0231  44 LEU A O   
355 C CB  . LEU A 45 ? 0.2132 0.2165 0.1931 0.0049  -0.0002 0.0079  44 LEU A CB  
356 C CG  . LEU A 45 ? 0.2227 0.2258 0.2028 0.0023  -0.0022 0.0011  44 LEU A CG  
357 C CD1 . LEU A 45 ? 0.2475 0.2431 0.2329 -0.0005 -0.0024 0.0010  44 LEU A CD1 
358 C CD2 . LEU A 45 ? 0.2653 0.2735 0.2434 0.0028  -0.0013 -0.0044 44 LEU A CD2 
359 N N   . GLU A 46 ? 0.2302 0.2458 0.2063 0.0137  0.0065  0.0216  45 GLU A N   
360 C CA  . GLU A 46 ? 0.2363 0.2508 0.2174 0.0156  0.0104  0.0303  45 GLU A CA  
361 C C   . GLU A 46 ? 0.2187 0.2224 0.2086 0.0116  0.0105  0.0301  45 GLU A C   
362 O O   . GLU A 46 ? 0.2236 0.2236 0.2139 0.0087  0.0090  0.0245  45 GLU A O   
363 C CB  . GLU A 46 ? 0.2620 0.2860 0.2393 0.0191  0.0135  0.0326  45 GLU A CB  
364 C CG  . GLU A 46 ? 0.3059 0.3314 0.2884 0.0220  0.0185  0.0438  45 GLU A CG  
365 N N   . GLU A 47 ? 0.2164 0.2159 0.2146 0.0118  0.0125  0.0361  46 GLU A N   
366 C CA  . GLU A 47 ? 0.2107 0.2028 0.2193 0.0085  0.0129  0.0354  46 GLU A CA  
367 C C   . GLU A 47 ? 0.1921 0.1849 0.2009 0.0073  0.0145  0.0341  46 GLU A C   
368 O O   . GLU A 47 ? 0.2083 0.2069 0.2141 0.0098  0.0176  0.0380  46 GLU A O   
369 C CB  . GLU A 47 ? 0.2287 0.2176 0.2483 0.0094  0.0161  0.0426  46 GLU A CB  
370 C CG  . GLU A 47 ? 0.2653 0.2474 0.2979 0.0057  0.0159  0.0396  46 GLU A CG  
371 C CD  . GLU A 47 ? 0.3248 0.3030 0.3723 0.0059  0.0195  0.0457  46 GLU A CD  
372 O OE1 . GLU A 47 ? 0.3622 0.3420 0.4097 0.0094  0.0222  0.0535  46 GLU A OE1 
373 O OE2 . GLU A 47 ? 0.3548 0.3292 0.4150 0.0028  0.0199  0.0427  46 GLU A OE2 
374 N N   . ILE A 48 ? 0.1795 0.1681 0.1919 0.0042  0.0124  0.0287  47 ILE A N   
375 C CA  . ILE A 48 ? 0.1771 0.1663 0.1908 0.0033  0.0138  0.0273  47 ILE A CA  
376 C C   . ILE A 48 ? 0.1732 0.1608 0.1987 0.0022  0.0165  0.0310  47 ILE A C   
377 O O   . ILE A 48 ? 0.1818 0.1658 0.2163 0.0001  0.0151  0.0289  47 ILE A O   
378 C CB  . ILE A 48 ? 0.1761 0.1629 0.1886 0.0014  0.0106  0.0208  47 ILE A CB  
379 C CG1 . ILE A 48 ? 0.1909 0.1787 0.1946 0.0018  0.0085  0.0172  47 ILE A CG1 
380 C CG2 . ILE A 48 ? 0.1954 0.1833 0.2103 0.0010  0.0123  0.0201  47 ILE A CG2 
381 C CD1 . ILE A 48 ? 0.2091 0.1947 0.2132 0.0003  0.0060  0.0129  47 ILE A CD1 
382 N N   . LYS A 49 ? 0.1771 0.1685 0.2039 0.0036  0.0206  0.0360  48 LYS A N   
383 C CA  . LYS A 49 ? 0.1952 0.1858 0.2352 0.0023  0.0242  0.0406  48 LYS A CA  
384 C C   . LYS A 49 ? 0.1942 0.1883 0.2355 0.0018  0.0259  0.0397  48 LYS A C   
385 O O   . LYS A 49 ? 0.2228 0.2177 0.2751 0.0006  0.0292  0.0435  48 LYS A O   
386 C CB  . LYS A 49 ? 0.2268 0.2204 0.2697 0.0052  0.0290  0.0509  48 LYS A CB  
387 C CG  . LYS A 49 ? 0.2587 0.2495 0.3026 0.0065  0.0284  0.0537  48 LYS A CG  
388 C CD  . LYS A 49 ? 0.3144 0.3102 0.3608 0.0106  0.0340  0.0658  48 LYS A CD  
389 C CE  . LYS A 49 ? 0.3729 0.3652 0.4229 0.0123  0.0340  0.0697  48 LYS A CE  
390 N NZ  . LYS A 49 ? 0.4200 0.4163 0.4769 0.0164  0.0406  0.0836  48 LYS A NZ  
391 N N   . GLU A 50 ? 0.2052 0.2014 0.2363 0.0029  0.0243  0.0353  49 GLU A N   
392 C CA  . GLU A 50 ? 0.2124 0.2124 0.2436 0.0033  0.0261  0.0346  49 GLU A CA  
393 C C   . GLU A 50 ? 0.2038 0.2014 0.2329 0.0022  0.0226  0.0273  49 GLU A C   
394 O O   . GLU A 50 ? 0.2028 0.1980 0.2247 0.0026  0.0197  0.0233  49 GLU A O   
395 C CB  . GLU A 50 ? 0.2319 0.2388 0.2536 0.0073  0.0284  0.0368  49 GLU A CB  
396 C CG  . GLU A 50 ? 0.2879 0.3013 0.3109 0.0101  0.0331  0.0462  49 GLU A CG  
397 C CD  . GLU A 50 ? 0.3251 0.3423 0.3394 0.0134  0.0326  0.0483  49 GLU A CD  
398 O OE1 . GLU A 50 ? 0.3096 0.3293 0.3137 0.0149  0.0296  0.0419  49 GLU A OE1 
399 O OE2 . GLU A 50 ? 0.3681 0.3867 0.3871 0.0147  0.0352  0.0566  49 GLU A OE2 
400 N N   . GLN A 51 ? 0.2013 0.2006 0.2370 0.0013  0.0233  0.0261  50 GLN A N   
401 C CA  . GLN A 51 ? 0.1941 0.1932 0.2283 0.0014  0.0208  0.0210  50 GLN A CA  
402 C C   . GLN A 51 ? 0.1916 0.1899 0.2160 0.0038  0.0207  0.0188  50 GLN A C   
403 O O   . GLN A 51 ? 0.1875 0.1830 0.2093 0.0039  0.0183  0.0157  50 GLN A O   
404 C CB  . GLN A 51 ? 0.2155 0.2191 0.2578 0.0009  0.0224  0.0208  50 GLN A CB  
405 C CG  . GLN A 51 ? 0.2331 0.2383 0.2753 0.0019  0.0200  0.0165  50 GLN A CG  
406 C CD  . GLN A 51 ? 0.2632 0.2687 0.3091 0.0005  0.0163  0.0132  50 GLN A CD  
407 O OE1 . GLN A 51 ? 0.2886 0.2961 0.3441 -0.0018 0.0157  0.0119  50 GLN A OE1 
408 N NE2 . GLN A 51 ? 0.2254 0.2294 0.2653 0.0020  0.0139  0.0115  50 GLN A NE2 
409 N N   . GLU A 52 ? 0.1888 0.1906 0.2089 0.0060  0.0234  0.0206  51 GLU A N   
410 C CA  . GLU A 52 ? 0.2067 0.2085 0.2197 0.0083  0.0231  0.0164  51 GLU A CA  
411 C C   . GLU A 52 ? 0.1968 0.1946 0.2046 0.0077  0.0205  0.0132  51 GLU A C   
412 O O   . GLU A 52 ? 0.2026 0.1975 0.2091 0.0082  0.0194  0.0088  51 GLU A O   
413 C CB  . GLU A 52 ? 0.2454 0.2543 0.2547 0.0114  0.0263  0.0174  51 GLU A CB  
414 C CG  . GLU A 52 ? 0.3046 0.3196 0.3112 0.0128  0.0282  0.0221  51 GLU A CG  
415 C CD  . GLU A 52 ? 0.3780 0.4029 0.3819 0.0168  0.0317  0.0233  51 GLU A CD  
416 O OE1 . GLU A 52 ? 0.3995 0.4284 0.4088 0.0169  0.0350  0.0291  51 GLU A OE1 
417 O OE2 . GLU A 52 ? 0.4037 0.4328 0.4013 0.0196  0.0312  0.0174  51 GLU A OE2 
418 N N   . VAL A 53 ? 0.1888 0.1865 0.1956 0.0067  0.0195  0.0158  52 VAL A N   
419 C CA  . VAL A 53 ? 0.1920 0.1873 0.1945 0.0061  0.0170  0.0130  52 VAL A CA  
420 C C   . VAL A 53 ? 0.1840 0.1738 0.1897 0.0039  0.0143  0.0113  52 VAL A C   
421 O O   . VAL A 53 ? 0.1868 0.1740 0.1905 0.0036  0.0127  0.0078  52 VAL A O   
422 C CB  . VAL A 53 ? 0.1902 0.1884 0.1902 0.0067  0.0172  0.0167  52 VAL A CB  
423 C CG1 . VAL A 53 ? 0.2072 0.2034 0.2031 0.0059  0.0141  0.0134  52 VAL A CG1 
424 C CG2 . VAL A 53 ? 0.2244 0.2313 0.2201 0.0102  0.0201  0.0187  52 VAL A CG2 
425 N N   . VAL A 54 ? 0.1844 0.1737 0.1959 0.0026  0.0137  0.0134  53 VAL A N   
426 C CA  . VAL A 54 ? 0.1870 0.1747 0.2015 0.0017  0.0112  0.0117  53 VAL A CA  
427 C C   . VAL A 54 ? 0.1742 0.1610 0.1883 0.0030  0.0119  0.0102  53 VAL A C   
428 O O   . VAL A 54 ? 0.1749 0.1597 0.1885 0.0031  0.0107  0.0093  53 VAL A O   
429 C CB  . VAL A 54 ? 0.1930 0.1837 0.2155 0.0008  0.0108  0.0124  53 VAL A CB  
430 C CG1 . VAL A 54 ? 0.2301 0.2231 0.2548 0.0012  0.0083  0.0103  53 VAL A CG1 
431 C CG2 . VAL A 54 ? 0.2129 0.2029 0.2390 -0.0007 0.0107  0.0138  53 VAL A CG2 
432 N N   . ASP A 55 ? 0.1641 0.1526 0.1795 0.0045  0.0142  0.0105  54 ASP A N   
433 C CA  . ASP A 55 ? 0.1731 0.1606 0.1900 0.0064  0.0154  0.0096  54 ASP A CA  
434 C C   . ASP A 55 ? 0.1743 0.1575 0.1884 0.0067  0.0156  0.0066  54 ASP A C   
435 O O   . ASP A 55 ? 0.1804 0.1604 0.1973 0.0073  0.0156  0.0066  54 ASP A O   
436 C CB  . ASP A 55 ? 0.1817 0.1725 0.2003 0.0081  0.0179  0.0100  54 ASP A CB  
437 C CG  . ASP A 55 ? 0.1682 0.1642 0.1922 0.0077  0.0179  0.0121  54 ASP A CG  
438 O OD1 . ASP A 55 ? 0.1780 0.1757 0.2050 0.0066  0.0156  0.0121  54 ASP A OD1 
439 O OD2 . ASP A 55 ? 0.2009 0.2004 0.2269 0.0085  0.0201  0.0129  54 ASP A OD2 
440 N N   . LYS A 56 ? 0.1885 0.1725 0.1984 0.0066  0.0159  0.0041  55 LYS A N   
441 C CA  . LYS A 56 ? 0.2059 0.1875 0.2148 0.0066  0.0160  -0.0009 55 LYS A CA  
442 C C   . LYS A 56 ? 0.1935 0.1717 0.2030 0.0044  0.0138  -0.0013 55 LYS A C   
443 O O   . LYS A 56 ? 0.2044 0.1787 0.2177 0.0040  0.0142  -0.0040 55 LYS A O   
444 C CB  . LYS A 56 ? 0.2247 0.2119 0.2285 0.0079  0.0165  -0.0041 55 LYS A CB  
445 C CG  . LYS A 56 ? 0.2703 0.2578 0.2748 0.0086  0.0166  -0.0121 55 LYS A CG  
446 C CD  . LYS A 56 ? 0.3190 0.3021 0.3300 0.0100  0.0186  -0.0151 55 LYS A CD  
447 C CE  . LYS A 56 ? 0.3329 0.3211 0.3426 0.0131  0.0209  -0.0147 55 LYS A CE  
448 N N   . VAL A 57 ? 0.1910 0.1709 0.1978 0.0031  0.0119  0.0016  56 VAL A N   
449 C CA  . VAL A 57 ? 0.1979 0.1759 0.2051 0.0014  0.0099  0.0014  56 VAL A CA  
450 C C   . VAL A 57 ? 0.1827 0.1583 0.1952 0.0016  0.0102  0.0041  56 VAL A C   
451 O O   . VAL A 57 ? 0.1957 0.1685 0.2115 0.0007  0.0104  0.0033  56 VAL A O   
452 C CB  . VAL A 57 ? 0.2009 0.1815 0.2048 0.0004  0.0077  0.0036  56 VAL A CB  
453 C CG1 . VAL A 57 ? 0.2447 0.2245 0.2491 -0.0010 0.0056  0.0034  56 VAL A CG1 
454 C CG2 . VAL A 57 ? 0.2277 0.2118 0.2265 0.0011  0.0081  0.0029  56 VAL A CG2 
455 N N   . MET A 58 ? 0.1810 0.1589 0.1952 0.0029  0.0105  0.0074  57 MET A N   
456 C CA  . MET A 58 ? 0.1728 0.1516 0.1917 0.0046  0.0110  0.0110  57 MET A CA  
457 C C   . MET A 58 ? 0.1847 0.1586 0.2086 0.0059  0.0140  0.0109  57 MET A C   
458 O O   . MET A 58 ? 0.1850 0.1570 0.2136 0.0063  0.0150  0.0135  57 MET A O   
459 C CB  . MET A 58 ? 0.1719 0.1568 0.1923 0.0066  0.0107  0.0134  57 MET A CB  
460 C CG  . MET A 58 ? 0.1704 0.1594 0.1948 0.0096  0.0114  0.0178  57 MET A CG  
461 S SD  . MET A 58 ? 0.1737 0.1671 0.1981 0.0096  0.0094  0.0204  57 MET A SD  
462 C CE  . MET A 58 ? 0.1992 0.2024 0.2220 0.0098  0.0057  0.0178  57 MET A CE  
463 N N   . GLU A 59 ? 0.1825 0.1547 0.2063 0.0067  0.0157  0.0078  58 GLU A N   
464 C CA  . GLU A 59 ? 0.1960 0.1630 0.2262 0.0082  0.0186  0.0065  58 GLU A CA  
465 C C   . GLU A 59 ? 0.2003 0.1622 0.2345 0.0058  0.0187  0.0028  58 GLU A C   
466 O O   . GLU A 59 ? 0.2209 0.1778 0.2639 0.0064  0.0212  0.0043  58 GLU A O   
467 C CB  . GLU A 59 ? 0.2177 0.1855 0.2463 0.0096  0.0199  0.0024  58 GLU A CB  
468 C CG  . GLU A 59 ? 0.2543 0.2172 0.2903 0.0116  0.0228  -0.0008 58 GLU A CG  
469 C CD  . GLU A 59 ? 0.3166 0.2824 0.3499 0.0134  0.0239  -0.0061 58 GLU A CD  
470 O OE1 . GLU A 59 ? 0.3515 0.3234 0.3778 0.0134  0.0229  -0.0055 58 GLU A OE1 
471 N N   . THR A 60 ? 0.2105 0.1744 0.2393 0.0034  0.0164  -0.0017 59 THR A N   
472 C CA  . THR A 60 ? 0.2187 0.1798 0.2512 0.0008  0.0161  -0.0068 59 THR A CA  
473 C C   . THR A 60 ? 0.2122 0.1716 0.2496 -0.0006 0.0161  -0.0014 59 THR A C   
474 O O   . THR A 60 ? 0.2288 0.1837 0.2758 -0.0019 0.0179  -0.0025 59 THR A O   
475 C CB  . THR A 60 ? 0.2318 0.1984 0.2564 -0.0005 0.0134  -0.0119 59 THR A CB  
476 O OG1 . THR A 60 ? 0.2626 0.2326 0.2833 0.0015  0.0141  -0.0161 59 THR A OG1 
477 C CG2 . THR A 60 ? 0.2599 0.2261 0.2884 -0.0031 0.0125  -0.0180 59 THR A CG2 
478 N N   . LEU A 61 ? 0.1890 0.1529 0.2209 -0.0001 0.0142  0.0043  60 LEU A N   
479 C CA  . LEU A 61 ? 0.1940 0.1593 0.2288 -0.0007 0.0139  0.0094  60 LEU A CA  
480 C C   . LEU A 61 ? 0.1927 0.1582 0.2346 0.0022  0.0168  0.0173  60 LEU A C   
481 O O   . LEU A 61 ? 0.1942 0.1604 0.2416 0.0021  0.0180  0.0220  60 LEU A O   
482 C CB  . LEU A 61 ? 0.1982 0.1699 0.2250 -0.0009 0.0104  0.0107  60 LEU A CB  
483 C CG  . LEU A 61 ? 0.2079 0.1806 0.2279 -0.0030 0.0079  0.0051  60 LEU A CG  
484 C CD1 . LEU A 61 ? 0.2213 0.1991 0.2360 -0.0029 0.0050  0.0073  60 LEU A CD1 
485 C CD2 . LEU A 61 ? 0.2215 0.1921 0.2450 -0.0057 0.0080  0.0003  60 LEU A CD2 
486 N N   . ASP A 62 ? 0.1909 0.1572 0.2327 0.0054  0.0182  0.0194  61 ASP A N   
487 C CA  . ASP A 62 ? 0.1852 0.1548 0.2324 0.0096  0.0207  0.0278  61 ASP A CA  
488 C C   . ASP A 62 ? 0.1934 0.1549 0.2527 0.0104  0.0254  0.0301  61 ASP A C   
489 O O   . ASP A 62 ? 0.2121 0.1708 0.2754 0.0133  0.0280  0.0309  61 ASP A O   
490 C CB  . ASP A 62 ? 0.1847 0.1601 0.2273 0.0128  0.0200  0.0285  61 ASP A CB  
491 C CG  . ASP A 62 ? 0.1790 0.1600 0.2265 0.0180  0.0225  0.0369  61 ASP A CG  
492 O OD1 . ASP A 62 ? 0.1818 0.1667 0.2332 0.0199  0.0239  0.0438  61 ASP A OD1 
493 O OD2 . ASP A 62 ? 0.2082 0.1915 0.2555 0.0209  0.0234  0.0371  61 ASP A OD2 
494 N N   . SER A 63 ? 0.2102 0.1680 0.2768 0.0081  0.0269  0.0315  62 SER A N   
495 C CA  . SER A 63 ? 0.2332 0.1819 0.3149 0.0078  0.0317  0.0327  62 SER A CA  
496 C C   . SER A 63 ? 0.2339 0.1837 0.3235 0.0135  0.0363  0.0438  62 SER A C   
497 O O   . SER A 63 ? 0.2588 0.1999 0.3603 0.0147  0.0405  0.0438  62 SER A O   
498 C CB  . SER A 63 ? 0.2524 0.1986 0.3420 0.0038  0.0325  0.0327  62 SER A CB  
499 O OG  . SER A 63 ? 0.3124 0.2575 0.3966 -0.0009 0.0288  0.0215  62 SER A OG  
500 N N   . ASN A 64 ? 0.2275 0.1886 0.3120 0.0176  0.0358  0.0532  63 ASN A N   
501 C CA  . ASN A 64 ? 0.2478 0.2129 0.3396 0.0243  0.0405  0.0650  63 ASN A CA  
502 C C   . ASN A 64 ? 0.2524 0.2225 0.3382 0.0288  0.0396  0.0646  63 ASN A C   
503 O O   . ASN A 64 ? 0.2573 0.2321 0.3483 0.0351  0.0433  0.0742  63 ASN A O   
504 C CB  . ASN A 64 ? 0.2570 0.2348 0.3488 0.0280  0.0414  0.0767  63 ASN A CB  
505 C CG  . ASN A 64 ? 0.2683 0.2625 0.3461 0.0311  0.0365  0.0764  63 ASN A CG  
506 O OD1 . ASN A 64 ? 0.2371 0.2314 0.3050 0.0283  0.0319  0.0667  63 ASN A OD1 
507 N ND2 . ASN A 64 ? 0.2874 0.2963 0.3653 0.0372  0.0379  0.0871  63 ASN A ND2 
508 N N   . GLY A 65 ? 0.2029 0.1975 0.2758 0.0529  0.0114  0.0406  64 GLY A N   
509 C CA  . GLY A 65 ? 0.2058 0.2254 0.2927 0.0617  0.0126  0.0390  64 GLY A CA  
510 C C   . GLY A 65 ? 0.1933 0.2373 0.2893 0.0591  0.0076  0.0443  64 GLY A C   
511 O O   . GLY A 65 ? 0.2034 0.2702 0.3131 0.0672  0.0069  0.0445  64 GLY A O   
512 N N   . ASP A 66 ? 0.1905 0.2329 0.2799 0.0486  0.0037  0.0474  65 ASP A N   
513 C CA  . ASP A 66 ? 0.1858 0.2503 0.2818 0.0457  -0.0024 0.0501  65 ASP A CA  
514 C C   . ASP A 66 ? 0.1742 0.2567 0.2792 0.0353  -0.0015 0.0451  65 ASP A C   
515 O O   . ASP A 66 ? 0.1779 0.2774 0.2888 0.0306  -0.0077 0.0450  65 ASP A O   
516 C CB  . ASP A 66 ? 0.1888 0.2473 0.2726 0.0416  -0.0081 0.0548  65 ASP A CB  
517 C CG  . ASP A 66 ? 0.1826 0.2313 0.2561 0.0304  -0.0058 0.0501  65 ASP A CG  
518 O OD1 . ASP A 66 ? 0.1806 0.2251 0.2564 0.0252  -0.0013 0.0439  65 ASP A OD1 
519 O OD2 . ASP A 66 ? 0.2081 0.2553 0.2707 0.0274  -0.0086 0.0532  65 ASP A OD2 
520 N N   . GLY A 67 ? 0.1694 0.2477 0.2752 0.0311  0.0051  0.0416  66 GLY A N   
521 C CA  . GLY A 67 ? 0.1621 0.2546 0.2771 0.0200  0.0056  0.0401  66 GLY A CA  
522 C C   . GLY A 67 ? 0.1531 0.2318 0.2607 0.0086  0.0017  0.0372  66 GLY A C   
523 O O   . GLY A 67 ? 0.1731 0.2560 0.2870 -0.0015 0.0004  0.0368  66 GLY A O   
524 N N   . GLU A 68 ? 0.1483 0.2108 0.2430 0.0103  -0.0002 0.0354  67 GLU A N   
525 C CA  . GLU A 68 ? 0.1498 0.2016 0.2381 0.0030  -0.0035 0.0303  67 GLU A CA  
526 C C   . GLU A 68 ? 0.1496 0.1842 0.2256 0.0050  0.0005  0.0293  67 GLU A C   
527 O O   . GLU A 68 ? 0.1589 0.1879 0.2302 0.0105  0.0042  0.0327  67 GLU A O   
528 C CB  . GLU A 68 ? 0.1674 0.2274 0.2540 0.0019  -0.0114 0.0263  67 GLU A CB  
529 C CG  . GLU A 68 ? 0.1940 0.2736 0.2942 -0.0017 -0.0173 0.0262  67 GLU A CG  
530 C CD  . GLU A 68 ? 0.2210 0.3051 0.3201 -0.0069 -0.0268 0.0176  67 GLU A CD  
531 O OE1 . GLU A 68 ? 0.2388 0.3097 0.3299 -0.0085 -0.0286 0.0101  67 GLU A OE1 
532 O OE2 . GLU A 68 ? 0.2875 0.3904 0.3952 -0.0088 -0.0331 0.0169  67 GLU A OE2 
533 N N   . CYS A 69 ? 0.1446 0.1705 0.2167 0.0007  -0.0013 0.0244  68 CYS A N   
534 C CA  . CYS A 69 ? 0.1362 0.1512 0.1986 0.0018  0.0016  0.0227  68 CYS A CA  
535 C C   . CYS A 69 ? 0.1323 0.1524 0.1886 0.0025  -0.0015 0.0185  68 CYS A C   
536 O O   . CYS A 69 ? 0.1450 0.1679 0.2025 0.0015  -0.0065 0.0111  68 CYS A O   
537 C CB  . CYS A 69 ? 0.1421 0.1479 0.2050 -0.0014 0.0015  0.0205  68 CYS A CB  
538 S SG  . CYS A 69 ? 0.1560 0.1536 0.2098 -0.0001 0.0040  0.0180  68 CYS A SG  
539 N N   . ASP A 70 ? 0.1430 0.1646 0.1924 0.0039  0.0013  0.0229  69 ASP A N   
540 C CA  . ASP A 70 ? 0.1465 0.1789 0.1886 0.0034  -0.0001 0.0208  69 ASP A CA  
541 C C   . ASP A 70 ? 0.1448 0.1764 0.1837 0.0018  0.0025  0.0162  69 ASP A C   
542 O O   . ASP A 70 ? 0.1498 0.1706 0.1917 0.0013  0.0037  0.0145  69 ASP A O   
543 C CB  . ASP A 70 ? 0.1643 0.2012 0.2005 0.0040  0.0005  0.0310  69 ASP A CB  
544 C CG  . ASP A 70 ? 0.1694 0.1907 0.2031 0.0025  0.0046  0.0388  69 ASP A CG  
545 O OD1 . ASP A 70 ? 0.1865 0.1997 0.2201 -0.0005 0.0077  0.0357  69 ASP A OD1 
546 O OD2 . ASP A 70 ? 0.1991 0.2157 0.2314 0.0050  0.0035  0.0480  69 ASP A OD2 
547 N N   . PHE A 71 ? 0.1461 0.1930 0.1790 0.0012  0.0030  0.0142  70 PHE A N   
548 C CA  . PHE A 71 ? 0.1524 0.2057 0.1852 0.0007  0.0049  0.0083  70 PHE A CA  
549 C C   . PHE A 71 ? 0.1490 0.1937 0.1814 -0.0046 0.0092  0.0151  70 PHE A C   
550 O O   . PHE A 71 ? 0.1531 0.1962 0.1890 -0.0043 0.0094  0.0102  70 PHE A O   
551 C CB  . PHE A 71 ? 0.1634 0.2424 0.1907 0.0015  0.0057  0.0036  70 PHE A CB  
552 C CG  . PHE A 71 ? 0.1784 0.2699 0.2087 0.0036  0.0072  -0.0050 70 PHE A CG  
553 C CD1 . PHE A 71 ? 0.2011 0.2871 0.2376 0.0116  0.0024  -0.0180 70 PHE A CD1 
554 C CD2 . PHE A 71 ? 0.1909 0.2988 0.2193 -0.0029 0.0127  0.0007  70 PHE A CD2 
555 C CE1 . PHE A 71 ? 0.2151 0.3129 0.2560 0.0166  0.0025  -0.0265 70 PHE A CE1 
556 C CE2 . PHE A 71 ? 0.1831 0.3080 0.2170 -0.0002 0.0138  -0.0080 70 PHE A CE2 
557 C CZ  . PHE A 71 ? 0.2132 0.3338 0.2535 0.0114  0.0086  -0.0224 70 PHE A CZ  
558 N N   . GLN A 72 ? 0.1714 0.2088 0.2000 -0.0091 0.0112  0.0260  71 GLN A N   
559 C CA  . GLN A 72 ? 0.1839 0.2082 0.2120 -0.0148 0.0137  0.0308  71 GLN A CA  
560 C C   . GLN A 72 ? 0.1670 0.1747 0.1989 -0.0116 0.0133  0.0263  71 GLN A C   
561 O O   . GLN A 72 ? 0.1594 0.1637 0.1920 -0.0145 0.0139  0.0231  71 GLN A O   
562 C CB  . GLN A 72 ? 0.2036 0.2162 0.2271 -0.0190 0.0139  0.0431  71 GLN A CB  
563 C CG  . GLN A 72 ? 0.2725 0.3001 0.2900 -0.0265 0.0149  0.0522  71 GLN A CG  
564 C CD  . GLN A 72 ? 0.2950 0.3426 0.3140 -0.0340 0.0180  0.0486  71 GLN A CD  
565 O OE1 . GLN A 72 ? 0.2904 0.3657 0.3079 -0.0330 0.0195  0.0449  71 GLN A OE1 
566 N NE2 . GLN A 72 ? 0.3124 0.3493 0.3347 -0.0409 0.0186  0.0482  71 GLN A NE2 
567 N N   . GLU A 73 ? 0.1554 0.1565 0.1898 -0.0061 0.0121  0.0263  72 GLU A N   
568 C CA  . GLU A 73 ? 0.1531 0.1437 0.1901 -0.0035 0.0127  0.0237  72 GLU A CA  
569 C C   . GLU A 73 ? 0.1473 0.1422 0.1865 -0.0029 0.0109  0.0176  72 GLU A C   
570 O O   . GLU A 73 ? 0.1565 0.1456 0.1944 -0.0033 0.0115  0.0162  72 GLU A O   
571 C CB  . GLU A 73 ? 0.1626 0.1526 0.2039 0.0012  0.0122  0.0262  72 GLU A CB  
572 C CG  . GLU A 73 ? 0.1802 0.1624 0.2200 0.0042  0.0130  0.0322  72 GLU A CG  
573 C CD  . GLU A 73 ? 0.1737 0.1636 0.2196 0.0098  0.0112  0.0351  72 GLU A CD  
574 O OE1 . GLU A 73 ? 0.1682 0.1707 0.2188 0.0090  0.0088  0.0330  72 GLU A OE1 
575 O OE2 . GLU A 73 ? 0.1918 0.1753 0.2389 0.0157  0.0113  0.0390  72 GLU A OE2 
576 N N   . PHE A 74 ? 0.1375 0.1421 0.1790 -0.0013 0.0077  0.0135  73 PHE A N   
577 C CA  . PHE A 74 ? 0.1385 0.1441 0.1827 0.0012  0.0041  0.0075  73 PHE A CA  
578 C C   . PHE A 74 ? 0.1448 0.1565 0.1876 0.0001  0.0051  0.0052  73 PHE A C   
579 O O   . PHE A 74 ? 0.1441 0.1518 0.1877 0.0016  0.0027  0.0038  73 PHE A O   
580 C CB  . PHE A 74 ? 0.1519 0.1649 0.1989 0.0051  -0.0004 0.0006  73 PHE A CB  
581 C CG  . PHE A 74 ? 0.1466 0.1574 0.1971 0.0103  -0.0057 -0.0068 73 PHE A CG  
582 C CD1 . PHE A 74 ? 0.1722 0.1667 0.2258 0.0106  -0.0101 -0.0045 73 PHE A CD1 
583 C CD2 . PHE A 74 ? 0.1715 0.1977 0.2228 0.0154  -0.0066 -0.0153 73 PHE A CD2 
584 C CE1 . PHE A 74 ? 0.1984 0.1863 0.2551 0.0165  -0.0168 -0.0096 73 PHE A CE1 
585 C CE2 . PHE A 74 ? 0.1789 0.2021 0.2349 0.0233  -0.0127 -0.0230 73 PHE A CE2 
586 C CZ  . PHE A 74 ? 0.1895 0.1903 0.2479 0.0241  -0.0186 -0.0196 73 PHE A CZ  
587 N N   . MET A 75 ? 0.1447 0.1687 0.1860 -0.0035 0.0078  0.0058  74 MET A N   
588 C CA  . MET A 75 ? 0.1454 0.1795 0.1876 -0.0071 0.0087  0.0041  74 MET A CA  
589 C C   . MET A 75 ? 0.1482 0.1682 0.1876 -0.0112 0.0091  0.0067  74 MET A C   
590 O O   . MET A 75 ? 0.1456 0.1712 0.1866 -0.0117 0.0071  0.0034  74 MET A O   
591 C CB  . MET A 75 ? 0.1605 0.2119 0.2017 -0.0140 0.0122  0.0073  74 MET A CB  
592 C CG  . MET A 75 ? 0.1930 0.2676 0.2360 -0.0088 0.0120  0.0013  74 MET A CG  
593 S SD  . MET A 75 ? 0.2100 0.3004 0.2612 0.0019  0.0079  -0.0118 74 MET A SD  
594 C CE  . MET A 75 ? 0.2044 0.3070 0.2602 -0.0062 0.0092  -0.0095 74 MET A CE  
595 N N   . ALA A 76 ? 0.1500 0.1542 0.1854 -0.0133 0.0112  0.0113  75 ALA A N   
596 C CA  . ALA A 76 ? 0.1564 0.1480 0.1877 -0.0153 0.0116  0.0105  75 ALA A CA  
597 C C   . ALA A 76 ? 0.1571 0.1480 0.1875 -0.0101 0.0096  0.0083  75 ALA A C   
598 O O   . ALA A 76 ? 0.1706 0.1613 0.1972 -0.0114 0.0082  0.0058  75 ALA A O   
599 C CB  . ALA A 76 ? 0.1842 0.1600 0.2125 -0.0146 0.0141  0.0138  75 ALA A CB  
600 N N   . PHE A 77 ? 0.1504 0.1406 0.1835 -0.0054 0.0086  0.0103  76 PHE A N   
601 C CA  . PHE A 77 ? 0.1525 0.1406 0.1850 -0.0025 0.0056  0.0115  76 PHE A CA  
602 C C   . PHE A 77 ? 0.1487 0.1438 0.1828 -0.0002 0.0003  0.0085  76 PHE A C   
603 O O   . PHE A 77 ? 0.1588 0.1532 0.1884 0.0003  -0.0021 0.0100  76 PHE A O   
604 C CB  . PHE A 77 ? 0.1684 0.1530 0.2058 -0.0006 0.0042  0.0143  76 PHE A CB  
605 C CG  . PHE A 77 ? 0.1683 0.1470 0.2057 -0.0002 0.0003  0.0191  76 PHE A CG  
606 C CD1 . PHE A 77 ? 0.2016 0.1799 0.2321 -0.0021 0.0021  0.0241  76 PHE A CD1 
607 C CD2 . PHE A 77 ? 0.1830 0.1561 0.2265 0.0012  -0.0054 0.0190  76 PHE A CD2 
608 C CE1 . PHE A 77 ? 0.2008 0.1744 0.2304 -0.0038 -0.0015 0.0321  76 PHE A CE1 
609 C CE2 . PHE A 77 ? 0.1975 0.1609 0.2417 -0.0008 -0.0101 0.0261  76 PHE A CE2 
610 C CZ  . PHE A 77 ? 0.2115 0.1759 0.2485 -0.0039 -0.0078 0.0342  76 PHE A CZ  
611 N N   . VAL A 78 ? 0.1501 0.1549 0.1900 0.0021  -0.0015 0.0040  77 VAL A N   
612 C CA  . VAL A 78 ? 0.1454 0.1616 0.1894 0.0068  -0.0065 -0.0004 77 VAL A CA  
613 C C   . VAL A 78 ? 0.1491 0.1742 0.1905 0.0018  -0.0061 -0.0012 77 VAL A C   
614 O O   . VAL A 78 ? 0.1545 0.1841 0.1958 0.0054  -0.0114 -0.0016 77 VAL A O   
615 C CB  . VAL A 78 ? 0.1607 0.1930 0.2118 0.0110  -0.0068 -0.0073 77 VAL A CB  
616 C CG1 . VAL A 78 ? 0.1565 0.2075 0.2141 0.0172  -0.0112 -0.0134 77 VAL A CG1 
617 C CG2 . VAL A 78 ? 0.1725 0.1955 0.2259 0.0171  -0.0099 -0.0098 77 VAL A CG2 
618 N N   . ALA A 79 ? 0.1487 0.1747 0.1877 -0.0067 -0.0012 -0.0010 78 ALA A N   
619 C CA  . ALA A 79 ? 0.1479 0.1793 0.1845 -0.0136 -0.0022 -0.0032 78 ALA A CA  
620 C C   . ALA A 79 ? 0.1473 0.1683 0.1746 -0.0123 -0.0042 -0.0025 78 ALA A C   
621 O O   . ALA A 79 ? 0.1572 0.1874 0.1827 -0.0133 -0.0086 -0.0051 78 ALA A O   
622 C CB  . ALA A 79 ? 0.1659 0.1929 0.2017 -0.0240 0.0020  -0.0024 78 ALA A CB  
623 N N   . MET A 80 ? 0.1894 0.1599 0.1865 0.0263  0.0021  0.0155  79 MET A N   
624 C CA  . MET A 80 ? 0.1897 0.1746 0.1926 0.0281  0.0072  0.0106  79 MET A CA  
625 C C   . MET A 80 ? 0.1887 0.1757 0.1842 0.0215  0.0126  0.0142  79 MET A C   
626 O O   . MET A 80 ? 0.1956 0.1868 0.1886 0.0209  0.0167  0.0125  79 MET A O   
627 C CB  . MET A 80 ? 0.1889 0.1965 0.2059 0.0307  0.0069  0.0100  79 MET A CB  
628 C CG  . MET A 80 ? 0.2301 0.2403 0.2543 0.0444  0.0016  0.0044  79 MET A CG  
629 S SD  . MET A 80 ? 0.2682 0.3211 0.3163 0.0458  0.0006  0.0114  79 MET A SD  
630 C CE  . MET A 80 ? 0.3487 0.4005 0.3977 0.0750  -0.0045 -0.0007 79 MET A CE  
631 N N   . ILE A 81 ? 0.1987 0.1744 0.1836 0.0174  0.0093  0.0189  80 ILE A N   
632 C CA  . ILE A 81 ? 0.2170 0.1820 0.1858 0.0139  0.0086  0.0217  80 ILE A CA  
633 C C   . ILE A 81 ? 0.2243 0.1867 0.1862 0.0222  0.0137  0.0224  80 ILE A C   
634 O O   . ILE A 81 ? 0.2385 0.2036 0.1980 0.0199  0.0157  0.0232  80 ILE A O   
635 C CB  . ILE A 81 ? 0.2407 0.1770 0.1858 0.0113  -0.0029 0.0254  80 ILE A CB  
636 C CG1 . ILE A 81 ? 0.2423 0.1895 0.1977 -0.0048 -0.0118 0.0317  80 ILE A CG1 
637 C CG2 . ILE A 81 ? 0.2926 0.2021 0.2090 0.0132  -0.0089 0.0267  80 ILE A CG2 
638 C CD1 . ILE A 81 ? 0.3042 0.2177 0.2352 -0.0107 -0.0284 0.0366  80 ILE A CD1 
639 N N   . THR A 82 ? 0.2273 0.1911 0.1870 0.0309  0.0151  0.0253  81 THR A N   
640 C CA  . THR A 82 ? 0.2361 0.2148 0.1949 0.0380  0.0198  0.0323  81 THR A CA  
641 C C   . THR A 82 ? 0.2207 0.2125 0.1947 0.0275  0.0196  0.0350  81 THR A C   
642 O O   . THR A 82 ? 0.2431 0.2438 0.2168 0.0276  0.0210  0.0401  81 THR A O   
643 C CB  . THR A 82 ? 0.2396 0.2314 0.1955 0.0466  0.0217  0.0400  81 THR A CB  
644 O OG1 . THR A 82 ? 0.2565 0.2554 0.2281 0.0338  0.0171  0.0434  81 THR A OG1 
645 C CG2 . THR A 82 ? 0.2684 0.2342 0.1986 0.0585  0.0189  0.0342  81 THR A CG2 
646 N N   . THR A 83 ? 0.2058 0.1925 0.1875 0.0204  0.0150  0.0308  82 THR A N   
647 C CA  . THR A 83 ? 0.2238 0.2059 0.2056 0.0132  0.0098  0.0301  82 THR A CA  
648 C C   . THR A 83 ? 0.2256 0.2069 0.2031 0.0128  0.0147  0.0238  82 THR A C   
649 O O   . THR A 83 ? 0.2311 0.2116 0.2042 0.0073  0.0122  0.0280  82 THR A O   
650 C CB  . THR A 83 ? 0.2345 0.1994 0.2135 0.0143  0.0007  0.0228  82 THR A CB  
651 O OG1 . THR A 83 ? 0.2512 0.2144 0.2318 0.0101  -0.0069 0.0316  82 THR A OG1 
652 C CG2 . THR A 83 ? 0.2742 0.2182 0.2380 0.0114  -0.0096 0.0197  82 THR A CG2 
653 N N   . ALA A 84 ? 0.2206 0.2051 0.1992 0.0151  0.0196  0.0171  83 ALA A N   
654 C CA  . ALA A 84 ? 0.2254 0.2160 0.1993 0.0107  0.0235  0.0149  83 ALA A CA  
655 C C   . ALA A 84 ? 0.2334 0.2185 0.1994 0.0065  0.0227  0.0214  83 ALA A C   
656 O O   . ALA A 84 ? 0.2533 0.2387 0.2132 0.0010  0.0230  0.0219  83 ALA A O   
657 C CB  . ALA A 84 ? 0.2262 0.2324 0.2055 0.0081  0.0260  0.0143  83 ALA A CB  
658 N N   . CYS A 85 ? 0.2335 0.2119 0.1953 0.0127  0.0206  0.0259  84 CYS A N   
659 C CA  . CYS A 85 ? 0.2651 0.2369 0.2151 0.0175  0.0183  0.0311  84 CYS A CA  
660 C C   . CYS A 85 ? 0.2778 0.2636 0.2350 0.0158  0.0187  0.0380  84 CYS A C   
661 O O   . CYS A 85 ? 0.2769 0.2601 0.2264 0.0187  0.0161  0.0421  84 CYS A O   
662 C CB  . CYS A 85 ? 0.2891 0.2509 0.2251 0.0346  0.0163  0.0329  84 CYS A CB  
663 S SG  . CYS A 85 ? 0.3349 0.2611 0.2464 0.0324  0.0060  0.0281  84 CYS A SG  
664 N N   . HIS A 86 ? 0.2803 0.2754 0.2481 0.0093  0.0174  0.0406  85 HIS A N   
665 C CA  . HIS A 86 ? 0.2881 0.2916 0.2591 0.0006  0.0113  0.0512  85 HIS A CA  
666 C C   . HIS A 86 ? 0.3000 0.2901 0.2597 -0.0075 0.0092  0.0470  85 HIS A C   
667 O O   . HIS A 86 ? 0.3094 0.3058 0.2695 -0.0131 0.0033  0.0578  85 HIS A O   
668 C CB  . HIS A 86 ? 0.3029 0.3041 0.2764 -0.0098 0.0018  0.0571  85 HIS A CB  
669 C CG  . HIS A 86 ? 0.2854 0.3117 0.2715 -0.0074 0.0016  0.0705  85 HIS A CG  
670 N ND1 . HIS A 86 ? 0.2963 0.3517 0.2929 -0.0189 -0.0073 0.0939  85 HIS A ND1 
671 C CD2 . HIS A 86 ? 0.2731 0.3049 0.2619 0.0039  0.0088  0.0665  85 HIS A CD2 
672 C CE1 . HIS A 86 ? 0.2988 0.3818 0.3047 -0.0136 -0.0033 0.1039  85 HIS A CE1 
673 N NE2 . HIS A 86 ? 0.3305 0.3952 0.3294 0.0017  0.0067  0.0857  85 HIS A NE2 
674 N N   . GLU A 87 ? 0.2977 0.2764 0.2481 -0.0086 0.0137  0.0347  86 GLU A N   
675 C CA  . GLU A 87 ? 0.3167 0.2890 0.2539 -0.0165 0.0137  0.0322  86 GLU A CA  
676 C C   . GLU A 87 ? 0.3176 0.2878 0.2511 -0.0182 0.0099  0.0401  86 GLU A C   
677 O O   . GLU A 87 ? 0.3203 0.2840 0.2429 -0.0273 0.0061  0.0423  86 GLU A O   
678 C CB  . GLU A 87 ? 0.3329 0.3118 0.2646 -0.0171 0.0210  0.0233  86 GLU A CB  
679 N N   . PHE A 88 ? 0.3185 0.2888 0.2546 -0.0067 0.0092  0.0432  87 PHE A N   
680 C CA  . PHE A 88 ? 0.3444 0.3018 0.2671 -0.0005 0.0020  0.0479  87 PHE A CA  
681 C C   . PHE A 88 ? 0.3291 0.3037 0.2597 0.0120  -0.0009 0.0591  87 PHE A C   
682 O O   . PHE A 88 ? 0.3270 0.2899 0.2440 0.0218  -0.0085 0.0624  87 PHE A O   
683 C CB  . PHE A 88 ? 0.3698 0.3042 0.2752 0.0092  -0.0027 0.0439  87 PHE A CB  
684 C CG  . PHE A 88 ? 0.3960 0.3263 0.2999 -0.0068 -0.0020 0.0394  87 PHE A CG  
685 C CD1 . PHE A 88 ? 0.3980 0.3307 0.3077 -0.0012 0.0012  0.0358  87 PHE A CD1 
686 C CD2 . PHE A 88 ? 0.4191 0.3527 0.3182 -0.0277 -0.0037 0.0417  87 PHE A CD2 
687 C CE1 . PHE A 88 ? 0.4218 0.3615 0.3356 -0.0157 0.0012  0.0354  87 PHE A CE1 
688 C CE2 . PHE A 88 ? 0.4392 0.3880 0.3427 -0.0416 -0.0017 0.0429  87 PHE A CE2 
689 C CZ  . PHE A 88 ? 0.4320 0.3848 0.3446 -0.0352 0.0002  0.0402  87 PHE A CZ  
690 N N   . PHE A 89 ? 0.3161 0.3196 0.2672 0.0099  0.0020  0.0675  88 PHE A N   
691 C CA  . PHE A 89 ? 0.3229 0.3592 0.2883 0.0148  -0.0020 0.0855  88 PHE A CA  
692 C C   . PHE A 89 ? 0.3230 0.3722 0.3006 -0.0089 -0.0097 0.0977  88 PHE A C   
693 O O   . PHE A 89 ? 0.3401 0.3612 0.3062 -0.0246 -0.0125 0.0876  88 PHE A O   
694 C CB  . PHE A 89 ? 0.3294 0.3996 0.3033 0.0420  0.0045  0.0936  88 PHE A CB  
695 C CG  . PHE A 89 ? 0.3190 0.4001 0.3012 0.0405  0.0109  0.0923  88 PHE A CG  
696 C CD1 . PHE A 89 ? 0.3397 0.4567 0.3433 0.0251  0.0080  0.1102  88 PHE A CD1 
697 C CD2 . PHE A 89 ? 0.3418 0.3928 0.3079 0.0494  0.0155  0.0756  88 PHE A CD2 
698 C CE1 . PHE A 89 ? 0.3439 0.4658 0.3518 0.0211  0.0105  0.1102  88 PHE A CE1 
699 C CE2 . PHE A 89 ? 0.3386 0.3979 0.3121 0.0471  0.0200  0.0749  88 PHE A CE2 
700 C CZ  . PHE A 89 ? 0.3477 0.4412 0.3417 0.0337  0.0179  0.0912  88 PHE A CZ  
# 
loop_
_pdbx_poly_seq_scheme.asym_id 
_pdbx_poly_seq_scheme.entity_id 
_pdbx_poly_seq_scheme.seq_id 
_pdbx_poly_seq_scheme.mon_id 
_pdbx_poly_seq_scheme.ndb_seq_num 
_pdbx_poly_seq_scheme.pdb_seq_num 
_pdbx_poly_seq_scheme.auth_seq_num 
_pdbx_poly_seq_scheme.pdb_mon_id 
_pdbx_poly_seq_scheme.auth_mon_id 
_pdbx_poly_seq_scheme.pdb_strand_id 
_pdbx_poly_seq_scheme.pdb_ins_code 
_pdbx_poly_seq_scheme.hetero 
A 1 1  MET 1  0  0  MET MET A . n 
A 1 2  SER 2  1  1  SER SER A . n 
A 1 3  GLU 3  2  2  GLU GLU A . n 
A 1 4  LEU 4  3  3  LEU LEU A . n 
A 1 5  GLU 5  4  4  GLU GLU A . n 
A 1 6  LYS 6  5  5  LYS LYS A . n 
A 1 7  ALA 7  6  6  ALA ALA A . n 
A 1 8  VAL 8  7  7  VAL VAL A . n 
A 1 9  VAL 9  8  8  VAL VAL A . n 
A 1 10 ALA 10 9  9  ALA ALA A . n 
A 1 11 LEU 11 10 10 LEU LEU A . n 
A 1 12 ILE 12 11 11 ILE ILE A . n 
A 1 13 ASP 13 12 12 ASP ASP A . n 
A 1 14 VAL 14 13 13 VAL VAL A . n 
A 1 15 PHE 15 14 14 PHE PHE A . n 
A 1 16 HIS 16 15 15 HIS HIS A . n 
A 1 17 GLN 17 16 16 GLN GLN A . n 
A 1 18 TYR 18 17 17 TYR TYR A . n 
A 1 19 SER 19 18 18 SER SER A . n 
A 1 20 GLY 20 19 19 GLY GLY A . n 
A 1 21 ARG 21 20 20 ARG ARG A . n 
A 1 22 GLU 22 21 21 GLU GLU A . n 
A 1 23 GLY 23 22 22 GLY GLY A . n 
A 1 24 ASP 24 23 23 ASP ASP A . n 
A 1 25 LYS 25 24 24 LYS LYS A . n 
A 1 26 HIS 26 25 25 HIS HIS A . n 
A 1 27 LYS 27 26 26 LYS LYS A . n 
A 1 28 LEU 28 27 27 LEU LEU A . n 
A 1 29 LYS 29 28 28 LYS LYS A . n 
A 1 30 LYS 30 29 29 LYS LYS A . n 
A 1 31 SER 31 30 30 SER SER A . n 
A 1 32 GLU 32 31 31 GLU GLU A . n 
A 1 33 LEU 33 32 32 LEU LEU A . n 
A 1 34 LYS 34 33 33 LYS LYS A . n 
A 1 35 GLU 35 34 34 GLU GLU A . n 
A 1 36 LEU 36 35 35 LEU LEU A . n 
A 1 37 ILE 37 36 36 ILE ILE A . n 
A 1 38 ASN 38 37 37 ASN ASN A . n 
A 1 39 ASN 39 38 38 ASN ASN A . n 
A 1 40 GLU 40 39 39 GLU GLU A . n 
A 1 41 LEU 41 40 40 LEU LEU A . n 
A 1 42 SER 42 41 41 SER SER A . n 
A 1 43 HIS 43 42 42 HIS HIS A . n 
A 1 44 PHE 44 43 43 PHE PHE A . n 
A 1 45 LEU 45 44 44 LEU LEU A . n 
A 1 46 GLU 46 45 45 GLU GLU A . n 
A 1 47 GLU 47 46 46 GLU GLU A . n 
A 1 48 ILE 48 47 47 ILE ILE A . n 
A 1 49 LYS 49 48 48 LYS LYS A . n 
A 1 50 GLU 50 49 49 GLU GLU A . n 
A 1 51 GLN 51 50 50 GLN GLN A . n 
A 1 52 GLU 52 51 51 GLU GLU A . n 
A 1 53 VAL 53 52 52 VAL VAL A . n 
A 1 54 VAL 54 53 53 VAL VAL A . n 
A 1 55 ASP 55 54 54 ASP ASP A . n 
A 1 56 LYS 56 55 55 LYS LYS A . n 
A 1 57 VAL 57 56 56 VAL VAL A . n 
A 1 58 MET 58 57 57 MET MET A . n 
A 1 59 GLU 59 58 58 GLU GLU A . n 
A 1 60 THR 60 59 59 THR THR A . n 
A 1 61 LEU 61 60 60 LEU LEU A . n 
A 1 62 ASP 62 61 61 ASP ASP A . n 
A 1 63 SER 63 62 62 SER SER A . n 
A 1 64 ASN 64 63 63 ASN ASN A . n 
A 1 65 GLY 65 64 64 GLY GLY A . n 
A 1 66 ASP 66 65 65 ASP ASP A . n 
A 1 67 GLY 67 66 66 GLY GLY A . n 
A 1 68 GLU 68 67 67 GLU GLU A . n 
A 1 69 CYS 69 68 68 CYS CYS A . n 
A 1 70 ASP 70 69 69 ASP ASP A . n 
A 1 71 PHE 71 70 70 PHE PHE A . n 
A 1 72 GLN 72 71 71 GLN GLN A . n 
A 1 73 GLU 73 72 72 GLU GLU A . n 
A 1 74 PHE 74 73 73 PHE PHE A . n 
A 1 75 MET 75 74 74 MET MET A . n 
A 1 76 ALA 76 75 75 ALA ALA A . n 
A 1 77 PHE 77 76 76 PHE PHE A . n 
A 1 78 VAL 78 77 77 VAL VAL A . n 
A 1 79 ALA 79 78 78 ALA ALA A . n 
A 1 80 MET 80 79 79 MET MET A . n 
A 1 81 ILE 81 80 80 ILE ILE A . n 
A 1 82 THR 82 81 81 THR THR A . n 
A 1 83 THR 83 82 82 THR THR A . n 
A 1 84 ALA 84 83 83 ALA ALA A . n 
A 1 85 CYS 85 84 84 CYS CYS A . n 
A 1 86 HIS 86 85 85 HIS HIS A . n 
A 1 87 GLU 87 86 86 GLU GLU A . n 
A 1 88 PHE 88 87 87 PHE PHE A . n 
A 1 89 PHE 89 88 88 PHE PHE A . n 
A 1 90 GLU 90 89 ?  ?   ?   A . n 
A 1 91 HIS 91 90 ?  ?   ?   A . n 
A 1 92 GLU 92 91 ?  ?   ?   A . n 
B 2 1  THR 1  3  3  THR THR B . n 
B 2 2  LYS 2  4  4  LYS LYS B . n 
B 2 3  ILE 3  5  5  ILE ILE B . n 
B 2 4  ASP 4  6  6  ASP ASP B . n 
B 2 5  TRP 5  7  7  TRP TRP B . n 
B 2 6  ASN 6  8  8  ASN ASN B . n 
B 2 7  LYS 7  9  9  LYS LYS B . n 
B 2 8  ILE 8  10 10 ILE ILE B . n 
B 2 9  LEU 9  11 11 LEU LEU B . n 
# 
loop_
_pdbx_nonpoly_scheme.asym_id 
_pdbx_nonpoly_scheme.entity_id 
_pdbx_nonpoly_scheme.mon_id 
_pdbx_nonpoly_scheme.ndb_seq_num 
_pdbx_nonpoly_scheme.pdb_seq_num 
_pdbx_nonpoly_scheme.auth_seq_num 
_pdbx_nonpoly_scheme.pdb_mon_id 
_pdbx_nonpoly_scheme.auth_mon_id 
_pdbx_nonpoly_scheme.pdb_strand_id 
_pdbx_nonpoly_scheme.pdb_ins_code 
C 3 CA  1   101 1   CA  CA  A . 
D 3 CA  1   102 2   CA  CA  A . 
E 4 HOH 1   201 1   HOH HOH A . 
E 4 HOH 2   202 2   HOH HOH A . 
E 4 HOH 3   203 3   HOH HOH A . 
E 4 HOH 4   204 94  HOH HOH A . 
E 4 HOH 5   205 95  HOH HOH A . 
E 4 HOH 6   206 96  HOH HOH A . 
E 4 HOH 7   207 97  HOH HOH A . 
E 4 HOH 8   208 98  HOH HOH A . 
E 4 HOH 9   209 4   HOH HOH A . 
E 4 HOH 10  210 100 HOH HOH A . 
E 4 HOH 11  211 101 HOH HOH A . 
E 4 HOH 12  212 102 HOH HOH A . 
E 4 HOH 13  213 103 HOH HOH A . 
E 4 HOH 14  214 104 HOH HOH A . 
E 4 HOH 15  215 105 HOH HOH A . 
E 4 HOH 16  216 106 HOH HOH A . 
E 4 HOH 17  217 107 HOH HOH A . 
E 4 HOH 18  218 108 HOH HOH A . 
E 4 HOH 19  219 5   HOH HOH A . 
E 4 HOH 20  220 6   HOH HOH A . 
E 4 HOH 21  221 111 HOH HOH A . 
E 4 HOH 22  222 7   HOH HOH A . 
E 4 HOH 23  223 113 HOH HOH A . 
E 4 HOH 24  224 114 HOH HOH A . 
E 4 HOH 25  225 115 HOH HOH A . 
E 4 HOH 26  226 116 HOH HOH A . 
E 4 HOH 27  227 8   HOH HOH A . 
E 4 HOH 28  228 118 HOH HOH A . 
E 4 HOH 29  229 119 HOH HOH A . 
E 4 HOH 30  230 120 HOH HOH A . 
E 4 HOH 31  231 121 HOH HOH A . 
E 4 HOH 32  232 9   HOH HOH A . 
E 4 HOH 33  233 10  HOH HOH A . 
E 4 HOH 34  234 11  HOH HOH A . 
E 4 HOH 35  235 12  HOH HOH A . 
E 4 HOH 36  236 13  HOH HOH A . 
E 4 HOH 37  237 14  HOH HOH A . 
E 4 HOH 38  238 15  HOH HOH A . 
E 4 HOH 39  239 16  HOH HOH A . 
E 4 HOH 40  240 17  HOH HOH A . 
E 4 HOH 41  241 18  HOH HOH A . 
E 4 HOH 42  242 19  HOH HOH A . 
E 4 HOH 43  243 20  HOH HOH A . 
E 4 HOH 44  244 21  HOH HOH A . 
E 4 HOH 45  245 22  HOH HOH A . 
E 4 HOH 46  246 23  HOH HOH A . 
E 4 HOH 47  247 24  HOH HOH A . 
E 4 HOH 48  248 25  HOH HOH A . 
E 4 HOH 49  249 26  HOH HOH A . 
E 4 HOH 50  250 27  HOH HOH A . 
E 4 HOH 51  251 28  HOH HOH A . 
E 4 HOH 52  252 29  HOH HOH A . 
E 4 HOH 53  253 30  HOH HOH A . 
E 4 HOH 54  254 31  HOH HOH A . 
E 4 HOH 55  255 32  HOH HOH A . 
E 4 HOH 56  256 33  HOH HOH A . 
E 4 HOH 57  257 34  HOH HOH A . 
E 4 HOH 58  258 35  HOH HOH A . 
E 4 HOH 59  259 36  HOH HOH A . 
E 4 HOH 60  260 37  HOH HOH A . 
E 4 HOH 61  261 38  HOH HOH A . 
E 4 HOH 62  262 39  HOH HOH A . 
E 4 HOH 63  263 40  HOH HOH A . 
E 4 HOH 64  264 41  HOH HOH A . 
E 4 HOH 65  265 42  HOH HOH A . 
E 4 HOH 66  266 43  HOH HOH A . 
E 4 HOH 67  267 44  HOH HOH A . 
E 4 HOH 68  268 45  HOH HOH A . 
E 4 HOH 69  269 46  HOH HOH A . 
E 4 HOH 70  270 47  HOH HOH A . 
E 4 HOH 71  271 48  HOH HOH A . 
E 4 HOH 72  272 49  HOH HOH A . 
E 4 HOH 73  273 50  HOH HOH A . 
E 4 HOH 74  274 51  HOH HOH A . 
E 4 HOH 75  275 52  HOH HOH A . 
E 4 HOH 76  276 53  HOH HOH A . 
E 4 HOH 77  277 54  HOH HOH A . 
E 4 HOH 78  278 55  HOH HOH A . 
E 4 HOH 79  279 56  HOH HOH A . 
E 4 HOH 80  280 57  HOH HOH A . 
E 4 HOH 81  281 58  HOH HOH A . 
E 4 HOH 82  282 59  HOH HOH A . 
E 4 HOH 83  283 60  HOH HOH A . 
E 4 HOH 84  284 61  HOH HOH A . 
E 4 HOH 85  285 62  HOH HOH A . 
E 4 HOH 86  286 63  HOH HOH A . 
E 4 HOH 87  287 64  HOH HOH A . 
E 4 HOH 88  288 65  HOH HOH A . 
E 4 HOH 89  289 66  HOH HOH A . 
E 4 HOH 90  290 67  HOH HOH A . 
E 4 HOH 91  291 68  HOH HOH A . 
E 4 HOH 92  292 69  HOH HOH A . 
E 4 HOH 93  293 70  HOH HOH A . 
E 4 HOH 94  294 71  HOH HOH A . 
E 4 HOH 95  295 72  HOH HOH A . 
E 4 HOH 96  296 73  HOH HOH A . 
E 4 HOH 97  297 74  HOH HOH A . 
E 4 HOH 98  298 75  HOH HOH A . 
E 4 HOH 99  299 76  HOH HOH A . 
E 4 HOH 100 300 77  HOH HOH A . 
E 4 HOH 101 301 78  HOH HOH A . 
E 4 HOH 102 302 79  HOH HOH A . 
E 4 HOH 103 303 80  HOH HOH A . 
E 4 HOH 104 304 81  HOH HOH A . 
E 4 HOH 105 305 82  HOH HOH A . 
E 4 HOH 106 306 83  HOH HOH A . 
E 4 HOH 107 307 84  HOH HOH A . 
E 4 HOH 108 308 85  HOH HOH A . 
E 4 HOH 109 309 86  HOH HOH A . 
E 4 HOH 110 310 87  HOH HOH A . 
E 4 HOH 111 311 88  HOH HOH A . 
E 4 HOH 112 312 89  HOH HOH A . 
E 4 HOH 113 313 90  HOH HOH A . 
E 4 HOH 114 314 91  HOH HOH A . 
E 4 HOH 115 315 117 HOH HOH A . 
F 4 HOH 1   101 92  HOH HOH B . 
F 4 HOH 2   102 93  HOH HOH B . 
F 4 HOH 3   103 99  HOH HOH B . 
F 4 HOH 4   104 109 HOH HOH B . 
F 4 HOH 5   105 110 HOH HOH B . 
F 4 HOH 6   106 112 HOH HOH B . 
# 
_pdbx_struct_assembly.id                   1 
_pdbx_struct_assembly.details              author_defined_assembly 
_pdbx_struct_assembly.method_details       ? 
_pdbx_struct_assembly.oligomeric_details   tetrameric 
_pdbx_struct_assembly.oligomeric_count     4 
# 
_pdbx_struct_assembly_gen.assembly_id       1 
_pdbx_struct_assembly_gen.oper_expression   1,2 
_pdbx_struct_assembly_gen.asym_id_list      A,B,C,D,E,F 
# 
loop_
_pdbx_struct_oper_list.id 
_pdbx_struct_oper_list.type 
_pdbx_struct_oper_list.name 
_pdbx_struct_oper_list.symmetry_operation 
_pdbx_struct_oper_list.matrix[1][1] 
_pdbx_struct_oper_list.matrix[1][2] 
_pdbx_struct_oper_list.matrix[1][3] 
_pdbx_struct_oper_list.vector[1] 
_pdbx_struct_oper_list.matrix[2][1] 
_pdbx_struct_oper_list.matrix[2][2] 
_pdbx_struct_oper_list.matrix[2][3] 
_pdbx_struct_oper_list.vector[2] 
_pdbx_struct_oper_list.matrix[3][1] 
_pdbx_struct_oper_list.matrix[3][2] 
_pdbx_struct_oper_list.matrix[3][3] 
_pdbx_struct_oper_list.vector[3] 
1 'identity operation'         1_555 x,y,z   1.0000000000  0.0000000000  0.0000000000  0.0000000000  0.0000000000  1.0000000000 0.0000000000 0.0000000000  0.0000000000  0.0000000000 1.0000000000  0.0000000000  
2 'crystal symmetry operation' 4_555 x,-y,-z -0.6008783184 -0.7903093689 -0.1198179778 18.4463739269 -0.7903093689 0.5649084665 0.2372541378 10.0049914077 -0.1198179778 0.2372541378 -0.9640301480 -4.5459844607 
# 
loop_
_pdbx_struct_special_symmetry.id 
_pdbx_struct_special_symmetry.PDB_model_num 
_pdbx_struct_special_symmetry.auth_asym_id 
_pdbx_struct_special_symmetry.auth_comp_id 
_pdbx_struct_special_symmetry.auth_seq_id 
_pdbx_struct_special_symmetry.PDB_ins_code 
_pdbx_struct_special_symmetry.label_asym_id 
_pdbx_struct_special_symmetry.label_comp_id 
_pdbx_struct_special_symmetry.label_seq_id 
1 1 A HOH 262 ? E HOH . 
2 1 A HOH 282 ? E HOH . 
# 
loop_
_pdbx_struct_conn_angle.id 
_pdbx_struct_conn_angle.ptnr1_label_atom_id 
_pdbx_struct_conn_angle.ptnr1_label_alt_id 
_pdbx_struct_conn_angle.ptnr1_label_asym_id 
_pdbx_struct_conn_angle.ptnr1_label_comp_id 
_pdbx_struct_conn_angle.ptnr1_label_seq_id 
_pdbx_struct_conn_angle.ptnr1_auth_atom_id 
_pdbx_struct_conn_angle.ptnr1_auth_asym_id 
_pdbx_struct_conn_angle.ptnr1_auth_comp_id 
_pdbx_struct_conn_angle.ptnr1_auth_seq_id 
_pdbx_struct_conn_angle.ptnr1_PDB_ins_code 
_pdbx_struct_conn_angle.ptnr1_symmetry 
_pdbx_struct_conn_angle.ptnr2_label_atom_id 
_pdbx_struct_conn_angle.ptnr2_label_alt_id 
_pdbx_struct_conn_angle.ptnr2_label_asym_id 
_pdbx_struct_conn_angle.ptnr2_label_comp_id 
_pdbx_struct_conn_angle.ptnr2_label_seq_id 
_pdbx_struct_conn_angle.ptnr2_auth_atom_id 
_pdbx_struct_conn_angle.ptnr2_auth_asym_id 
_pdbx_struct_conn_angle.ptnr2_auth_comp_id 
_pdbx_struct_conn_angle.ptnr2_auth_seq_id 
_pdbx_struct_conn_angle.ptnr2_PDB_ins_code 
_pdbx_struct_conn_angle.ptnr2_symmetry 
_pdbx_struct_conn_angle.ptnr3_label_atom_id 
_pdbx_struct_conn_angle.ptnr3_label_alt_id 
_pdbx_struct_conn_angle.ptnr3_label_asym_id 
_pdbx_struct_conn_angle.ptnr3_label_comp_id 
_pdbx_struct_conn_angle.ptnr3_label_seq_id 
_pdbx_struct_conn_angle.ptnr3_auth_atom_id 
_pdbx_struct_conn_angle.ptnr3_auth_asym_id 
_pdbx_struct_conn_angle.ptnr3_auth_comp_id 
_pdbx_struct_conn_angle.ptnr3_auth_seq_id 
_pdbx_struct_conn_angle.ptnr3_PDB_ins_code 
_pdbx_struct_conn_angle.ptnr3_symmetry 
_pdbx_struct_conn_angle.value 
_pdbx_struct_conn_angle.value_esd 
1  O   ? A SER 19 ? A SER 18 ? 1_555 CA ? C CA . ? A CA 101 ? 1_555 O   ? A GLU 22 ? A GLU 21  ? 1_555 103.3 ? 
2  O   ? A SER 19 ? A SER 18 ? 1_555 CA ? C CA . ? A CA 101 ? 1_555 O   ? A ASP 24 ? A ASP 23  ? 1_555 81.4  ? 
3  O   ? A GLU 22 ? A GLU 21 ? 1_555 CA ? C CA . ? A CA 101 ? 1_555 O   ? A ASP 24 ? A ASP 23  ? 1_555 87.8  ? 
4  O   ? A SER 19 ? A SER 18 ? 1_555 CA ? C CA . ? A CA 101 ? 1_555 O   ? A LYS 27 ? A LYS 26  ? 1_555 89.0  ? 
5  O   ? A GLU 22 ? A GLU 21 ? 1_555 CA ? C CA . ? A CA 101 ? 1_555 O   ? A LYS 27 ? A LYS 26  ? 1_555 160.9 ? 
6  O   ? A ASP 24 ? A ASP 23 ? 1_555 CA ? C CA . ? A CA 101 ? 1_555 O   ? A LYS 27 ? A LYS 26  ? 1_555 79.5  ? 
7  O   ? A SER 19 ? A SER 18 ? 1_555 CA ? C CA . ? A CA 101 ? 1_555 OE1 ? A GLU 32 ? A GLU 31  ? 1_555 100.5 ? 
8  O   ? A GLU 22 ? A GLU 21 ? 1_555 CA ? C CA . ? A CA 101 ? 1_555 OE1 ? A GLU 32 ? A GLU 31  ? 1_555 113.6 ? 
9  O   ? A ASP 24 ? A ASP 23 ? 1_555 CA ? C CA . ? A CA 101 ? 1_555 OE1 ? A GLU 32 ? A GLU 31  ? 1_555 157.0 ? 
10 O   ? A LYS 27 ? A LYS 26 ? 1_555 CA ? C CA . ? A CA 101 ? 1_555 OE1 ? A GLU 32 ? A GLU 31  ? 1_555 77.6  ? 
11 O   ? A SER 19 ? A SER 18 ? 1_555 CA ? C CA . ? A CA 101 ? 1_555 OE2 ? A GLU 32 ? A GLU 31  ? 1_555 79.2  ? 
12 O   ? A GLU 22 ? A GLU 21 ? 1_555 CA ? C CA . ? A CA 101 ? 1_555 OE2 ? A GLU 32 ? A GLU 31  ? 1_555 74.1  ? 
13 O   ? A ASP 24 ? A ASP 23 ? 1_555 CA ? C CA . ? A CA 101 ? 1_555 OE2 ? A GLU 32 ? A GLU 31  ? 1_555 149.5 ? 
14 O   ? A LYS 27 ? A LYS 26 ? 1_555 CA ? C CA . ? A CA 101 ? 1_555 OE2 ? A GLU 32 ? A GLU 31  ? 1_555 123.2 ? 
15 OE1 ? A GLU 32 ? A GLU 31 ? 1_555 CA ? C CA . ? A CA 101 ? 1_555 OE2 ? A GLU 32 ? A GLU 31  ? 1_555 51.3  ? 
16 O   ? A SER 19 ? A SER 18 ? 1_555 CA ? C CA . ? A CA 101 ? 1_555 O   ? E HOH .  ? A HOH 239 ? 1_555 170.7 ? 
17 O   ? A GLU 22 ? A GLU 21 ? 1_555 CA ? C CA . ? A CA 101 ? 1_555 O   ? E HOH .  ? A HOH 239 ? 1_555 80.9  ? 
18 O   ? A ASP 24 ? A ASP 23 ? 1_555 CA ? C CA . ? A CA 101 ? 1_555 O   ? E HOH .  ? A HOH 239 ? 1_555 90.5  ? 
19 O   ? A LYS 27 ? A LYS 26 ? 1_555 CA ? C CA . ? A CA 101 ? 1_555 O   ? E HOH .  ? A HOH 239 ? 1_555 84.9  ? 
20 OE1 ? A GLU 32 ? A GLU 31 ? 1_555 CA ? C CA . ? A CA 101 ? 1_555 O   ? E HOH .  ? A HOH 239 ? 1_555 85.0  ? 
21 OE2 ? A GLU 32 ? A GLU 31 ? 1_555 CA ? C CA . ? A CA 101 ? 1_555 O   ? E HOH .  ? A HOH 239 ? 1_555 110.1 ? 
22 OD1 ? A ASP 62 ? A ASP 61 ? 1_555 CA ? D CA . ? A CA 102 ? 1_555 OD1 ? A ASN 64 ? A ASN 63  ? 1_555 81.7  ? 
23 OD1 ? A ASP 62 ? A ASP 61 ? 1_555 CA ? D CA . ? A CA 102 ? 1_555 OD1 ? A ASP 66 ? A ASP 65  ? 1_555 86.7  ? 
24 OD1 ? A ASN 64 ? A ASN 63 ? 1_555 CA ? D CA . ? A CA 102 ? 1_555 OD1 ? A ASP 66 ? A ASP 65  ? 1_555 80.0  ? 
25 OD1 ? A ASP 62 ? A ASP 61 ? 1_555 CA ? D CA . ? A CA 102 ? 1_555 O   ? A GLU 68 ? A GLU 67  ? 1_555 85.7  ? 
26 OD1 ? A ASN 64 ? A ASN 63 ? 1_555 CA ? D CA . ? A CA 102 ? 1_555 O   ? A GLU 68 ? A GLU 67  ? 1_555 156.3 ? 
27 OD1 ? A ASP 66 ? A ASP 65 ? 1_555 CA ? D CA . ? A CA 102 ? 1_555 O   ? A GLU 68 ? A GLU 67  ? 1_555 79.2  ? 
28 OD1 ? A ASP 62 ? A ASP 61 ? 1_555 CA ? D CA . ? A CA 102 ? 1_555 OE1 ? A GLU 73 ? A GLU 72  ? 1_555 113.5 ? 
29 OD1 ? A ASN 64 ? A ASN 63 ? 1_555 CA ? D CA . ? A CA 102 ? 1_555 OE1 ? A GLU 73 ? A GLU 72  ? 1_555 124.7 ? 
30 OD1 ? A ASP 66 ? A ASP 65 ? 1_555 CA ? D CA . ? A CA 102 ? 1_555 OE1 ? A GLU 73 ? A GLU 72  ? 1_555 148.8 ? 
31 O   ? A GLU 68 ? A GLU 67 ? 1_555 CA ? D CA . ? A CA 102 ? 1_555 OE1 ? A GLU 73 ? A GLU 72  ? 1_555 78.9  ? 
32 OD1 ? A ASP 62 ? A ASP 61 ? 1_555 CA ? D CA . ? A CA 102 ? 1_555 OE2 ? A GLU 73 ? A GLU 72  ? 1_555 91.2  ? 
33 OD1 ? A ASN 64 ? A ASN 63 ? 1_555 CA ? D CA . ? A CA 102 ? 1_555 OE2 ? A GLU 73 ? A GLU 72  ? 1_555 76.3  ? 
34 OD1 ? A ASP 66 ? A ASP 65 ? 1_555 CA ? D CA . ? A CA 102 ? 1_555 OE2 ? A GLU 73 ? A GLU 72  ? 1_555 156.3 ? 
35 O   ? A GLU 68 ? A GLU 67 ? 1_555 CA ? D CA . ? A CA 102 ? 1_555 OE2 ? A GLU 73 ? A GLU 72  ? 1_555 124.2 ? 
36 OE1 ? A GLU 73 ? A GLU 72 ? 1_555 CA ? D CA . ? A CA 102 ? 1_555 OE2 ? A GLU 73 ? A GLU 72  ? 1_555 51.8  ? 
37 OD1 ? A ASP 62 ? A ASP 61 ? 1_555 CA ? D CA . ? A CA 102 ? 1_555 O   ? E HOH .  ? A HOH 222 ? 1_555 162.6 ? 
38 OD1 ? A ASN 64 ? A ASN 63 ? 1_555 CA ? D CA . ? A CA 102 ? 1_555 O   ? E HOH .  ? A HOH 222 ? 1_555 87.1  ? 
39 OD1 ? A ASP 66 ? A ASP 65 ? 1_555 CA ? D CA . ? A CA 102 ? 1_555 O   ? E HOH .  ? A HOH 222 ? 1_555 78.2  ? 
40 O   ? A GLU 68 ? A GLU 67 ? 1_555 CA ? D CA . ? A CA 102 ? 1_555 O   ? E HOH .  ? A HOH 222 ? 1_555 99.8  ? 
41 OE1 ? A GLU 73 ? A GLU 72 ? 1_555 CA ? D CA . ? A CA 102 ? 1_555 O   ? E HOH .  ? A HOH 222 ? 1_555 83.8  ? 
42 OE2 ? A GLU 73 ? A GLU 72 ? 1_555 CA ? D CA . ? A CA 102 ? 1_555 O   ? E HOH .  ? A HOH 222 ? 1_555 99.0  ? 
# 
loop_
_pdbx_audit_revision_history.ordinal 
_pdbx_audit_revision_history.data_content_type 
_pdbx_audit_revision_history.major_revision 
_pdbx_audit_revision_history.minor_revision 
_pdbx_audit_revision_history.revision_date 
1 'Structure model' 1 0 2012-04-25 
2 'Structure model' 1 1 2017-11-08 
3 'Structure model' 1 2 2023-09-13 
# 
_pdbx_audit_revision_details.ordinal             1 
_pdbx_audit_revision_details.revision_ordinal    1 
_pdbx_audit_revision_details.data_content_type   'Structure model' 
_pdbx_audit_revision_details.provider            repository 
_pdbx_audit_revision_details.type                'Initial release' 
_pdbx_audit_revision_details.description         ? 
_pdbx_audit_revision_details.details             ? 
# 
loop_
_pdbx_audit_revision_group.ordinal 
_pdbx_audit_revision_group.revision_ordinal 
_pdbx_audit_revision_group.data_content_type 
_pdbx_audit_revision_group.group 
1 2 'Structure model' 'Refinement description' 
2 3 'Structure model' 'Data collection'        
3 3 'Structure model' 'Database references'    
4 3 'Structure model' 'Derived calculations'   
5 3 'Structure model' 'Refinement description' 
# 
loop_
_pdbx_audit_revision_category.ordinal 
_pdbx_audit_revision_category.revision_ordinal 
_pdbx_audit_revision_category.data_content_type 
_pdbx_audit_revision_category.category 
1 2 'Structure model' software                      
2 3 'Structure model' chem_comp_atom                
3 3 'Structure model' chem_comp_bond                
4 3 'Structure model' database_2                    
5 3 'Structure model' pdbx_initial_refinement_model 
6 3 'Structure model' pdbx_struct_conn_angle        
7 3 'Structure model' struct_conn                   
8 3 'Structure model' struct_ref_seq_dif            
9 3 'Structure model' struct_site                   
# 
loop_
_pdbx_audit_revision_item.ordinal 
_pdbx_audit_revision_item.revision_ordinal 
_pdbx_audit_revision_item.data_content_type 
_pdbx_audit_revision_item.item 
1  3 'Structure model' '_database_2.pdbx_DOI'                        
2  3 'Structure model' '_database_2.pdbx_database_accession'         
3  3 'Structure model' '_pdbx_struct_conn_angle.ptnr1_auth_comp_id'  
4  3 'Structure model' '_pdbx_struct_conn_angle.ptnr1_auth_seq_id'   
5  3 'Structure model' '_pdbx_struct_conn_angle.ptnr1_label_asym_id' 
6  3 'Structure model' '_pdbx_struct_conn_angle.ptnr1_label_atom_id' 
7  3 'Structure model' '_pdbx_struct_conn_angle.ptnr1_label_comp_id' 
8  3 'Structure model' '_pdbx_struct_conn_angle.ptnr1_label_seq_id'  
9  3 'Structure model' '_pdbx_struct_conn_angle.ptnr2_auth_seq_id'   
10 3 'Structure model' '_pdbx_struct_conn_angle.ptnr2_label_asym_id' 
11 3 'Structure model' '_pdbx_struct_conn_angle.ptnr3_auth_comp_id'  
12 3 'Structure model' '_pdbx_struct_conn_angle.ptnr3_auth_seq_id'   
13 3 'Structure model' '_pdbx_struct_conn_angle.ptnr3_label_asym_id' 
14 3 'Structure model' '_pdbx_struct_conn_angle.ptnr3_label_atom_id' 
15 3 'Structure model' '_pdbx_struct_conn_angle.ptnr3_label_comp_id' 
16 3 'Structure model' '_pdbx_struct_conn_angle.ptnr3_label_seq_id'  
17 3 'Structure model' '_pdbx_struct_conn_angle.value'               
18 3 'Structure model' '_struct_conn.pdbx_dist_value'                
19 3 'Structure model' '_struct_conn.ptnr1_auth_comp_id'             
20 3 'Structure model' '_struct_conn.ptnr1_auth_seq_id'              
21 3 'Structure model' '_struct_conn.ptnr1_label_asym_id'            
22 3 'Structure model' '_struct_conn.ptnr1_label_atom_id'            
23 3 'Structure model' '_struct_conn.ptnr1_label_comp_id'            
24 3 'Structure model' '_struct_conn.ptnr1_label_seq_id'             
25 3 'Structure model' '_struct_conn.ptnr2_auth_comp_id'             
26 3 'Structure model' '_struct_conn.ptnr2_auth_seq_id'              
27 3 'Structure model' '_struct_conn.ptnr2_label_asym_id'            
28 3 'Structure model' '_struct_conn.ptnr2_label_atom_id'            
29 3 'Structure model' '_struct_conn.ptnr2_label_comp_id'            
30 3 'Structure model' '_struct_ref_seq_dif.details'                 
31 3 'Structure model' '_struct_site.pdbx_auth_asym_id'              
32 3 'Structure model' '_struct_site.pdbx_auth_comp_id'              
33 3 'Structure model' '_struct_site.pdbx_auth_seq_id'               
# 
loop_
_pdbx_refine_tls.pdbx_refine_id 
_pdbx_refine_tls.id 
_pdbx_refine_tls.details 
_pdbx_refine_tls.method 
_pdbx_refine_tls.origin_x 
_pdbx_refine_tls.origin_y 
_pdbx_refine_tls.origin_z 
_pdbx_refine_tls.T[1][1] 
_pdbx_refine_tls.T[2][2] 
_pdbx_refine_tls.T[3][3] 
_pdbx_refine_tls.T[1][2] 
_pdbx_refine_tls.T[1][3] 
_pdbx_refine_tls.T[2][3] 
_pdbx_refine_tls.L[1][1] 
_pdbx_refine_tls.L[2][2] 
_pdbx_refine_tls.L[3][3] 
_pdbx_refine_tls.L[1][2] 
_pdbx_refine_tls.L[1][3] 
_pdbx_refine_tls.L[2][3] 
_pdbx_refine_tls.S[1][1] 
_pdbx_refine_tls.S[2][2] 
_pdbx_refine_tls.S[3][3] 
_pdbx_refine_tls.S[1][2] 
_pdbx_refine_tls.S[1][3] 
_pdbx_refine_tls.S[2][3] 
_pdbx_refine_tls.S[2][1] 
_pdbx_refine_tls.S[3][1] 
_pdbx_refine_tls.S[3][2] 
'X-RAY DIFFRACTION' 1 ? refined 19.1968 -1.6230 -6.6966 0.0312 0.0280 0.0636 0.0054  0.0034  -0.0132 13.8563 6.4233 4.0489 2.8749  0.6666  1.2517  0.1044  0.0530  -0.1575 0.0207  -0.7654 -0.3004 0.0644  0.2018  0.1968  
'X-RAY DIFFRACTION' 2 ? refined 5.6012  -2.8769 -9.3073 0.0740 0.0912 0.0594 -0.0231 -0.0004 0.0069  11.7543 1.4026 0.3935 2.2330  -0.4570 0.5187  -0.0567 0.0770  -0.0203 0.3439  -0.1388 -0.0605 -0.0945 -0.0434 -0.0116 
'X-RAY DIFFRACTION' 3 ? refined -5.6481 -3.9664 -5.2486 0.0135 0.0329 0.0448 -0.0020 -0.0109 0.0045  1.8065  2.6080 2.3483 -0.6502 -0.0112 -0.3414 0.0105  -0.0151 0.0047  0.1987  -0.0644 0.2093  -0.1219 0.0162  -0.1340 
'X-RAY DIFFRACTION' 4 ? refined -6.3215 -0.2386 5.3556  0.0929 0.0769 0.0935 0.0007  0.0075  0.0063  2.0383  0.2667 0.5857 -0.5589 -0.2817 0.0937  -0.0089 0.0382  -0.0292 -0.1303 0.0365  0.0591  0.0794  -0.0338 -0.0027 
'X-RAY DIFFRACTION' 5 ? refined -1.1023 6.3665  -3.9767 0.0224 0.0215 0.0638 -0.0010 0.0096  0.0197  3.3508  1.3331 3.1810 -0.0299 0.9723  0.1003  0.0456  0.0398  -0.0854 0.2109  0.0226  0.0674  -0.0118 -0.1006 0.0574  
'X-RAY DIFFRACTION' 6 ? refined 10.3235 2.9288  9.6904  0.1158 0.1027 0.0843 0.0138  0.0204  0.0307  2.2045  2.8195 8.0599 -0.3827 3.7977  -2.7030 0.0889  -0.2395 0.1507  -0.0106 0.0827  -0.0205 0.0502  0.1053  0.1693 
# 
loop_
_pdbx_refine_tls_group.pdbx_refine_id 
_pdbx_refine_tls_group.id 
_pdbx_refine_tls_group.refine_tls_id 
_pdbx_refine_tls_group.beg_auth_asym_id 
_pdbx_refine_tls_group.beg_auth_seq_id 
_pdbx_refine_tls_group.end_auth_asym_id 
_pdbx_refine_tls_group.end_auth_seq_id 
_pdbx_refine_tls_group.selection_details 
_pdbx_refine_tls_group.beg_label_asym_id 
_pdbx_refine_tls_group.beg_label_seq_id 
_pdbx_refine_tls_group.end_label_asym_id 
_pdbx_refine_tls_group.end_label_seq_id 
_pdbx_refine_tls_group.selection 
'X-RAY DIFFRACTION' 1 1 A 1  A 5  ? . . . . ? 
'X-RAY DIFFRACTION' 2 2 A 6  A 16 ? . . . . ? 
'X-RAY DIFFRACTION' 3 3 A 17 A 40 ? . . . . ? 
'X-RAY DIFFRACTION' 4 4 A 41 A 63 ? . . . . ? 
'X-RAY DIFFRACTION' 5 5 A 64 A 78 ? . . . . ? 
'X-RAY DIFFRACTION' 6 6 A 79 A 88 ? . . . . ? 
# 
loop_
_software.pdbx_ordinal 
_software.name 
_software.version 
_software.date 
_software.type 
_software.contact_author 
_software.contact_author_email 
_software.classification 
_software.location 
_software.language 
_software.citation_id 
1 DENZO       .        ?               package 'Zbyszek Otwinowski' hkl@hkl-xray.com         'data reduction'  
http://www.hkl-xray.com/                     ?          ? 
2 SCALEPACK   .        ?               package 'Zbyszek Otwinowski' hkl@hkl-xray.com         'data scaling'    
http://www.hkl-xray.com/                     ?          ? 
3 REFMAC      5.5.0102 ?               program 'Garib N. Murshudov' garib@ysbl.york.ac.uk    refinement        
http://www.ccp4.ac.uk/dist/html/refmac5.html Fortran_77 ? 
4 PDB_EXTRACT 3.10     'June 10, 2010' package PDB                  deposit@deposit.rcsb.org 'data extraction' 
http://sw-tools.pdb.org/apps/PDB_EXTRACT/    C++        ? 
5 HKL-2000    .        ?               ?       ?                    ?                        'data collection' ? ?          ? 
6 HKL-2000    .        ?               ?       ?                    ?                        'data reduction'  ? ?          ? 
7 HKL-2000    .        ?               ?       ?                    ?                        'data scaling'    ? ?          ? 
8 PHASER      .        ?               ?       ?                    ?                        phasing           ? ?          ? 
# 
loop_
_pdbx_validate_symm_contact.id 
_pdbx_validate_symm_contact.PDB_model_num 
_pdbx_validate_symm_contact.auth_atom_id_1 
_pdbx_validate_symm_contact.auth_asym_id_1 
_pdbx_validate_symm_contact.auth_comp_id_1 
_pdbx_validate_symm_contact.auth_seq_id_1 
_pdbx_validate_symm_contact.PDB_ins_code_1 
_pdbx_validate_symm_contact.label_alt_id_1 
_pdbx_validate_symm_contact.site_symmetry_1 
_pdbx_validate_symm_contact.auth_atom_id_2 
_pdbx_validate_symm_contact.auth_asym_id_2 
_pdbx_validate_symm_contact.auth_comp_id_2 
_pdbx_validate_symm_contact.auth_seq_id_2 
_pdbx_validate_symm_contact.PDB_ins_code_2 
_pdbx_validate_symm_contact.label_alt_id_2 
_pdbx_validate_symm_contact.site_symmetry_2 
_pdbx_validate_symm_contact.dist 
1 1 CA B THR 3 ? ? 1_555 CA B THR 3 ? ? 3_554 1.30 
2 1 N  B THR 3 ? ? 1_555 N  B LYS 4 ? ? 3_554 1.43 
3 1 N  B THR 3 ? ? 1_555 C  B THR 3 ? ? 3_554 1.78 
4 1 CA B THR 3 ? ? 1_555 C  B THR 3 ? ? 3_554 1.95 
# 
loop_
_pdbx_unobs_or_zero_occ_atoms.id 
_pdbx_unobs_or_zero_occ_atoms.PDB_model_num 
_pdbx_unobs_or_zero_occ_atoms.polymer_flag 
_pdbx_unobs_or_zero_occ_atoms.occupancy_flag 
_pdbx_unobs_or_zero_occ_atoms.auth_asym_id 
_pdbx_unobs_or_zero_occ_atoms.auth_comp_id 
_pdbx_unobs_or_zero_occ_atoms.auth_seq_id 
_pdbx_unobs_or_zero_occ_atoms.PDB_ins_code 
_pdbx_unobs_or_zero_occ_atoms.auth_atom_id 
_pdbx_unobs_or_zero_occ_atoms.label_alt_id 
_pdbx_unobs_or_zero_occ_atoms.label_asym_id 
_pdbx_unobs_or_zero_occ_atoms.label_comp_id 
_pdbx_unobs_or_zero_occ_atoms.label_seq_id 
_pdbx_unobs_or_zero_occ_atoms.label_atom_id 
1  1 Y 1 A MET 0  ? CG  ? A MET 1  CG  
2  1 Y 1 A MET 0  ? SD  ? A MET 1  SD  
3  1 Y 1 A MET 0  ? CE  ? A MET 1  CE  
4  1 Y 1 A LYS 5  ? CE  ? A LYS 6  CE  
5  1 Y 1 A LYS 5  ? NZ  ? A LYS 6  NZ  
6  1 Y 1 A LYS 24 ? CD  ? A LYS 25 CD  
7  1 Y 1 A LYS 24 ? CE  ? A LYS 25 CE  
8  1 Y 1 A LYS 24 ? NZ  ? A LYS 25 NZ  
9  1 Y 1 A LYS 28 ? NZ  ? A LYS 29 NZ  
10 1 Y 1 A GLU 45 ? CD  ? A GLU 46 CD  
11 1 Y 1 A GLU 45 ? OE1 ? A GLU 46 OE1 
12 1 Y 1 A GLU 45 ? OE2 ? A GLU 46 OE2 
13 1 Y 1 A LYS 55 ? NZ  ? A LYS 56 NZ  
14 1 Y 1 A GLU 58 ? OE2 ? A GLU 59 OE2 
15 1 Y 1 A GLU 86 ? CG  ? A GLU 87 CG  
16 1 Y 1 A GLU 86 ? CD  ? A GLU 87 CD  
17 1 Y 1 A GLU 86 ? OE1 ? A GLU 87 OE1 
18 1 Y 1 A GLU 86 ? OE2 ? A GLU 87 OE2 
19 1 Y 1 B LYS 4  ? CG  ? B LYS 2  CG  
20 1 Y 1 B LYS 4  ? CD  ? B LYS 2  CD  
21 1 Y 1 B LYS 4  ? CE  ? B LYS 2  CE  
22 1 Y 1 B LYS 4  ? NZ  ? B LYS 2  NZ  
23 1 Y 1 B ASN 8  ? ND2 ? B ASN 6  ND2 
24 1 Y 1 B LYS 9  ? CD  ? B LYS 7  CD  
25 1 Y 1 B LYS 9  ? CE  ? B LYS 7  CE  
26 1 Y 1 B LYS 9  ? NZ  ? B LYS 7  NZ  
# 
loop_
_pdbx_unobs_or_zero_occ_residues.id 
_pdbx_unobs_or_zero_occ_residues.PDB_model_num 
_pdbx_unobs_or_zero_occ_residues.polymer_flag 
_pdbx_unobs_or_zero_occ_residues.occupancy_flag 
_pdbx_unobs_or_zero_occ_residues.auth_asym_id 
_pdbx_unobs_or_zero_occ_residues.auth_comp_id 
_pdbx_unobs_or_zero_occ_residues.auth_seq_id 
_pdbx_unobs_or_zero_occ_residues.PDB_ins_code 
_pdbx_unobs_or_zero_occ_residues.label_asym_id 
_pdbx_unobs_or_zero_occ_residues.label_comp_id 
_pdbx_unobs_or_zero_occ_residues.label_seq_id 
1 1 Y 1 A GLU 89 ? A GLU 90 
2 1 Y 1 A HIS 90 ? A HIS 91 
3 1 Y 1 A GLU 91 ? A GLU 92 
# 
loop_
_chem_comp_atom.comp_id 
_chem_comp_atom.atom_id 
_chem_comp_atom.type_symbol 
_chem_comp_atom.pdbx_aromatic_flag 
_chem_comp_atom.pdbx_stereo_config 
_chem_comp_atom.pdbx_ordinal 
ALA N    N  N N 1   
ALA CA   C  N S 2   
ALA C    C  N N 3   
ALA O    O  N N 4   
ALA CB   C  N N 5   
ALA OXT  O  N N 6   
ALA H    H  N N 7   
ALA H2   H  N N 8   
ALA HA   H  N N 9   
ALA HB1  H  N N 10  
ALA HB2  H  N N 11  
ALA HB3  H  N N 12  
ALA HXT  H  N N 13  
ARG N    N  N N 14  
ARG CA   C  N S 15  
ARG C    C  N N 16  
ARG O    O  N N 17  
ARG CB   C  N N 18  
ARG CG   C  N N 19  
ARG CD   C  N N 20  
ARG NE   N  N N 21  
ARG CZ   C  N N 22  
ARG NH1  N  N N 23  
ARG NH2  N  N N 24  
ARG OXT  O  N N 25  
ARG H    H  N N 26  
ARG H2   H  N N 27  
ARG HA   H  N N 28  
ARG HB2  H  N N 29  
ARG HB3  H  N N 30  
ARG HG2  H  N N 31  
ARG HG3  H  N N 32  
ARG HD2  H  N N 33  
ARG HD3  H  N N 34  
ARG HE   H  N N 35  
ARG HH11 H  N N 36  
ARG HH12 H  N N 37  
ARG HH21 H  N N 38  
ARG HH22 H  N N 39  
ARG HXT  H  N N 40  
ASN N    N  N N 41  
ASN CA   C  N S 42  
ASN C    C  N N 43  
ASN O    O  N N 44  
ASN CB   C  N N 45  
ASN CG   C  N N 46  
ASN OD1  O  N N 47  
ASN ND2  N  N N 48  
ASN OXT  O  N N 49  
ASN H    H  N N 50  
ASN H2   H  N N 51  
ASN HA   H  N N 52  
ASN HB2  H  N N 53  
ASN HB3  H  N N 54  
ASN HD21 H  N N 55  
ASN HD22 H  N N 56  
ASN HXT  H  N N 57  
ASP N    N  N N 58  
ASP CA   C  N S 59  
ASP C    C  N N 60  
ASP O    O  N N 61  
ASP CB   C  N N 62  
ASP CG   C  N N 63  
ASP OD1  O  N N 64  
ASP OD2  O  N N 65  
ASP OXT  O  N N 66  
ASP H    H  N N 67  
ASP H2   H  N N 68  
ASP HA   H  N N 69  
ASP HB2  H  N N 70  
ASP HB3  H  N N 71  
ASP HD2  H  N N 72  
ASP HXT  H  N N 73  
CA  CA   CA N N 74  
CYS N    N  N N 75  
CYS CA   C  N R 76  
CYS C    C  N N 77  
CYS O    O  N N 78  
CYS CB   C  N N 79  
CYS SG   S  N N 80  
CYS OXT  O  N N 81  
CYS H    H  N N 82  
CYS H2   H  N N 83  
CYS HA   H  N N 84  
CYS HB2  H  N N 85  
CYS HB3  H  N N 86  
CYS HG   H  N N 87  
CYS HXT  H  N N 88  
GLN N    N  N N 89  
GLN CA   C  N S 90  
GLN C    C  N N 91  
GLN O    O  N N 92  
GLN CB   C  N N 93  
GLN CG   C  N N 94  
GLN CD   C  N N 95  
GLN OE1  O  N N 96  
GLN NE2  N  N N 97  
GLN OXT  O  N N 98  
GLN H    H  N N 99  
GLN H2   H  N N 100 
GLN HA   H  N N 101 
GLN HB2  H  N N 102 
GLN HB3  H  N N 103 
GLN HG2  H  N N 104 
GLN HG3  H  N N 105 
GLN HE21 H  N N 106 
GLN HE22 H  N N 107 
GLN HXT  H  N N 108 
GLU N    N  N N 109 
GLU CA   C  N S 110 
GLU C    C  N N 111 
GLU O    O  N N 112 
GLU CB   C  N N 113 
GLU CG   C  N N 114 
GLU CD   C  N N 115 
GLU OE1  O  N N 116 
GLU OE2  O  N N 117 
GLU OXT  O  N N 118 
GLU H    H  N N 119 
GLU H2   H  N N 120 
GLU HA   H  N N 121 
GLU HB2  H  N N 122 
GLU HB3  H  N N 123 
GLU HG2  H  N N 124 
GLU HG3  H  N N 125 
GLU HE2  H  N N 126 
GLU HXT  H  N N 127 
GLY N    N  N N 128 
GLY CA   C  N N 129 
GLY C    C  N N 130 
GLY O    O  N N 131 
GLY OXT  O  N N 132 
GLY H    H  N N 133 
GLY H2   H  N N 134 
GLY HA2  H  N N 135 
GLY HA3  H  N N 136 
GLY HXT  H  N N 137 
HIS N    N  N N 138 
HIS CA   C  N S 139 
HIS C    C  N N 140 
HIS O    O  N N 141 
HIS CB   C  N N 142 
HIS CG   C  Y N 143 
HIS ND1  N  Y N 144 
HIS CD2  C  Y N 145 
HIS CE1  C  Y N 146 
HIS NE2  N  Y N 147 
HIS OXT  O  N N 148 
HIS H    H  N N 149 
HIS H2   H  N N 150 
HIS HA   H  N N 151 
HIS HB2  H  N N 152 
HIS HB3  H  N N 153 
HIS HD1  H  N N 154 
HIS HD2  H  N N 155 
HIS HE1  H  N N 156 
HIS HE2  H  N N 157 
HIS HXT  H  N N 158 
HOH O    O  N N 159 
HOH H1   H  N N 160 
HOH H2   H  N N 161 
ILE N    N  N N 162 
ILE CA   C  N S 163 
ILE C    C  N N 164 
ILE O    O  N N 165 
ILE CB   C  N S 166 
ILE CG1  C  N N 167 
ILE CG2  C  N N 168 
ILE CD1  C  N N 169 
ILE OXT  O  N N 170 
ILE H    H  N N 171 
ILE H2   H  N N 172 
ILE HA   H  N N 173 
ILE HB   H  N N 174 
ILE HG12 H  N N 175 
ILE HG13 H  N N 176 
ILE HG21 H  N N 177 
ILE HG22 H  N N 178 
ILE HG23 H  N N 179 
ILE HD11 H  N N 180 
ILE HD12 H  N N 181 
ILE HD13 H  N N 182 
ILE HXT  H  N N 183 
LEU N    N  N N 184 
LEU CA   C  N S 185 
LEU C    C  N N 186 
LEU O    O  N N 187 
LEU CB   C  N N 188 
LEU CG   C  N N 189 
LEU CD1  C  N N 190 
LEU CD2  C  N N 191 
LEU OXT  O  N N 192 
LEU H    H  N N 193 
LEU H2   H  N N 194 
LEU HA   H  N N 195 
LEU HB2  H  N N 196 
LEU HB3  H  N N 197 
LEU HG   H  N N 198 
LEU HD11 H  N N 199 
LEU HD12 H  N N 200 
LEU HD13 H  N N 201 
LEU HD21 H  N N 202 
LEU HD22 H  N N 203 
LEU HD23 H  N N 204 
LEU HXT  H  N N 205 
LYS N    N  N N 206 
LYS CA   C  N S 207 
LYS C    C  N N 208 
LYS O    O  N N 209 
LYS CB   C  N N 210 
LYS CG   C  N N 211 
LYS CD   C  N N 212 
LYS CE   C  N N 213 
LYS NZ   N  N N 214 
LYS OXT  O  N N 215 
LYS H    H  N N 216 
LYS H2   H  N N 217 
LYS HA   H  N N 218 
LYS HB2  H  N N 219 
LYS HB3  H  N N 220 
LYS HG2  H  N N 221 
LYS HG3  H  N N 222 
LYS HD2  H  N N 223 
LYS HD3  H  N N 224 
LYS HE2  H  N N 225 
LYS HE3  H  N N 226 
LYS HZ1  H  N N 227 
LYS HZ2  H  N N 228 
LYS HZ3  H  N N 229 
LYS HXT  H  N N 230 
MET N    N  N N 231 
MET CA   C  N S 232 
MET C    C  N N 233 
MET O    O  N N 234 
MET CB   C  N N 235 
MET CG   C  N N 236 
MET SD   S  N N 237 
MET CE   C  N N 238 
MET OXT  O  N N 239 
MET H    H  N N 240 
MET H2   H  N N 241 
MET HA   H  N N 242 
MET HB2  H  N N 243 
MET HB3  H  N N 244 
MET HG2  H  N N 245 
MET HG3  H  N N 246 
MET HE1  H  N N 247 
MET HE2  H  N N 248 
MET HE3  H  N N 249 
MET HXT  H  N N 250 
PHE N    N  N N 251 
PHE CA   C  N S 252 
PHE C    C  N N 253 
PHE O    O  N N 254 
PHE CB   C  N N 255 
PHE CG   C  Y N 256 
PHE CD1  C  Y N 257 
PHE CD2  C  Y N 258 
PHE CE1  C  Y N 259 
PHE CE2  C  Y N 260 
PHE CZ   C  Y N 261 
PHE OXT  O  N N 262 
PHE H    H  N N 263 
PHE H2   H  N N 264 
PHE HA   H  N N 265 
PHE HB2  H  N N 266 
PHE HB3  H  N N 267 
PHE HD1  H  N N 268 
PHE HD2  H  N N 269 
PHE HE1  H  N N 270 
PHE HE2  H  N N 271 
PHE HZ   H  N N 272 
PHE HXT  H  N N 273 
SER N    N  N N 274 
SER CA   C  N S 275 
SER C    C  N N 276 
SER O    O  N N 277 
SER CB   C  N N 278 
SER OG   O  N N 279 
SER OXT  O  N N 280 
SER H    H  N N 281 
SER H2   H  N N 282 
SER HA   H  N N 283 
SER HB2  H  N N 284 
SER HB3  H  N N 285 
SER HG   H  N N 286 
SER HXT  H  N N 287 
THR N    N  N N 288 
THR CA   C  N S 289 
THR C    C  N N 290 
THR O    O  N N 291 
THR CB   C  N R 292 
THR OG1  O  N N 293 
THR CG2  C  N N 294 
THR OXT  O  N N 295 
THR H    H  N N 296 
THR H2   H  N N 297 
THR HA   H  N N 298 
THR HB   H  N N 299 
THR HG1  H  N N 300 
THR HG21 H  N N 301 
THR HG22 H  N N 302 
THR HG23 H  N N 303 
THR HXT  H  N N 304 
TRP N    N  N N 305 
TRP CA   C  N S 306 
TRP C    C  N N 307 
TRP O    O  N N 308 
TRP CB   C  N N 309 
TRP CG   C  Y N 310 
TRP CD1  C  Y N 311 
TRP CD2  C  Y N 312 
TRP NE1  N  Y N 313 
TRP CE2  C  Y N 314 
TRP CE3  C  Y N 315 
TRP CZ2  C  Y N 316 
TRP CZ3  C  Y N 317 
TRP CH2  C  Y N 318 
TRP OXT  O  N N 319 
TRP H    H  N N 320 
TRP H2   H  N N 321 
TRP HA   H  N N 322 
TRP HB2  H  N N 323 
TRP HB3  H  N N 324 
TRP HD1  H  N N 325 
TRP HE1  H  N N 326 
TRP HE3  H  N N 327 
TRP HZ2  H  N N 328 
TRP HZ3  H  N N 329 
TRP HH2  H  N N 330 
TRP HXT  H  N N 331 
TYR N    N  N N 332 
TYR CA   C  N S 333 
TYR C    C  N N 334 
TYR O    O  N N 335 
TYR CB   C  N N 336 
TYR CG   C  Y N 337 
TYR CD1  C  Y N 338 
TYR CD2  C  Y N 339 
TYR CE1  C  Y N 340 
TYR CE2  C  Y N 341 
TYR CZ   C  Y N 342 
TYR OH   O  N N 343 
TYR OXT  O  N N 344 
TYR H    H  N N 345 
TYR H2   H  N N 346 
TYR HA   H  N N 347 
TYR HB2  H  N N 348 
TYR HB3  H  N N 349 
TYR HD1  H  N N 350 
TYR HD2  H  N N 351 
TYR HE1  H  N N 352 
TYR HE2  H  N N 353 
TYR HH   H  N N 354 
TYR HXT  H  N N 355 
VAL N    N  N N 356 
VAL CA   C  N S 357 
VAL C    C  N N 358 
VAL O    O  N N 359 
VAL CB   C  N N 360 
VAL CG1  C  N N 361 
VAL CG2  C  N N 362 
VAL OXT  O  N N 363 
VAL H    H  N N 364 
VAL H2   H  N N 365 
VAL HA   H  N N 366 
VAL HB   H  N N 367 
VAL HG11 H  N N 368 
VAL HG12 H  N N 369 
VAL HG13 H  N N 370 
VAL HG21 H  N N 371 
VAL HG22 H  N N 372 
VAL HG23 H  N N 373 
VAL HXT  H  N N 374 
# 
loop_
_chem_comp_bond.comp_id 
_chem_comp_bond.atom_id_1 
_chem_comp_bond.atom_id_2 
_chem_comp_bond.value_order 
_chem_comp_bond.pdbx_aromatic_flag 
_chem_comp_bond.pdbx_stereo_config 
_chem_comp_bond.pdbx_ordinal 
ALA N   CA   sing N N 1   
ALA N   H    sing N N 2   
ALA N   H2   sing N N 3   
ALA CA  C    sing N N 4   
ALA CA  CB   sing N N 5   
ALA CA  HA   sing N N 6   
ALA C   O    doub N N 7   
ALA C   OXT  sing N N 8   
ALA CB  HB1  sing N N 9   
ALA CB  HB2  sing N N 10  
ALA CB  HB3  sing N N 11  
ALA OXT HXT  sing N N 12  
ARG N   CA   sing N N 13  
ARG N   H    sing N N 14  
ARG N   H2   sing N N 15  
ARG CA  C    sing N N 16  
ARG CA  CB   sing N N 17  
ARG CA  HA   sing N N 18  
ARG C   O    doub N N 19  
ARG C   OXT  sing N N 20  
ARG CB  CG   sing N N 21  
ARG CB  HB2  sing N N 22  
ARG CB  HB3  sing N N 23  
ARG CG  CD   sing N N 24  
ARG CG  HG2  sing N N 25  
ARG CG  HG3  sing N N 26  
ARG CD  NE   sing N N 27  
ARG CD  HD2  sing N N 28  
ARG CD  HD3  sing N N 29  
ARG NE  CZ   sing N N 30  
ARG NE  HE   sing N N 31  
ARG CZ  NH1  sing N N 32  
ARG CZ  NH2  doub N N 33  
ARG NH1 HH11 sing N N 34  
ARG NH1 HH12 sing N N 35  
ARG NH2 HH21 sing N N 36  
ARG NH2 HH22 sing N N 37  
ARG OXT HXT  sing N N 38  
ASN N   CA   sing N N 39  
ASN N   H    sing N N 40  
ASN N   H2   sing N N 41  
ASN CA  C    sing N N 42  
ASN CA  CB   sing N N 43  
ASN CA  HA   sing N N 44  
ASN C   O    doub N N 45  
ASN C   OXT  sing N N 46  
ASN CB  CG   sing N N 47  
ASN CB  HB2  sing N N 48  
ASN CB  HB3  sing N N 49  
ASN CG  OD1  doub N N 50  
ASN CG  ND2  sing N N 51  
ASN ND2 HD21 sing N N 52  
ASN ND2 HD22 sing N N 53  
ASN OXT HXT  sing N N 54  
ASP N   CA   sing N N 55  
ASP N   H    sing N N 56  
ASP N   H2   sing N N 57  
ASP CA  C    sing N N 58  
ASP CA  CB   sing N N 59  
ASP CA  HA   sing N N 60  
ASP C   O    doub N N 61  
ASP C   OXT  sing N N 62  
ASP CB  CG   sing N N 63  
ASP CB  HB2  sing N N 64  
ASP CB  HB3  sing N N 65  
ASP CG  OD1  doub N N 66  
ASP CG  OD2  sing N N 67  
ASP OD2 HD2  sing N N 68  
ASP OXT HXT  sing N N 69  
CYS N   CA   sing N N 70  
CYS N   H    sing N N 71  
CYS N   H2   sing N N 72  
CYS CA  C    sing N N 73  
CYS CA  CB   sing N N 74  
CYS CA  HA   sing N N 75  
CYS C   O    doub N N 76  
CYS C   OXT  sing N N 77  
CYS CB  SG   sing N N 78  
CYS CB  HB2  sing N N 79  
CYS CB  HB3  sing N N 80  
CYS SG  HG   sing N N 81  
CYS OXT HXT  sing N N 82  
GLN N   CA   sing N N 83  
GLN N   H    sing N N 84  
GLN N   H2   sing N N 85  
GLN CA  C    sing N N 86  
GLN CA  CB   sing N N 87  
GLN CA  HA   sing N N 88  
GLN C   O    doub N N 89  
GLN C   OXT  sing N N 90  
GLN CB  CG   sing N N 91  
GLN CB  HB2  sing N N 92  
GLN CB  HB3  sing N N 93  
GLN CG  CD   sing N N 94  
GLN CG  HG2  sing N N 95  
GLN CG  HG3  sing N N 96  
GLN CD  OE1  doub N N 97  
GLN CD  NE2  sing N N 98  
GLN NE2 HE21 sing N N 99  
GLN NE2 HE22 sing N N 100 
GLN OXT HXT  sing N N 101 
GLU N   CA   sing N N 102 
GLU N   H    sing N N 103 
GLU N   H2   sing N N 104 
GLU CA  C    sing N N 105 
GLU CA  CB   sing N N 106 
GLU CA  HA   sing N N 107 
GLU C   O    doub N N 108 
GLU C   OXT  sing N N 109 
GLU CB  CG   sing N N 110 
GLU CB  HB2  sing N N 111 
GLU CB  HB3  sing N N 112 
GLU CG  CD   sing N N 113 
GLU CG  HG2  sing N N 114 
GLU CG  HG3  sing N N 115 
GLU CD  OE1  doub N N 116 
GLU CD  OE2  sing N N 117 
GLU OE2 HE2  sing N N 118 
GLU OXT HXT  sing N N 119 
GLY N   CA   sing N N 120 
GLY N   H    sing N N 121 
GLY N   H2   sing N N 122 
GLY CA  C    sing N N 123 
GLY CA  HA2  sing N N 124 
GLY CA  HA3  sing N N 125 
GLY C   O    doub N N 126 
GLY C   OXT  sing N N 127 
GLY OXT HXT  sing N N 128 
HIS N   CA   sing N N 129 
HIS N   H    sing N N 130 
HIS N   H2   sing N N 131 
HIS CA  C    sing N N 132 
HIS CA  CB   sing N N 133 
HIS CA  HA   sing N N 134 
HIS C   O    doub N N 135 
HIS C   OXT  sing N N 136 
HIS CB  CG   sing N N 137 
HIS CB  HB2  sing N N 138 
HIS CB  HB3  sing N N 139 
HIS CG  ND1  sing Y N 140 
HIS CG  CD2  doub Y N 141 
HIS ND1 CE1  doub Y N 142 
HIS ND1 HD1  sing N N 143 
HIS CD2 NE2  sing Y N 144 
HIS CD2 HD2  sing N N 145 
HIS CE1 NE2  sing Y N 146 
HIS CE1 HE1  sing N N 147 
HIS NE2 HE2  sing N N 148 
HIS OXT HXT  sing N N 149 
HOH O   H1   sing N N 150 
HOH O   H2   sing N N 151 
ILE N   CA   sing N N 152 
ILE N   H    sing N N 153 
ILE N   H2   sing N N 154 
ILE CA  C    sing N N 155 
ILE CA  CB   sing N N 156 
ILE CA  HA   sing N N 157 
ILE C   O    doub N N 158 
ILE C   OXT  sing N N 159 
ILE CB  CG1  sing N N 160 
ILE CB  CG2  sing N N 161 
ILE CB  HB   sing N N 162 
ILE CG1 CD1  sing N N 163 
ILE CG1 HG12 sing N N 164 
ILE CG1 HG13 sing N N 165 
ILE CG2 HG21 sing N N 166 
ILE CG2 HG22 sing N N 167 
ILE CG2 HG23 sing N N 168 
ILE CD1 HD11 sing N N 169 
ILE CD1 HD12 sing N N 170 
ILE CD1 HD13 sing N N 171 
ILE OXT HXT  sing N N 172 
LEU N   CA   sing N N 173 
LEU N   H    sing N N 174 
LEU N   H2   sing N N 175 
LEU CA  C    sing N N 176 
LEU CA  CB   sing N N 177 
LEU CA  HA   sing N N 178 
LEU C   O    doub N N 179 
LEU C   OXT  sing N N 180 
LEU CB  CG   sing N N 181 
LEU CB  HB2  sing N N 182 
LEU CB  HB3  sing N N 183 
LEU CG  CD1  sing N N 184 
LEU CG  CD2  sing N N 185 
LEU CG  HG   sing N N 186 
LEU CD1 HD11 sing N N 187 
LEU CD1 HD12 sing N N 188 
LEU CD1 HD13 sing N N 189 
LEU CD2 HD21 sing N N 190 
LEU CD2 HD22 sing N N 191 
LEU CD2 HD23 sing N N 192 
LEU OXT HXT  sing N N 193 
LYS N   CA   sing N N 194 
LYS N   H    sing N N 195 
LYS N   H2   sing N N 196 
LYS CA  C    sing N N 197 
LYS CA  CB   sing N N 198 
LYS CA  HA   sing N N 199 
LYS C   O    doub N N 200 
LYS C   OXT  sing N N 201 
LYS CB  CG   sing N N 202 
LYS CB  HB2  sing N N 203 
LYS CB  HB3  sing N N 204 
LYS CG  CD   sing N N 205 
LYS CG  HG2  sing N N 206 
LYS CG  HG3  sing N N 207 
LYS CD  CE   sing N N 208 
LYS CD  HD2  sing N N 209 
LYS CD  HD3  sing N N 210 
LYS CE  NZ   sing N N 211 
LYS CE  HE2  sing N N 212 
LYS CE  HE3  sing N N 213 
LYS NZ  HZ1  sing N N 214 
LYS NZ  HZ2  sing N N 215 
LYS NZ  HZ3  sing N N 216 
LYS OXT HXT  sing N N 217 
MET N   CA   sing N N 218 
MET N   H    sing N N 219 
MET N   H2   sing N N 220 
MET CA  C    sing N N 221 
MET CA  CB   sing N N 222 
MET CA  HA   sing N N 223 
MET C   O    doub N N 224 
MET C   OXT  sing N N 225 
MET CB  CG   sing N N 226 
MET CB  HB2  sing N N 227 
MET CB  HB3  sing N N 228 
MET CG  SD   sing N N 229 
MET CG  HG2  sing N N 230 
MET CG  HG3  sing N N 231 
MET SD  CE   sing N N 232 
MET CE  HE1  sing N N 233 
MET CE  HE2  sing N N 234 
MET CE  HE3  sing N N 235 
MET OXT HXT  sing N N 236 
PHE N   CA   sing N N 237 
PHE N   H    sing N N 238 
PHE N   H2   sing N N 239 
PHE CA  C    sing N N 240 
PHE CA  CB   sing N N 241 
PHE CA  HA   sing N N 242 
PHE C   O    doub N N 243 
PHE C   OXT  sing N N 244 
PHE CB  CG   sing N N 245 
PHE CB  HB2  sing N N 246 
PHE CB  HB3  sing N N 247 
PHE CG  CD1  doub Y N 248 
PHE CG  CD2  sing Y N 249 
PHE CD1 CE1  sing Y N 250 
PHE CD1 HD1  sing N N 251 
PHE CD2 CE2  doub Y N 252 
PHE CD2 HD2  sing N N 253 
PHE CE1 CZ   doub Y N 254 
PHE CE1 HE1  sing N N 255 
PHE CE2 CZ   sing Y N 256 
PHE CE2 HE2  sing N N 257 
PHE CZ  HZ   sing N N 258 
PHE OXT HXT  sing N N 259 
SER N   CA   sing N N 260 
SER N   H    sing N N 261 
SER N   H2   sing N N 262 
SER CA  C    sing N N 263 
SER CA  CB   sing N N 264 
SER CA  HA   sing N N 265 
SER C   O    doub N N 266 
SER C   OXT  sing N N 267 
SER CB  OG   sing N N 268 
SER CB  HB2  sing N N 269 
SER CB  HB3  sing N N 270 
SER OG  HG   sing N N 271 
SER OXT HXT  sing N N 272 
THR N   CA   sing N N 273 
THR N   H    sing N N 274 
THR N   H2   sing N N 275 
THR CA  C    sing N N 276 
THR CA  CB   sing N N 277 
THR CA  HA   sing N N 278 
THR C   O    doub N N 279 
THR C   OXT  sing N N 280 
THR CB  OG1  sing N N 281 
THR CB  CG2  sing N N 282 
THR CB  HB   sing N N 283 
THR OG1 HG1  sing N N 284 
THR CG2 HG21 sing N N 285 
THR CG2 HG22 sing N N 286 
THR CG2 HG23 sing N N 287 
THR OXT HXT  sing N N 288 
TRP N   CA   sing N N 289 
TRP N   H    sing N N 290 
TRP N   H2   sing N N 291 
TRP CA  C    sing N N 292 
TRP CA  CB   sing N N 293 
TRP CA  HA   sing N N 294 
TRP C   O    doub N N 295 
TRP C   OXT  sing N N 296 
TRP CB  CG   sing N N 297 
TRP CB  HB2  sing N N 298 
TRP CB  HB3  sing N N 299 
TRP CG  CD1  doub Y N 300 
TRP CG  CD2  sing Y N 301 
TRP CD1 NE1  sing Y N 302 
TRP CD1 HD1  sing N N 303 
TRP CD2 CE2  doub Y N 304 
TRP CD2 CE3  sing Y N 305 
TRP NE1 CE2  sing Y N 306 
TRP NE1 HE1  sing N N 307 
TRP CE2 CZ2  sing Y N 308 
TRP CE3 CZ3  doub Y N 309 
TRP CE3 HE3  sing N N 310 
TRP CZ2 CH2  doub Y N 311 
TRP CZ2 HZ2  sing N N 312 
TRP CZ3 CH2  sing Y N 313 
TRP CZ3 HZ3  sing N N 314 
TRP CH2 HH2  sing N N 315 
TRP OXT HXT  sing N N 316 
TYR N   CA   sing N N 317 
TYR N   H    sing N N 318 
TYR N   H2   sing N N 319 
TYR CA  C    sing N N 320 
TYR CA  CB   sing N N 321 
TYR CA  HA   sing N N 322 
TYR C   O    doub N N 323 
TYR C   OXT  sing N N 324 
TYR CB  CG   sing N N 325 
TYR CB  HB2  sing N N 326 
TYR CB  HB3  sing N N 327 
TYR CG  CD1  doub Y N 328 
TYR CG  CD2  sing Y N 329 
TYR CD1 CE1  sing Y N 330 
TYR CD1 HD1  sing N N 331 
TYR CD2 CE2  doub Y N 332 
TYR CD2 HD2  sing N N 333 
TYR CE1 CZ   doub Y N 334 
TYR CE1 HE1  sing N N 335 
TYR CE2 CZ   sing Y N 336 
TYR CE2 HE2  sing N N 337 
TYR CZ  OH   sing N N 338 
TYR OH  HH   sing N N 339 
TYR OXT HXT  sing N N 340 
VAL N   CA   sing N N 341 
VAL N   H    sing N N 342 
VAL N   H2   sing N N 343 
VAL CA  C    sing N N 344 
VAL CA  CB   sing N N 345 
VAL CA  HA   sing N N 346 
VAL C   O    doub N N 347 
VAL C   OXT  sing N N 348 
VAL CB  CG1  sing N N 349 
VAL CB  CG2  sing N N 350 
VAL CB  HB   sing N N 351 
VAL CG1 HG11 sing N N 352 
VAL CG1 HG12 sing N N 353 
VAL CG1 HG13 sing N N 354 
VAL CG2 HG21 sing N N 355 
VAL CG2 HG22 sing N N 356 
VAL CG2 HG23 sing N N 357 
VAL OXT HXT  sing N N 358 
# 
loop_
_pdbx_entity_nonpoly.entity_id 
_pdbx_entity_nonpoly.name 
_pdbx_entity_nonpoly.comp_id 
3 'CALCIUM ION' CA  
4 water         HOH 
# 
_pdbx_initial_refinement_model.id               1 
_pdbx_initial_refinement_model.entity_id_list   ? 
_pdbx_initial_refinement_model.type             'experimental model' 
_pdbx_initial_refinement_model.source_name      PDB 
_pdbx_initial_refinement_model.accession_code   3IQQ 
_pdbx_initial_refinement_model.details          'PDB ENTRY 3IQQ' 
# 
